data_4Q2U
#
_entry.id   4Q2U
#
_cell.length_a   176.540
_cell.length_b   120.920
_cell.length_c   120.830
_cell.angle_alpha   90.00
_cell.angle_beta   130.77
_cell.angle_gamma   90.00
#
_symmetry.space_group_name_H-M   'C 1 2 1'
#
loop_
_entity.id
_entity.type
_entity.pdbx_description
1 polymer 'Antitoxin DinJ'
2 polymer 'mRNA interferase YafQ'
3 non-polymer 'SULFATE ION'
4 water water
#
loop_
_entity_poly.entity_id
_entity_poly.type
_entity_poly.pdbx_seq_one_letter_code
_entity_poly.pdbx_strand_id
1 'polypeptide(L)'
;(MSE)AANAFVRARIDEDLKNQAADVLAG(MSE)GLTISDLVRITLTKVAREKALPFDLREPNQLTIQSIKNSEAGIDVH
KAKDADDLFDKLGI
;
A,C,E,G,I,K,M,O
2 'polypeptide(L)'
;(MSE)HHHHHHDLGTIQRDIEYSGQYSKDVKLAQKRHKD(MSE)NKLKYL(MSE)TLLINNTLPLPAVYKDHPLQGSWKG
YRDAHVEPDWILIYKLTDKLLRFERTGTHAALFG
;
B,D,F,H,J,L,N,P
#
# COMPACT_ATOMS: atom_id res chain seq x y z
N ALA A 3 28.23 -4.14 11.02
CA ALA A 3 28.61 -5.13 10.02
C ALA A 3 27.42 -5.79 9.29
N ASN A 4 26.64 -6.63 9.99
CA ASN A 4 25.42 -7.23 9.39
C ASN A 4 24.11 -6.56 9.81
N ALA A 5 23.43 -6.11 8.78
CA ALA A 5 22.16 -5.45 8.71
C ALA A 5 21.13 -6.41 8.07
N PHE A 6 19.86 -6.01 8.06
CA PHE A 6 18.85 -6.85 7.42
C PHE A 6 18.07 -5.95 6.48
N VAL A 7 17.71 -6.53 5.35
CA VAL A 7 16.70 -5.93 4.49
C VAL A 7 15.38 -6.55 4.89
N ARG A 8 14.36 -5.73 5.12
CA ARG A 8 13.03 -6.21 5.48
C ARG A 8 12.08 -5.50 4.53
N ALA A 9 11.32 -6.25 3.74
CA ALA A 9 10.43 -5.61 2.76
C ALA A 9 9.07 -6.27 2.79
N ARG A 10 8.01 -5.49 2.90
CA ARG A 10 6.63 -6.03 2.74
C ARG A 10 6.42 -6.56 1.35
N ILE A 11 5.72 -7.67 1.25
CA ILE A 11 5.53 -8.23 -0.09
C ILE A 11 4.25 -9.08 -0.13
N ASP A 12 3.61 -9.11 -1.28
CA ASP A 12 2.44 -9.99 -1.46
C ASP A 12 2.91 -11.44 -1.26
N GLU A 13 2.22 -12.23 -0.44
CA GLU A 13 2.70 -13.56 -0.12
C GLU A 13 2.74 -14.50 -1.36
N ASP A 14 1.75 -14.33 -2.23
CA ASP A 14 1.69 -15.14 -3.47
C ASP A 14 2.83 -14.81 -4.44
N LEU A 15 3.14 -13.53 -4.53
CA LEU A 15 4.29 -13.09 -5.34
C LEU A 15 5.56 -13.70 -4.75
N LYS A 16 5.70 -13.60 -3.43
CA LYS A 16 6.87 -14.16 -2.77
C LYS A 16 7.03 -15.66 -3.06
N ASN A 17 5.94 -16.42 -2.92
CA ASN A 17 6.01 -17.86 -3.19
C ASN A 17 6.39 -18.16 -4.62
N GLN A 18 5.78 -17.43 -5.55
CA GLN A 18 6.11 -17.69 -6.96
C GLN A 18 7.58 -17.36 -7.30
N ALA A 19 8.03 -16.21 -6.81
CA ALA A 19 9.41 -15.82 -7.06
C ALA A 19 10.39 -16.79 -6.45
N ALA A 20 10.09 -17.24 -5.24
CA ALA A 20 10.94 -18.23 -4.58
C ALA A 20 11.04 -19.52 -5.39
N ASP A 21 9.91 -19.95 -5.98
CA ASP A 21 9.91 -21.17 -6.82
C ASP A 21 10.79 -21.04 -8.06
N VAL A 22 10.63 -19.88 -8.72
CA VAL A 22 11.47 -19.59 -9.89
C VAL A 22 12.94 -19.64 -9.52
N LEU A 23 13.29 -18.93 -8.45
CA LEU A 23 14.69 -18.85 -8.01
C LEU A 23 15.27 -20.20 -7.54
N ALA A 24 14.43 -21.01 -6.88
CA ALA A 24 14.84 -22.30 -6.32
C ALA A 24 15.26 -23.19 -7.47
N GLY A 25 14.59 -23.07 -8.60
CA GLY A 25 15.09 -23.81 -9.77
C GLY A 25 16.52 -23.56 -10.23
N GLY A 27 18.90 -22.66 -7.99
CA GLY A 27 19.72 -22.72 -6.81
C GLY A 27 19.83 -21.45 -5.96
N LEU A 28 18.93 -20.49 -6.17
CA LEU A 28 18.99 -19.23 -5.43
C LEU A 28 17.83 -19.18 -4.44
N THR A 29 18.05 -18.48 -3.32
CA THR A 29 16.97 -18.08 -2.43
C THR A 29 16.58 -16.65 -2.74
N ILE A 30 15.44 -16.23 -2.21
CA ILE A 30 15.10 -14.81 -2.31
C ILE A 30 16.19 -13.91 -1.72
N SER A 31 16.73 -14.30 -0.57
CA SER A 31 17.77 -13.47 0.04
CA SER A 31 17.79 -13.52 0.07
C SER A 31 19.01 -13.39 -0.83
N ASP A 32 19.35 -14.48 -1.55
CA ASP A 32 20.47 -14.41 -2.50
C ASP A 32 20.19 -13.34 -3.57
N LEU A 33 18.99 -13.37 -4.11
CA LEU A 33 18.65 -12.40 -5.16
C LEU A 33 18.69 -10.95 -4.64
N VAL A 34 18.23 -10.76 -3.41
CA VAL A 34 18.29 -9.42 -2.80
C VAL A 34 19.76 -8.96 -2.69
N ARG A 35 20.62 -9.84 -2.18
CA ARG A 35 22.03 -9.45 -2.02
C ARG A 35 22.72 -9.17 -3.35
N ILE A 36 22.47 -10.03 -4.33
CA ILE A 36 23.09 -9.88 -5.67
C ILE A 36 22.64 -8.59 -6.34
N THR A 37 21.34 -8.30 -6.24
CA THR A 37 20.79 -7.12 -6.86
C THR A 37 21.32 -5.85 -6.18
N LEU A 38 21.31 -5.83 -4.85
CA LEU A 38 21.84 -4.67 -4.15
C LEU A 38 23.33 -4.47 -4.37
N THR A 39 24.08 -5.57 -4.52
CA THR A 39 25.52 -5.45 -4.79
C THR A 39 25.73 -4.75 -6.12
N LYS A 40 24.95 -5.19 -7.11
CA LYS A 40 25.01 -4.54 -8.42
C LYS A 40 24.65 -3.07 -8.35
N VAL A 41 23.56 -2.73 -7.66
CA VAL A 41 23.19 -1.33 -7.51
C VAL A 41 24.26 -0.49 -6.84
N ALA A 42 24.85 -1.02 -5.76
CA ALA A 42 25.88 -0.29 -5.02
C ALA A 42 27.13 -0.07 -5.88
N ARG A 43 27.52 -1.10 -6.63
CA ARG A 43 28.71 -0.99 -7.49
CA ARG A 43 28.70 -0.99 -7.49
C ARG A 43 28.51 -0.03 -8.67
N GLU A 44 27.39 -0.17 -9.36
CA GLU A 44 27.16 0.58 -10.59
C GLU A 44 26.51 1.92 -10.36
N LYS A 45 26.01 2.10 -9.15
CA LYS A 45 25.23 3.29 -8.79
C LYS A 45 24.08 3.49 -9.78
N ALA A 46 23.41 2.40 -10.14
CA ALA A 46 22.36 2.45 -11.17
C ALA A 46 21.51 1.20 -10.97
N LEU A 47 20.33 1.17 -11.57
CA LEU A 47 19.45 -0.03 -11.51
C LEU A 47 19.84 -1.07 -12.57
N PRO A 48 19.53 -2.35 -12.31
CA PRO A 48 19.55 -3.34 -13.40
C PRO A 48 18.62 -2.87 -14.53
N PHE A 49 18.88 -3.30 -15.76
CA PHE A 49 18.07 -2.94 -16.91
C PHE A 49 16.68 -3.56 -16.85
N ASP A 50 15.70 -2.88 -17.45
CA ASP A 50 14.44 -3.49 -17.85
C ASP A 50 13.55 -4.01 -16.72
N LEU A 51 13.64 -3.42 -15.53
CA LEU A 51 12.86 -3.92 -14.40
C LEU A 51 11.37 -3.68 -14.58
N ARG A 52 11.01 -2.62 -15.32
CA ARG A 52 9.61 -2.27 -15.50
C ARG A 52 9.29 -2.00 -16.97
N GLU A 53 8.05 -2.30 -17.39
CA GLU A 53 7.63 -1.93 -18.74
C GLU A 53 7.49 -0.39 -18.84
N PRO A 54 7.64 0.16 -20.06
CA PRO A 54 7.30 1.58 -20.26
C PRO A 54 5.88 1.85 -19.72
N ASN A 55 5.66 3.00 -19.11
CA ASN A 55 4.36 3.33 -18.55
C ASN A 55 3.37 3.80 -19.60
N GLN A 56 2.14 4.10 -19.18
CA GLN A 56 1.08 4.45 -20.12
C GLN A 56 1.41 5.67 -21.03
N LEU A 57 1.96 6.72 -20.45
CA LEU A 57 2.29 7.91 -21.22
C LEU A 57 3.39 7.59 -22.29
N THR A 58 4.39 6.80 -21.91
CA THR A 58 5.44 6.44 -22.86
C THR A 58 4.87 5.59 -23.99
N ILE A 59 4.04 4.61 -23.60
CA ILE A 59 3.42 3.76 -24.60
C ILE A 59 2.53 4.56 -25.56
N GLN A 60 1.81 5.53 -25.00
CA GLN A 60 0.91 6.34 -25.82
C GLN A 60 1.73 7.16 -26.80
N SER A 61 2.86 7.66 -26.33
CA SER A 61 3.72 8.40 -27.25
C SER A 61 4.22 7.47 -28.38
N ILE A 62 4.67 6.27 -28.04
CA ILE A 62 5.13 5.32 -29.07
C ILE A 62 3.99 4.98 -30.06
N LYS A 63 2.81 4.65 -29.55
CA LYS A 63 1.66 4.37 -30.44
C LYS A 63 1.30 5.54 -31.39
N ASN A 64 1.27 6.75 -30.80
CA ASN A 64 1.03 7.95 -31.65
C ASN A 64 2.06 8.09 -32.75
N SER A 65 3.35 8.04 -32.35
CA SER A 65 4.45 8.19 -33.30
C SER A 65 4.43 7.10 -34.39
N GLU A 66 4.17 5.86 -33.99
CA GLU A 66 4.09 4.79 -34.97
C GLU A 66 2.98 5.00 -35.98
N ALA A 67 1.91 5.65 -35.55
CA ALA A 67 0.81 5.94 -36.47
C ALA A 67 1.03 7.23 -37.27
N GLY A 68 2.12 7.96 -37.00
CA GLY A 68 2.41 9.21 -37.66
C GLY A 68 1.75 10.42 -37.02
N ILE A 69 1.24 10.24 -35.82
CA ILE A 69 0.55 11.33 -35.11
C ILE A 69 1.52 12.13 -34.20
N ASP A 70 1.53 13.45 -34.36
CA ASP A 70 2.34 14.36 -33.51
C ASP A 70 3.86 14.09 -33.63
N VAL A 71 4.29 13.79 -34.85
CA VAL A 71 5.70 13.55 -35.15
C VAL A 71 6.24 14.76 -35.95
N HIS A 72 7.46 15.16 -35.68
CA HIS A 72 8.04 16.36 -36.31
C HIS A 72 9.38 16.04 -36.94
N LYS A 73 9.70 16.67 -38.07
CA LYS A 73 10.97 16.39 -38.74
C LYS A 73 12.04 17.44 -38.39
N ALA A 74 13.30 17.05 -38.51
CA ALA A 74 14.41 18.01 -38.41
C ALA A 74 15.46 17.68 -39.48
N LYS A 75 16.15 18.71 -39.96
CA LYS A 75 17.11 18.52 -41.05
C LYS A 75 18.48 18.04 -40.55
N ASP A 76 18.86 18.44 -39.35
CA ASP A 76 20.15 18.10 -38.76
C ASP A 76 20.11 18.52 -37.31
N ALA A 77 21.22 18.34 -36.59
CA ALA A 77 21.27 18.63 -35.18
C ALA A 77 20.91 20.08 -34.85
N ASP A 78 21.48 21.03 -35.58
CA ASP A 78 21.22 22.43 -35.28
C ASP A 78 19.74 22.79 -35.44
N ASP A 79 19.15 22.31 -36.52
CA ASP A 79 17.74 22.51 -36.79
C ASP A 79 16.88 21.87 -35.68
N LEU A 80 17.27 20.68 -35.29
CA LEU A 80 16.57 19.94 -34.22
C LEU A 80 16.61 20.68 -32.88
N PHE A 81 17.81 21.12 -32.47
CA PHE A 81 17.94 21.80 -31.19
C PHE A 81 17.18 23.10 -31.24
N ASP A 82 17.22 23.77 -32.39
CA ASP A 82 16.45 25.01 -32.54
C ASP A 82 14.94 24.78 -32.38
N LYS A 83 14.42 23.75 -33.04
CA LYS A 83 12.99 23.46 -32.95
C LYS A 83 12.61 23.06 -31.54
N LEU A 84 13.52 22.41 -30.82
CA LEU A 84 13.23 22.01 -29.45
C LEU A 84 13.44 23.11 -28.41
N GLY A 85 14.08 24.20 -28.81
CA GLY A 85 14.36 25.29 -27.90
C GLY A 85 15.44 24.95 -26.91
N ILE A 86 16.40 24.09 -27.30
CA ILE A 86 17.55 23.77 -26.43
C ILE A 86 18.90 24.03 -27.11
N GLN B 13 22.29 8.72 -44.68
CA GLN B 13 21.85 9.45 -43.49
C GLN B 13 20.40 9.16 -43.08
N ARG B 14 20.22 8.86 -41.80
CA ARG B 14 18.89 8.57 -41.30
C ARG B 14 18.07 9.85 -41.29
N ASP B 15 16.80 9.75 -41.63
CA ASP B 15 15.88 10.85 -41.38
C ASP B 15 15.71 11.08 -39.88
N ILE B 16 15.63 12.33 -39.45
CA ILE B 16 15.53 12.67 -38.02
C ILE B 16 14.12 13.16 -37.66
N GLU B 17 13.55 12.56 -36.61
CA GLU B 17 12.23 12.92 -36.11
C GLU B 17 12.22 13.11 -34.63
N TYR B 18 11.25 13.85 -34.12
CA TYR B 18 10.97 13.82 -32.70
C TYR B 18 9.48 13.87 -32.44
N SER B 19 9.08 13.28 -31.32
CA SER B 19 7.64 13.25 -30.99
C SER B 19 7.21 14.51 -30.26
N GLY B 20 5.89 14.79 -30.24
CA GLY B 20 5.38 15.90 -29.43
C GLY B 20 5.72 15.72 -27.95
N GLN B 21 5.61 14.48 -27.50
CA GLN B 21 5.93 14.16 -26.11
C GLN B 21 7.42 14.50 -25.84
N TYR B 22 8.29 14.21 -26.82
CA TYR B 22 9.71 14.53 -26.67
C TYR B 22 9.92 16.04 -26.40
N SER B 23 9.20 16.88 -27.14
CA SER B 23 9.33 18.31 -26.93
C SER B 23 8.90 18.73 -25.52
N LYS B 24 7.78 18.15 -25.04
CA LYS B 24 7.41 18.45 -23.64
C LYS B 24 8.49 17.97 -22.61
N ASP B 25 9.03 16.77 -22.83
CA ASP B 25 10.01 16.19 -21.91
C ASP B 25 11.29 17.04 -21.87
N VAL B 26 11.76 17.54 -23.03
CA VAL B 26 12.98 18.37 -23.00
C VAL B 26 12.68 19.68 -22.29
N LYS B 27 11.48 20.25 -22.52
CA LYS B 27 11.16 21.50 -21.79
C LYS B 27 11.14 21.31 -20.27
N LEU B 28 10.58 20.20 -19.83
CA LEU B 28 10.62 19.87 -18.41
C LEU B 28 12.03 19.70 -17.89
N ALA B 29 12.87 18.97 -18.63
CA ALA B 29 14.28 18.84 -18.19
C ALA B 29 14.96 20.19 -18.02
N GLN B 30 14.70 21.06 -18.99
CA GLN B 30 15.25 22.41 -18.97
C GLN B 30 14.81 23.14 -17.71
N LYS B 31 13.50 23.07 -17.43
CA LYS B 31 12.93 23.69 -16.24
C LYS B 31 13.50 23.13 -14.93
N ARG B 32 13.85 21.86 -14.92
CA ARG B 32 14.43 21.21 -13.74
CA ARG B 32 14.42 21.20 -13.74
C ARG B 32 15.93 21.43 -13.63
N HIS B 33 16.46 22.34 -14.46
CA HIS B 33 17.91 22.67 -14.49
C HIS B 33 18.82 21.48 -14.76
N LYS B 34 18.36 20.53 -15.57
CA LYS B 34 19.24 19.46 -15.98
C LYS B 34 20.34 19.98 -16.90
N ASP B 35 21.47 19.29 -16.95
CA ASP B 35 22.59 19.73 -17.82
C ASP B 35 22.29 19.30 -19.26
N ASN B 37 23.66 19.87 -22.07
CA ASN B 37 24.77 19.35 -22.87
C ASN B 37 24.93 17.82 -22.83
N LYS B 38 24.57 17.17 -21.73
CA LYS B 38 24.72 15.73 -21.68
C LYS B 38 23.75 15.06 -22.70
N LEU B 39 22.53 15.58 -22.69
CA LEU B 39 21.50 15.06 -23.61
C LEU B 39 21.82 15.44 -25.06
N LYS B 40 22.16 16.70 -25.31
CA LYS B 40 22.50 17.15 -26.66
C LYS B 40 23.68 16.39 -27.22
N TYR B 41 24.70 16.14 -26.41
CA TYR B 41 25.84 15.38 -26.93
C TYR B 41 25.43 13.98 -27.34
N LEU B 42 24.65 13.32 -26.47
CA LEU B 42 24.16 12.00 -26.89
C LEU B 42 23.31 12.04 -28.21
N THR B 44 23.56 14.14 -30.62
CA THR B 44 24.49 14.28 -31.71
C THR B 44 25.19 12.98 -32.09
N LEU B 45 25.60 12.18 -31.09
CA LEU B 45 26.18 10.87 -31.42
C LEU B 45 25.24 10.00 -32.25
N LEU B 46 23.98 9.98 -31.85
CA LEU B 46 23.00 9.17 -32.62
C LEU B 46 22.81 9.73 -34.02
N ILE B 47 22.67 11.04 -34.13
CA ILE B 47 22.52 11.67 -35.43
C ILE B 47 23.73 11.37 -36.32
N ASN B 48 24.92 11.32 -35.71
CA ASN B 48 26.15 11.09 -36.46
C ASN B 48 26.43 9.64 -36.73
N ASN B 49 25.48 8.76 -36.46
CA ASN B 49 25.66 7.33 -36.69
C ASN B 49 26.83 6.69 -35.94
N THR B 50 26.97 7.11 -34.69
CA THR B 50 27.98 6.54 -33.81
C THR B 50 27.56 5.27 -33.12
N LEU B 51 27.54 4.17 -33.85
CA LEU B 51 26.98 2.96 -33.29
C LEU B 51 27.98 1.82 -33.40
N PRO B 52 28.06 0.98 -32.36
CA PRO B 52 27.30 1.11 -31.11
C PRO B 52 27.74 2.36 -30.30
N LEU B 53 26.86 2.87 -29.45
CA LEU B 53 27.22 4.00 -28.61
C LEU B 53 28.32 3.64 -27.64
N PRO B 54 29.09 4.65 -27.20
CA PRO B 54 30.04 4.40 -26.11
C PRO B 54 29.38 3.67 -24.94
N ALA B 55 30.13 2.80 -24.29
CA ALA B 55 29.64 1.91 -23.23
C ALA B 55 29.01 2.67 -22.05
N VAL B 56 29.49 3.88 -21.78
CA VAL B 56 28.99 4.66 -20.64
C VAL B 56 27.48 4.93 -20.72
N TYR B 57 26.93 4.94 -21.94
CA TYR B 57 25.49 5.17 -22.14
C TYR B 57 24.60 3.96 -21.83
N LYS B 58 25.20 2.79 -21.62
CA LYS B 58 24.42 1.58 -21.21
C LYS B 58 23.22 1.38 -22.15
N ASP B 59 23.46 1.58 -23.41
CA ASP B 59 22.40 1.54 -24.40
C ASP B 59 21.87 0.11 -24.60
N HIS B 60 20.54 -0.05 -24.67
CA HIS B 60 19.95 -1.38 -24.80
C HIS B 60 18.58 -1.28 -25.41
N PRO B 61 18.08 -2.42 -26.00
CA PRO B 61 16.69 -2.39 -26.50
C PRO B 61 15.70 -2.08 -25.35
N LEU B 62 14.66 -1.29 -25.67
CA LEU B 62 13.62 -0.94 -24.69
C LEU B 62 12.87 -2.18 -24.28
N GLN B 63 12.59 -2.29 -22.99
CA GLN B 63 11.80 -3.42 -22.44
C GLN B 63 10.44 -3.50 -23.15
N GLY B 64 10.05 -4.70 -23.57
CA GLY B 64 8.75 -4.86 -24.21
C GLY B 64 8.93 -5.26 -25.68
N SER B 65 7.88 -5.14 -26.47
CA SER B 65 7.97 -5.60 -27.86
C SER B 65 7.79 -4.42 -28.80
N TRP B 66 8.55 -3.36 -28.59
CA TRP B 66 8.43 -2.19 -29.45
C TRP B 66 9.56 -2.16 -30.43
N LYS B 67 9.30 -2.56 -31.66
CA LYS B 67 10.37 -2.78 -32.63
C LYS B 67 11.25 -1.55 -32.94
N GLY B 68 12.57 -1.76 -32.80
CA GLY B 68 13.52 -0.71 -33.10
C GLY B 68 13.71 0.29 -31.95
N TYR B 69 12.92 0.19 -30.88
CA TYR B 69 13.07 1.14 -29.79
C TYR B 69 14.19 0.76 -28.84
N ARG B 70 14.94 1.77 -28.44
CA ARG B 70 16.11 1.59 -27.57
C ARG B 70 16.08 2.60 -26.42
N ASP B 71 16.96 2.38 -25.43
CA ASP B 71 16.93 3.09 -24.14
C ASP B 71 18.41 3.33 -23.83
N ALA B 72 18.80 4.61 -23.74
CA ALA B 72 20.18 4.98 -23.37
C ALA B 72 20.10 5.84 -22.13
N HIS B 73 21.16 5.77 -21.31
CA HIS B 73 21.22 6.49 -20.04
C HIS B 73 22.18 7.67 -20.17
N VAL B 74 21.61 8.86 -20.13
CA VAL B 74 22.35 10.10 -20.06
C VAL B 74 23.00 10.17 -18.68
N GLU B 75 22.22 9.77 -17.67
CA GLU B 75 22.70 9.61 -16.28
C GLU B 75 21.99 8.36 -15.75
N PRO B 76 22.40 7.84 -14.57
CA PRO B 76 21.72 6.65 -14.07
C PRO B 76 20.21 6.85 -13.93
N ASP B 77 19.74 8.07 -13.66
CA ASP B 77 18.28 8.28 -13.63
C ASP B 77 17.85 9.33 -14.66
N TRP B 78 18.53 9.37 -15.80
CA TRP B 78 18.07 10.20 -16.92
C TRP B 78 18.19 9.37 -18.20
N ILE B 79 17.03 8.97 -18.72
CA ILE B 79 16.92 8.00 -19.81
C ILE B 79 16.49 8.73 -21.05
N LEU B 80 17.00 8.30 -22.21
CA LEU B 80 16.52 8.72 -23.50
C LEU B 80 15.90 7.50 -24.19
N ILE B 81 14.65 7.61 -24.59
CA ILE B 81 14.03 6.54 -25.40
C ILE B 81 13.93 7.01 -26.86
N TYR B 82 14.43 6.18 -27.78
CA TYR B 82 14.46 6.56 -29.19
C TYR B 82 14.24 5.33 -30.08
N LYS B 83 13.79 5.55 -31.29
CA LYS B 83 13.65 4.45 -32.25
C LYS B 83 14.74 4.63 -33.29
N LEU B 84 15.37 3.54 -33.67
CA LEU B 84 16.47 3.56 -34.60
C LEU B 84 16.30 2.44 -35.63
N THR B 85 16.15 2.79 -36.90
CA THR B 85 16.15 1.78 -37.96
C THR B 85 17.16 2.24 -39.00
N ASP B 86 17.36 1.47 -40.07
CA ASP B 86 18.31 1.88 -41.10
C ASP B 86 17.94 3.23 -41.71
N LYS B 87 16.65 3.57 -41.73
CA LYS B 87 16.20 4.80 -42.39
C LYS B 87 15.81 5.94 -41.45
N LEU B 88 15.65 5.64 -40.17
CA LEU B 88 14.99 6.58 -39.27
C LEU B 88 15.64 6.65 -37.89
N LEU B 89 15.75 7.85 -37.36
CA LEU B 89 16.10 8.08 -35.95
C LEU B 89 15.01 8.97 -35.36
N ARG B 90 14.27 8.47 -34.39
CA ARG B 90 13.23 9.27 -33.75
C ARG B 90 13.43 9.38 -32.27
N PHE B 91 13.50 10.61 -31.79
CA PHE B 91 13.58 10.88 -30.35
C PHE B 91 12.19 10.85 -29.75
N GLU B 92 11.94 9.92 -28.83
CA GLU B 92 10.57 9.60 -28.39
C GLU B 92 10.23 10.20 -27.03
N ARG B 93 11.06 9.91 -25.99
CA ARG B 93 10.85 10.47 -24.65
C ARG B 93 12.17 10.62 -23.94
N THR B 94 12.17 11.49 -22.92
CA THR B 94 13.32 11.56 -22.02
C THR B 94 12.84 11.96 -20.65
N GLY B 95 13.48 11.43 -19.62
CA GLY B 95 13.14 11.80 -18.26
C GLY B 95 13.67 10.78 -17.28
N THR B 96 13.21 10.86 -16.03
CA THR B 96 13.61 9.89 -15.00
C THR B 96 12.91 8.53 -15.22
N HIS B 97 13.40 7.50 -14.52
CA HIS B 97 12.68 6.22 -14.49
C HIS B 97 11.26 6.43 -14.02
N ALA B 98 11.04 7.24 -13.00
CA ALA B 98 9.68 7.47 -12.52
C ALA B 98 8.81 8.08 -13.66
N ALA B 99 9.34 9.06 -14.40
CA ALA B 99 8.53 9.67 -15.46
C ALA B 99 8.21 8.72 -16.67
N LEU B 100 9.13 7.82 -16.99
CA LEU B 100 9.02 6.99 -18.18
C LEU B 100 8.49 5.60 -17.94
N PHE B 101 8.76 5.06 -16.76
CA PHE B 101 8.43 3.67 -16.39
C PHE B 101 7.54 3.57 -15.15
N GLY B 102 7.43 4.66 -14.39
CA GLY B 102 6.73 4.61 -13.11
C GLY B 102 5.26 5.00 -13.18
N ALA C 3 -35.90 17.30 62.53
CA ALA C 3 -36.11 17.71 61.15
C ALA C 3 -34.83 17.99 60.35
N ASN C 4 -34.16 19.10 60.69
CA ASN C 4 -32.87 19.45 60.08
C ASN C 4 -31.66 19.12 60.97
N ALA C 5 -30.79 18.30 60.39
CA ALA C 5 -29.52 17.74 60.86
C ALA C 5 -28.30 18.38 60.11
N PHE C 6 -27.08 18.03 60.52
CA PHE C 6 -25.90 18.58 59.84
C PHE C 6 -24.99 17.46 59.45
N VAL C 7 -24.39 17.62 58.28
CA VAL C 7 -23.24 16.83 57.88
C VAL C 7 -21.99 17.62 58.28
N ARG C 8 -21.04 16.99 58.96
CA ARG C 8 -19.81 17.68 59.34
C ARG C 8 -18.69 16.75 58.90
N ALA C 9 -17.79 17.18 58.03
CA ALA C 9 -16.76 16.26 57.56
C ALA C 9 -15.42 16.97 57.60
N ARG C 10 -14.45 16.31 58.21
CA ARG C 10 -13.06 16.81 58.19
C ARG C 10 -12.54 16.81 56.76
N ILE C 11 -11.80 17.86 56.38
CA ILE C 11 -11.31 17.95 55.01
C ILE C 11 -10.06 18.81 54.94
N ASP C 12 -9.19 18.52 53.99
CA ASP C 12 -8.02 19.38 53.76
C ASP C 12 -8.53 20.78 53.33
N GLU C 13 -8.01 21.85 53.96
CA GLU C 13 -8.55 23.19 53.69
C GLU C 13 -8.34 23.65 52.22
N ASP C 14 -7.20 23.27 51.65
CA ASP C 14 -6.90 23.63 50.26
C ASP C 14 -7.81 22.91 49.22
N LEU C 15 -8.11 21.64 49.48
CA LEU C 15 -9.06 20.88 48.67
C LEU C 15 -10.42 21.54 48.77
N LYS C 16 -10.84 21.87 49.99
CA LYS C 16 -12.12 22.54 50.23
C LYS C 16 -12.23 23.83 49.44
N ASN C 17 -11.18 24.65 49.52
CA ASN C 17 -11.20 25.90 48.77
C ASN C 17 -11.29 25.70 47.26
N GLN C 18 -10.50 24.75 46.75
CA GLN C 18 -10.52 24.50 45.31
C GLN C 18 -11.89 23.97 44.81
N ALA C 19 -12.45 23.02 45.56
CA ALA C 19 -13.78 22.47 45.18
C ALA C 19 -14.81 23.57 45.26
N ALA C 20 -14.73 24.41 46.31
CA ALA C 20 -15.67 25.55 46.41
C ALA C 20 -15.55 26.49 45.21
N ASP C 21 -14.33 26.75 44.74
CA ASP C 21 -14.18 27.61 43.54
C ASP C 21 -14.82 26.99 42.25
N VAL C 22 -14.53 25.69 42.09
CA VAL C 22 -15.13 24.98 40.95
C VAL C 22 -16.66 25.08 41.01
N LEU C 23 -17.21 24.74 42.18
CA LEU C 23 -18.68 24.74 42.33
C LEU C 23 -19.31 26.15 42.18
N ALA C 24 -18.60 27.16 42.68
CA ALA C 24 -19.11 28.54 42.63
C ALA C 24 -19.25 28.94 41.16
N GLY C 25 -18.34 28.48 40.29
CA GLY C 25 -18.54 28.76 38.86
C GLY C 25 -19.86 28.29 38.25
N GLY C 27 -22.72 28.08 40.15
CA GLY C 27 -23.77 28.53 41.04
C GLY C 27 -24.06 27.63 42.22
N LEU C 28 -23.15 26.70 42.54
CA LEU C 28 -23.37 25.77 43.67
C LEU C 28 -22.46 26.10 44.83
N THR C 29 -22.94 25.82 46.03
CA THR C 29 -22.06 25.80 47.21
C THR C 29 -21.63 24.35 47.53
N ILE C 30 -20.63 24.20 48.40
CA ILE C 30 -20.29 22.85 48.88
C ILE C 30 -21.51 22.17 49.53
N SER C 31 -22.27 22.91 50.33
CA SER C 31 -23.41 22.30 50.98
C SER C 31 -24.46 21.85 49.97
N ASP C 32 -24.64 22.58 48.85
CA ASP C 32 -25.53 22.13 47.79
C ASP C 32 -25.04 20.79 47.22
N LEU C 33 -23.74 20.68 46.96
CA LEU C 33 -23.19 19.46 46.39
C LEU C 33 -23.38 18.29 47.36
N VAL C 34 -23.20 18.54 48.64
CA VAL C 34 -23.43 17.50 49.64
C VAL C 34 -24.91 17.03 49.63
N ARG C 35 -25.83 17.98 49.63
CA ARG C 35 -27.23 17.59 49.64
C ARG C 35 -27.65 16.83 48.37
N ILE C 36 -27.17 17.33 47.24
CA ILE C 36 -27.55 16.73 45.95
C ILE C 36 -27.01 15.29 45.88
N THR C 37 -25.76 15.14 46.33
CA THR C 37 -25.12 13.84 46.27
C THR C 37 -25.79 12.85 47.24
N LEU C 38 -26.06 13.30 48.45
CA LEU C 38 -26.73 12.40 49.41
C LEU C 38 -28.15 12.04 48.97
N THR C 39 -28.83 12.97 48.32
CA THR C 39 -30.16 12.69 47.82
C THR C 39 -30.10 11.57 46.78
N LYS C 40 -29.13 11.69 45.89
CA LYS C 40 -28.95 10.62 44.92
C LYS C 40 -28.63 9.25 45.55
N VAL C 41 -27.71 9.26 46.51
CA VAL C 41 -27.38 8.01 47.20
C VAL C 41 -28.61 7.37 47.89
N ALA C 42 -29.40 8.19 48.59
CA ALA C 42 -30.58 7.69 49.30
C ALA C 42 -31.62 7.17 48.32
N ARG C 43 -31.85 7.87 47.20
CA ARG C 43 -32.86 7.43 46.23
CA ARG C 43 -32.84 7.46 46.19
C ARG C 43 -32.45 6.14 45.54
N GLU C 44 -31.21 6.07 45.10
CA GLU C 44 -30.70 4.93 44.30
C GLU C 44 -30.12 3.78 45.08
N LYS C 45 -29.88 4.02 46.37
CA LYS C 45 -29.20 3.05 47.22
C LYS C 45 -27.88 2.59 46.63
N ALA C 46 -27.10 3.52 46.09
CA ALA C 46 -25.88 3.17 45.40
C ALA C 46 -25.03 4.44 45.33
N LEU C 47 -23.76 4.31 45.02
CA LEU C 47 -22.92 5.50 44.85
C LEU C 47 -23.05 6.10 43.45
N PRO C 48 -22.81 7.42 43.32
CA PRO C 48 -22.60 7.96 41.96
C PRO C 48 -21.47 7.19 41.23
N PHE C 49 -21.50 7.18 39.90
CA PHE C 49 -20.44 6.51 39.11
C PHE C 49 -19.11 7.21 39.22
N ASP C 50 -18.04 6.42 39.09
CA ASP C 50 -16.70 7.00 38.73
C ASP C 50 -16.10 7.94 39.76
N LEU C 51 -16.43 7.74 41.04
CA LEU C 51 -15.92 8.69 42.05
C LEU C 51 -14.42 8.53 42.22
N ARG C 52 -13.90 7.34 41.97
CA ARG C 52 -12.46 7.05 42.15
C ARG C 52 -11.83 6.33 40.95
N GLU C 53 -10.53 6.55 40.72
CA GLU C 53 -9.75 5.74 39.76
CA GLU C 53 -9.83 5.74 39.73
C GLU C 53 -9.65 4.30 40.24
N PRO C 54 -9.55 3.34 39.31
CA PRO C 54 -9.13 2.00 39.75
C PRO C 54 -7.85 2.11 40.57
N ASN C 55 -7.73 1.28 41.60
CA ASN C 55 -6.59 1.29 42.50
C ASN C 55 -5.37 0.58 41.94
N GLN C 56 -4.30 0.56 42.69
CA GLN C 56 -3.05 0.00 42.17
C GLN C 56 -3.14 -1.46 41.71
N LEU C 57 -3.80 -2.30 42.49
CA LEU C 57 -3.93 -3.72 42.15
C LEU C 57 -4.75 -3.92 40.86
N THR C 58 -5.81 -3.13 40.72
CA THR C 58 -6.64 -3.24 39.51
C THR C 58 -5.87 -2.79 38.27
N ILE C 59 -5.17 -1.68 38.40
CA ILE C 59 -4.36 -1.18 37.28
C ILE C 59 -3.27 -2.18 36.92
N GLN C 60 -2.68 -2.80 37.91
CA GLN C 60 -1.63 -3.78 37.63
C GLN C 60 -2.23 -4.98 36.88
N SER C 61 -3.43 -5.39 37.27
CA SER C 61 -4.06 -6.50 36.53
C SER C 61 -4.29 -6.07 35.09
N ILE C 62 -4.82 -4.86 34.89
CA ILE C 62 -5.04 -4.38 33.53
C ILE C 62 -3.75 -4.31 32.69
N LYS C 63 -2.69 -3.73 33.25
CA LYS C 63 -1.39 -3.64 32.54
C LYS C 63 -0.83 -5.03 32.18
N ASN C 64 -0.88 -5.96 33.15
CA ASN C 64 -0.47 -7.34 32.88
C ASN C 64 -1.30 -7.95 31.71
N SER C 65 -2.62 -7.86 31.82
CA SER C 65 -3.52 -8.45 30.79
C SER C 65 -3.27 -7.84 29.42
N GLU C 66 -3.11 -6.52 29.39
CA GLU C 66 -2.82 -5.85 28.13
C GLU C 66 -1.51 -6.34 27.52
N ALA C 67 -0.55 -6.71 28.37
CA ALA C 67 0.71 -7.24 27.83
C ALA C 67 0.66 -8.76 27.52
N GLY C 68 -0.47 -9.39 27.82
CA GLY C 68 -0.64 -10.82 27.59
C GLY C 68 -0.12 -11.65 28.75
N ILE C 69 0.16 -11.03 29.90
CA ILE C 69 0.70 -11.76 31.05
C ILE C 69 -0.41 -12.25 31.96
N ASP C 70 -0.37 -13.56 32.27
CA ASP C 70 -1.33 -14.17 33.21
C ASP C 70 -2.77 -14.05 32.70
N VAL C 71 -2.93 -14.22 31.40
CA VAL C 71 -4.24 -14.20 30.77
C VAL C 71 -4.59 -15.62 30.39
N HIS C 72 -5.85 -16.03 30.57
CA HIS C 72 -6.28 -17.41 30.33
C HIS C 72 -7.48 -17.45 29.40
N LYS C 73 -7.55 -18.45 28.54
CA LYS C 73 -8.65 -18.54 27.58
C LYS C 73 -9.74 -19.53 28.05
N ALA C 74 -10.95 -19.31 27.55
CA ALA C 74 -12.04 -20.29 27.73
C ALA C 74 -12.86 -20.37 26.46
N LYS C 75 -13.41 -21.56 26.22
CA LYS C 75 -14.14 -21.84 24.99
C LYS C 75 -15.58 -21.36 25.04
N ASP C 76 -16.19 -21.34 26.22
CA ASP C 76 -17.57 -20.92 26.37
C ASP C 76 -17.86 -20.78 27.84
N ALA C 77 -19.10 -20.44 28.20
CA ALA C 77 -19.45 -20.21 29.61
C ALA C 77 -19.19 -21.40 30.49
N ASP C 78 -19.59 -22.59 30.04
CA ASP C 78 -19.40 -23.80 30.85
C ASP C 78 -17.93 -24.09 31.13
N ASP C 79 -17.10 -23.96 30.10
CA ASP C 79 -15.65 -24.14 30.21
C ASP C 79 -15.02 -23.12 31.18
N LEU C 80 -15.48 -21.89 31.05
CA LEU C 80 -15.02 -20.78 31.91
C LEU C 80 -15.37 -21.04 33.38
N PHE C 81 -16.64 -21.41 33.66
CA PHE C 81 -17.05 -21.64 35.02
C PHE C 81 -16.26 -22.80 35.59
N ASP C 82 -16.01 -23.83 34.77
CA ASP C 82 -15.18 -24.94 35.21
C ASP C 82 -13.75 -24.53 35.60
N LYS C 83 -13.12 -23.74 34.74
CA LYS C 83 -11.75 -23.29 34.99
C LYS C 83 -11.68 -22.37 36.21
N LEU C 84 -12.75 -21.61 36.45
CA LEU C 84 -12.76 -20.72 37.62
C LEU C 84 -13.15 -21.44 38.90
N GLY C 85 -13.63 -22.67 38.77
CA GLY C 85 -14.06 -23.40 39.96
C GLY C 85 -15.34 -22.90 40.57
N ILE C 86 -16.23 -22.36 39.75
CA ILE C 86 -17.53 -21.91 40.22
C ILE C 86 -18.71 -22.56 39.46
N GLN D 13 -18.99 -15.71 19.69
CA GLN D 13 -18.27 -14.92 18.69
C GLN D 13 -17.03 -14.25 19.26
N ARG D 14 -17.15 -13.45 20.33
CA ARG D 14 -15.94 -12.83 20.87
C ARG D 14 -15.11 -13.91 21.52
N ASP D 15 -13.78 -13.85 21.39
CA ASP D 15 -12.92 -14.72 22.22
C ASP D 15 -13.07 -14.39 23.69
N ILE D 16 -13.07 -15.42 24.53
CA ILE D 16 -13.27 -15.25 25.97
C ILE D 16 -11.98 -15.43 26.73
N GLU D 17 -11.66 -14.44 27.59
CA GLU D 17 -10.45 -14.50 28.41
C GLU D 17 -10.75 -14.17 29.85
N TYR D 18 -9.90 -14.59 30.77
CA TYR D 18 -9.96 -14.05 32.12
C TYR D 18 -8.53 -13.88 32.63
N SER D 19 -8.34 -12.90 33.53
CA SER D 19 -7.01 -12.61 34.09
C SER D 19 -6.73 -13.48 35.30
N GLY D 20 -5.44 -13.60 35.66
CA GLY D 20 -5.06 -14.29 36.89
C GLY D 20 -5.71 -13.63 38.11
N GLN D 21 -5.74 -12.30 38.11
CA GLN D 21 -6.37 -11.60 39.22
C GLN D 21 -7.86 -11.97 39.31
N TYR D 22 -8.51 -12.08 38.15
CA TYR D 22 -9.94 -12.44 38.16
C TYR D 22 -10.18 -13.78 38.86
N SER D 23 -9.36 -14.78 38.59
CA SER D 23 -9.55 -16.10 39.26
C SER D 23 -9.37 -15.93 40.78
N LYS D 24 -8.38 -15.14 41.20
CA LYS D 24 -8.25 -14.87 42.64
C LYS D 24 -9.50 -14.18 43.26
N ASP D 25 -10.03 -13.19 42.54
CA ASP D 25 -11.18 -12.41 43.01
C ASP D 25 -12.43 -13.32 43.13
N VAL D 26 -12.57 -14.20 42.17
CA VAL D 26 -13.70 -15.12 42.18
C VAL D 26 -13.59 -16.09 43.37
N LYS D 27 -12.39 -16.59 43.63
CA LYS D 27 -12.20 -17.47 44.79
C LYS D 27 -12.50 -16.76 46.10
N LEU D 28 -12.07 -15.50 46.21
CA LEU D 28 -12.41 -14.72 47.37
C LEU D 28 -13.93 -14.48 47.52
N ALA D 29 -14.62 -14.12 46.43
CA ALA D 29 -16.07 -13.94 46.53
C ALA D 29 -16.72 -15.25 47.04
N GLN D 30 -16.25 -16.38 46.52
CA GLN D 30 -16.78 -17.68 46.94
C GLN D 30 -16.57 -17.90 48.42
N LYS D 31 -15.35 -17.65 48.88
CA LYS D 31 -15.02 -17.81 50.29
C LYS D 31 -15.83 -16.88 51.20
N ARG D 32 -16.17 -15.70 50.72
CA ARG D 32 -16.96 -14.76 51.47
C ARG D 32 -18.49 -15.03 51.36
N HIS D 33 -18.84 -16.17 50.80
CA HIS D 33 -20.25 -16.58 50.58
C HIS D 33 -21.08 -15.62 49.76
N LYS D 34 -20.46 -14.96 48.78
CA LYS D 34 -21.22 -14.14 47.86
C LYS D 34 -22.12 -15.02 46.99
N ASP D 35 -23.20 -14.45 46.48
CA ASP D 35 -24.13 -15.22 45.65
C ASP D 35 -23.57 -15.37 44.22
N ASN D 37 -24.34 -17.19 41.77
CA ASN D 37 -25.27 -17.22 40.64
C ASN D 37 -25.49 -15.88 39.96
N LYS D 38 -25.44 -14.79 40.75
CA LYS D 38 -25.65 -13.46 40.16
C LYS D 38 -24.50 -13.11 39.20
N LEU D 39 -23.30 -13.40 39.66
CA LEU D 39 -22.10 -13.10 38.85
C LEU D 39 -22.10 -13.97 37.59
N LYS D 40 -22.38 -15.25 37.77
CA LYS D 40 -22.42 -16.14 36.61
C LYS D 40 -23.45 -15.71 35.57
N TYR D 41 -24.63 -15.28 36.01
CA TYR D 41 -25.65 -14.89 35.03
C TYR D 41 -25.15 -13.66 34.23
N LEU D 42 -24.58 -12.70 34.96
CA LEU D 42 -24.03 -11.53 34.25
C LEU D 42 -22.93 -11.94 33.23
N THR D 44 -22.67 -14.71 31.69
CA THR D 44 -23.27 -15.34 30.53
C THR D 44 -23.88 -14.33 29.58
N LEU D 45 -24.51 -13.29 30.12
CA LEU D 45 -25.03 -12.22 29.27
C LEU D 45 -23.94 -11.61 28.42
N LEU D 46 -22.80 -11.32 29.05
CA LEU D 46 -21.69 -10.71 28.28
C LEU D 46 -21.17 -11.68 27.20
N ILE D 47 -20.98 -12.93 27.59
CA ILE D 47 -20.52 -13.94 26.64
C ILE D 47 -21.50 -14.09 25.46
N ASN D 48 -22.79 -13.99 25.72
CA ASN D 48 -23.80 -14.15 24.67
C ASN D 48 -24.07 -12.88 23.86
N ASN D 49 -23.27 -11.83 24.08
CA ASN D 49 -23.49 -10.57 23.35
C ASN D 49 -24.88 -9.98 23.52
N THR D 50 -25.39 -10.13 24.72
CA THR D 50 -26.69 -9.56 25.06
C THR D 50 -26.52 -8.11 25.48
N LEU D 51 -26.28 -7.24 24.49
CA LEU D 51 -25.88 -5.85 24.76
C LEU D 51 -26.77 -4.82 24.04
N PRO D 52 -27.02 -3.67 24.67
CA PRO D 52 -26.54 -3.28 26.00
C PRO D 52 -27.12 -4.17 27.07
N LEU D 53 -26.42 -4.26 28.18
CA LEU D 53 -26.86 -5.04 29.34
C LEU D 53 -28.15 -4.42 29.86
N PRO D 54 -28.97 -5.23 30.51
CA PRO D 54 -30.14 -4.72 31.24
C PRO D 54 -29.78 -3.55 32.15
N ALA D 55 -30.70 -2.60 32.31
CA ALA D 55 -30.43 -1.37 33.04
C ALA D 55 -30.01 -1.61 34.48
N VAL D 56 -30.50 -2.69 35.08
CA VAL D 56 -30.20 -2.96 36.48
C VAL D 56 -28.68 -3.12 36.73
N TYR D 57 -27.90 -3.49 35.70
CA TYR D 57 -26.46 -3.63 35.91
C TYR D 57 -25.69 -2.31 35.94
N LYS D 58 -26.35 -1.21 35.59
CA LYS D 58 -25.73 0.11 35.66
C LYS D 58 -24.36 0.10 34.96
N ASP D 59 -24.33 -0.55 33.82
CA ASP D 59 -23.09 -0.75 33.08
C ASP D 59 -22.58 0.59 32.48
N HIS D 60 -21.27 0.85 32.58
CA HIS D 60 -20.67 2.12 32.10
C HIS D 60 -19.15 1.92 31.85
N PRO D 61 -18.53 2.79 31.04
CA PRO D 61 -17.06 2.74 30.86
C PRO D 61 -16.37 2.92 32.19
N LEU D 62 -15.29 2.18 32.36
CA LEU D 62 -14.48 2.26 33.58
C LEU D 62 -13.85 3.68 33.66
N GLN D 63 -13.84 4.28 34.84
CA GLN D 63 -13.22 5.60 35.06
C GLN D 63 -11.75 5.55 34.64
N GLY D 64 -11.30 6.54 33.87
CA GLY D 64 -9.92 6.61 33.46
C GLY D 64 -9.78 6.41 31.96
N SER D 65 -8.56 6.13 31.51
CA SER D 65 -8.30 6.02 30.07
C SER D 65 -7.85 4.63 29.68
N TRP D 66 -8.61 3.63 30.10
CA TRP D 66 -8.30 2.24 29.82
C TRP D 66 -9.24 1.79 28.71
N LYS D 67 -8.72 1.75 27.49
CA LYS D 67 -9.54 1.56 26.30
C LYS D 67 -10.32 0.23 26.32
N GLY D 68 -11.63 0.34 26.09
CA GLY D 68 -12.50 -0.83 26.02
C GLY D 68 -12.95 -1.37 27.37
N TYR D 69 -12.44 -0.83 28.48
CA TYR D 69 -12.82 -1.34 29.79
C TYR D 69 -14.14 -0.77 30.30
N ARG D 70 -14.94 -1.64 30.90
CA ARG D 70 -16.26 -1.26 31.40
C ARG D 70 -16.44 -1.82 32.82
N ASP D 71 -17.50 -1.37 33.47
CA ASP D 71 -17.72 -1.58 34.90
C ASP D 71 -19.23 -1.85 34.99
N ALA D 72 -19.59 -3.06 35.44
CA ALA D 72 -21.02 -3.40 35.64
C ALA D 72 -21.22 -3.78 37.09
N HIS D 73 -22.42 -3.56 37.61
CA HIS D 73 -22.70 -3.84 39.02
C HIS D 73 -23.57 -5.08 39.21
N VAL D 74 -23.00 -6.14 39.77
CA VAL D 74 -23.78 -7.31 40.15
C VAL D 74 -24.71 -6.92 41.32
N GLU D 75 -24.17 -6.13 42.25
CA GLU D 75 -24.96 -5.53 43.34
C GLU D 75 -24.39 -4.12 43.51
N PRO D 76 -25.06 -3.24 44.30
CA PRO D 76 -24.51 -1.88 44.45
C PRO D 76 -23.07 -1.84 44.93
N ASP D 77 -22.63 -2.83 45.70
CA ASP D 77 -21.22 -2.88 46.09
C ASP D 77 -20.54 -4.16 45.64
N TRP D 78 -20.94 -4.66 44.47
CA TRP D 78 -20.22 -5.79 43.87
C TRP D 78 -20.08 -5.49 42.39
N ILE D 79 -18.83 -5.18 42.00
CA ILE D 79 -18.50 -4.67 40.67
C ILE D 79 -17.79 -5.74 39.86
N LEU D 80 -18.06 -5.74 38.56
CA LEU D 80 -17.31 -6.52 37.60
C LEU D 80 -16.61 -5.56 36.62
N ILE D 81 -15.28 -5.67 36.52
CA ILE D 81 -14.56 -4.94 35.53
C ILE D 81 -14.15 -5.88 34.42
N TYR D 82 -14.46 -5.49 33.18
CA TYR D 82 -14.17 -6.34 32.02
C TYR D 82 -13.80 -5.47 30.82
N LYS D 83 -13.09 -6.06 29.88
CA LYS D 83 -12.79 -5.38 28.65
C LYS D 83 -13.65 -5.98 27.54
N LEU D 84 -14.19 -5.10 26.70
CA LEU D 84 -15.07 -5.53 25.62
C LEU D 84 -14.69 -4.83 24.31
N THR D 85 -14.28 -5.62 23.31
CA THR D 85 -14.05 -5.09 21.97
C THR D 85 -14.81 -5.97 20.98
N ASP D 86 -14.74 -5.63 19.70
CA ASP D 86 -15.41 -6.44 18.69
C ASP D 86 -14.93 -7.86 18.68
N LYS D 87 -13.67 -8.07 19.03
CA LYS D 87 -13.09 -9.40 18.95
C LYS D 87 -12.90 -10.13 20.31
N LEU D 88 -13.01 -9.40 21.40
CA LEU D 88 -12.55 -9.90 22.69
C LEU D 88 -13.47 -9.54 23.86
N LEU D 89 -13.68 -10.49 24.77
CA LEU D 89 -14.30 -10.25 26.09
C LEU D 89 -13.34 -10.77 27.17
N ARG D 90 -12.83 -9.90 28.03
CA ARG D 90 -11.95 -10.34 29.09
C ARG D 90 -12.47 -9.98 30.46
N PHE D 91 -12.64 -10.97 31.34
CA PHE D 91 -13.02 -10.71 32.73
C PHE D 91 -11.77 -10.34 33.53
N GLU D 92 -11.75 -9.13 34.07
CA GLU D 92 -10.49 -8.56 34.59
C GLU D 92 -10.40 -8.63 36.11
N ARG D 93 -11.43 -8.08 36.78
CA ARG D 93 -11.50 -8.12 38.23
C ARG D 93 -12.92 -8.14 38.72
N THR D 94 -13.13 -8.57 39.95
CA THR D 94 -14.43 -8.39 40.58
C THR D 94 -14.28 -8.24 42.07
N GLY D 95 -15.16 -7.43 42.68
CA GLY D 95 -15.12 -7.25 44.13
C GLY D 95 -15.87 -6.01 44.55
N THR D 96 -15.67 -5.62 45.79
CA THR D 96 -16.31 -4.40 46.31
C THR D 96 -15.64 -3.15 45.75
N HIS D 97 -16.28 -1.99 45.94
CA HIS D 97 -15.63 -0.72 45.65
C HIS D 97 -14.29 -0.63 46.40
N ALA D 98 -14.24 -1.03 47.66
CA ALA D 98 -12.97 -0.95 48.42
C ALA D 98 -11.88 -1.78 47.77
N ALA D 99 -12.26 -3.00 47.34
CA ALA D 99 -11.27 -3.89 46.76
C ALA D 99 -10.72 -3.43 45.40
N LEU D 100 -11.54 -2.77 44.59
CA LEU D 100 -11.15 -2.41 43.23
C LEU D 100 -10.69 -0.96 43.08
N PHE D 101 -11.23 -0.08 43.93
CA PHE D 101 -11.01 1.38 43.81
C PHE D 101 -10.40 1.96 45.09
N GLY D 102 -10.44 1.23 46.19
CA GLY D 102 -10.02 1.80 47.48
C GLY D 102 -8.57 1.54 47.85
N ALA E 3 33.88 -10.33 18.60
CA ALA E 3 33.01 -9.73 17.60
C ALA E 3 31.50 -9.88 17.87
N ASN E 4 30.99 -11.12 17.74
CA ASN E 4 29.59 -11.43 18.06
C ASN E 4 29.30 -12.10 19.41
N ALA E 5 28.48 -11.38 20.13
CA ALA E 5 27.92 -11.62 21.44
C ALA E 5 26.41 -11.93 21.38
N PHE E 6 25.85 -12.34 22.51
CA PHE E 6 24.42 -12.59 22.58
C PHE E 6 23.86 -11.87 23.78
N VAL E 7 22.66 -11.35 23.59
CA VAL E 7 21.83 -10.91 24.68
C VAL E 7 20.95 -12.08 25.02
N ARG E 8 20.85 -12.43 26.30
CA ARG E 8 20.00 -13.53 26.75
C ARG E 8 19.19 -12.95 27.89
N ALA E 9 17.87 -12.94 27.78
CA ALA E 9 17.08 -12.31 28.86
C ALA E 9 15.91 -13.23 29.21
N ARG E 10 15.76 -13.51 30.49
CA ARG E 10 14.59 -14.25 30.96
C ARG E 10 13.31 -13.41 30.71
N ILE E 11 12.24 -14.05 30.28
CA ILE E 11 11.02 -13.31 30.00
C ILE E 11 9.80 -14.20 30.13
N ASP E 12 8.68 -13.60 30.50
CA ASP E 12 7.39 -14.35 30.54
C ASP E 12 7.06 -14.83 29.11
N GLU E 13 6.70 -16.10 28.96
CA GLU E 13 6.52 -16.68 27.64
C GLU E 13 5.33 -16.02 26.87
N ASP E 14 4.28 -15.71 27.64
CA ASP E 14 3.11 -15.07 27.02
C ASP E 14 3.39 -13.65 26.54
N LEU E 15 4.16 -12.91 27.32
CA LEU E 15 4.60 -11.58 26.91
C LEU E 15 5.43 -11.67 25.65
N LYS E 16 6.36 -12.62 25.66
CA LYS E 16 7.24 -12.83 24.51
C LYS E 16 6.43 -13.11 23.22
N ASN E 17 5.47 -14.03 23.33
CA ASN E 17 4.64 -14.33 22.18
C ASN E 17 3.84 -13.12 21.68
N GLN E 18 3.26 -12.38 22.61
CA GLN E 18 2.47 -11.21 22.19
C GLN E 18 3.33 -10.12 21.52
N ALA E 19 4.47 -9.85 22.14
CA ALA E 19 5.38 -8.84 21.56
C ALA E 19 5.88 -9.30 20.19
N ALA E 20 6.21 -10.59 20.06
CA ALA E 20 6.62 -11.14 18.76
C ALA E 20 5.53 -10.95 17.71
N ASP E 21 4.26 -11.16 18.10
CA ASP E 21 3.13 -10.97 17.14
C ASP E 21 2.99 -9.51 16.65
N VAL E 22 3.06 -8.60 17.63
CA VAL E 22 3.01 -7.20 17.31
C VAL E 22 4.14 -6.83 16.34
N LEU E 23 5.35 -7.25 16.69
CA LEU E 23 6.51 -6.92 15.84
C LEU E 23 6.47 -7.54 14.43
N ALA E 24 5.96 -8.75 14.35
CA ALA E 24 5.88 -9.49 13.08
C ALA E 24 4.98 -8.73 12.14
N GLY E 25 3.93 -8.11 12.67
CA GLY E 25 3.12 -7.24 11.83
C GLY E 25 3.84 -6.10 11.12
N GLY E 27 7.15 -6.41 10.26
CA GLY E 27 8.32 -7.00 9.63
C GLY E 27 9.58 -7.13 10.50
N LEU E 28 9.41 -7.01 11.82
CA LEU E 28 10.52 -7.08 12.78
C LEU E 28 10.44 -8.36 13.59
N THR E 29 11.60 -8.87 14.00
CA THR E 29 11.68 -9.91 15.02
C THR E 29 11.98 -9.27 16.38
N ILE E 30 11.80 -10.06 17.45
CA ILE E 30 12.26 -9.60 18.76
C ILE E 30 13.76 -9.25 18.74
N SER E 31 14.60 -10.06 18.08
CA SER E 31 16.04 -9.74 18.07
CA SER E 31 16.04 -9.76 18.03
C SER E 31 16.31 -8.44 17.33
N ASP E 32 15.54 -8.14 16.27
CA ASP E 32 15.66 -6.83 15.61
C ASP E 32 15.37 -5.69 16.60
N LEU E 33 14.29 -5.81 17.36
CA LEU E 33 13.94 -4.75 18.31
C LEU E 33 15.04 -4.60 19.38
N VAL E 34 15.59 -5.73 19.83
CA VAL E 34 16.69 -5.67 20.80
C VAL E 34 17.90 -4.93 20.21
N ARG E 35 18.28 -5.28 18.98
CA ARG E 35 19.46 -4.60 18.40
C ARG E 35 19.22 -3.11 18.17
N ILE E 36 18.03 -2.77 17.67
CA ILE E 36 17.70 -1.38 17.38
C ILE E 36 17.67 -0.53 18.67
N THR E 37 17.08 -1.11 19.70
CA THR E 37 16.95 -0.41 20.98
C THR E 37 18.33 -0.22 21.63
N LEU E 38 19.14 -1.28 21.64
CA LEU E 38 20.47 -1.15 22.23
C LEU E 38 21.35 -0.18 21.43
N THR E 39 21.17 -0.14 20.11
CA THR E 39 21.92 0.79 19.29
C THR E 39 21.59 2.23 19.68
N LYS E 40 20.30 2.49 19.86
CA LYS E 40 19.90 3.83 20.32
C LYS E 40 20.47 4.22 21.69
N VAL E 41 20.37 3.29 22.64
CA VAL E 41 20.92 3.51 23.98
C VAL E 41 22.43 3.81 23.94
N ALA E 42 23.16 3.01 23.15
CA ALA E 42 24.62 3.19 23.04
C ALA E 42 24.95 4.53 22.38
N ARG E 43 24.22 4.90 21.34
CA ARG E 43 24.51 6.18 20.68
CA ARG E 43 24.52 6.18 20.70
C ARG E 43 24.18 7.39 21.55
N GLU E 44 23.00 7.38 22.16
CA GLU E 44 22.52 8.52 22.92
C GLU E 44 22.92 8.55 24.39
N LYS E 45 23.43 7.45 24.90
CA LYS E 45 23.68 7.33 26.31
C LYS E 45 22.45 7.64 27.15
N ALA E 46 21.28 7.16 26.72
CA ALA E 46 20.03 7.49 27.41
C ALA E 46 19.01 6.46 27.02
N LEU E 47 17.91 6.36 27.74
CA LEU E 47 16.84 5.42 27.37
C LEU E 47 15.91 6.04 26.31
N PRO E 48 15.26 5.20 25.48
CA PRO E 48 14.13 5.72 24.71
C PRO E 48 13.08 6.36 25.67
N PHE E 49 12.27 7.30 25.19
CA PHE E 49 11.24 7.98 25.97
C PHE E 49 10.10 7.04 26.37
N ASP E 50 9.46 7.32 27.50
CA ASP E 50 8.11 6.79 27.80
C ASP E 50 8.03 5.27 27.93
N LEU E 51 9.11 4.62 28.34
CA LEU E 51 9.08 3.17 28.42
C LEU E 51 8.16 2.71 29.55
N ARG E 52 8.03 3.55 30.58
CA ARG E 52 7.24 3.19 31.75
CA ARG E 52 7.22 3.19 31.73
C ARG E 52 6.26 4.28 32.18
N GLU E 53 5.12 3.87 32.75
CA GLU E 53 4.21 4.85 33.32
C GLU E 53 4.84 5.44 34.59
N PRO E 54 4.46 6.67 34.94
CA PRO E 54 4.87 7.20 36.25
C PRO E 54 4.49 6.22 37.36
N ASN E 55 5.34 6.07 38.37
CA ASN E 55 5.07 5.13 39.43
C ASN E 55 4.04 5.67 40.46
N GLN E 56 3.72 4.86 41.46
CA GLN E 56 2.66 5.22 42.39
C GLN E 56 2.89 6.52 43.13
N LEU E 57 4.12 6.74 43.58
CA LEU E 57 4.42 7.97 44.31
C LEU E 57 4.24 9.20 43.39
N THR E 58 4.67 9.09 42.15
CA THR E 58 4.52 10.20 41.22
C THR E 58 3.07 10.48 40.94
N ILE E 59 2.33 9.40 40.71
CA ILE E 59 0.92 9.54 40.45
C ILE E 59 0.18 10.16 41.63
N GLN E 60 0.56 9.77 42.83
CA GLN E 60 -0.11 10.35 44.01
C GLN E 60 0.20 11.83 44.15
N SER E 61 1.42 12.20 43.79
CA SER E 61 1.77 13.62 43.83
C SER E 61 0.90 14.37 42.82
N ILE E 62 0.77 13.81 41.60
CA ILE E 62 -0.07 14.46 40.59
C ILE E 62 -1.53 14.58 41.03
N LYS E 63 -2.11 13.50 41.54
CA LYS E 63 -3.49 13.55 42.02
C LYS E 63 -3.70 14.59 43.16
N ASN E 64 -2.78 14.61 44.13
CA ASN E 64 -2.84 15.62 45.21
C ASN E 64 -2.81 17.04 44.62
N SER E 65 -1.82 17.30 43.75
CA SER E 65 -1.69 18.63 43.17
C SER E 65 -2.90 19.07 42.35
N GLU E 66 -3.43 18.17 41.54
CA GLU E 66 -4.64 18.49 40.76
CA GLU E 66 -4.62 18.51 40.77
C GLU E 66 -5.82 18.80 41.67
N ALA E 67 -5.84 18.20 42.87
CA ALA E 67 -6.92 18.55 43.82
C ALA E 67 -6.66 19.79 44.68
N GLY E 68 -5.48 20.37 44.52
CA GLY E 68 -5.05 21.55 45.26
C GLY E 68 -4.44 21.22 46.61
N ILE E 69 -4.11 19.95 46.84
CA ILE E 69 -3.54 19.49 48.10
C ILE E 69 -2.01 19.54 48.06
N ASP E 70 -1.43 20.18 49.07
CA ASP E 70 0.03 20.26 49.28
C ASP E 70 0.73 20.98 48.10
N VAL E 71 0.08 22.01 47.58
CA VAL E 71 0.63 22.82 46.50
C VAL E 71 1.04 24.16 47.08
N HIS E 72 2.17 24.70 46.62
CA HIS E 72 2.72 25.93 47.18
C HIS E 72 2.97 26.94 46.08
N LYS E 73 2.78 28.22 46.38
CA LYS E 73 2.96 29.24 45.37
C LYS E 73 4.31 29.94 45.49
N ALA E 74 4.80 30.49 44.38
CA ALA E 74 6.00 31.37 44.41
C ALA E 74 5.84 32.53 43.45
N LYS E 75 6.46 33.67 43.78
CA LYS E 75 6.30 34.89 42.98
C LYS E 75 7.23 34.93 41.78
N ASP E 76 8.39 34.31 41.86
CA ASP E 76 9.33 34.34 40.77
C ASP E 76 10.41 33.36 41.08
N ALA E 77 11.41 33.26 40.20
CA ALA E 77 12.46 32.30 40.41
C ALA E 77 13.20 32.49 41.74
N ASP E 78 13.55 33.74 42.07
CA ASP E 78 14.30 33.94 43.32
C ASP E 78 13.51 33.47 44.56
N ASP E 79 12.24 33.84 44.58
CA ASP E 79 11.34 33.43 45.65
C ASP E 79 11.20 31.88 45.69
N LEU E 80 11.09 31.28 44.51
CA LEU E 80 10.96 29.80 44.44
C LEU E 80 12.19 29.12 45.00
N PHE E 81 13.38 29.56 44.58
CA PHE E 81 14.62 28.94 45.03
C PHE E 81 14.78 29.14 46.53
N ASP E 82 14.39 30.31 47.01
CA ASP E 82 14.42 30.54 48.46
C ASP E 82 13.50 29.58 49.22
N LYS E 83 12.28 29.43 48.72
CA LYS E 83 11.34 28.53 49.41
C LYS E 83 11.80 27.08 49.35
N LEU E 84 12.49 26.69 48.27
CA LEU E 84 12.98 25.31 48.15
C LEU E 84 14.31 25.05 48.85
N GLY E 85 14.97 26.10 49.32
CA GLY E 85 16.25 25.94 49.96
C GLY E 85 17.38 25.58 49.01
N ILE E 86 17.29 26.04 47.77
CA ILE E 86 18.37 25.81 46.81
C ILE E 86 18.90 27.09 46.21
N GLN F 13 2.57 36.22 32.15
CA GLN F 13 3.26 35.33 33.08
C GLN F 13 2.37 34.30 33.80
N ARG F 14 2.80 33.05 33.68
CA ARG F 14 2.13 31.90 34.29
C ARG F 14 2.30 31.99 35.80
N ASP F 15 1.28 31.59 36.53
CA ASP F 15 1.41 31.40 37.95
C ASP F 15 2.42 30.27 38.24
N ILE F 16 3.25 30.43 39.27
CA ILE F 16 4.27 29.43 39.56
C ILE F 16 3.90 28.68 40.82
N GLU F 17 3.91 27.35 40.73
CA GLU F 17 3.62 26.45 41.84
C GLU F 17 4.65 25.35 41.98
N TYR F 18 4.77 24.75 43.16
CA TYR F 18 5.48 23.50 43.34
C TYR F 18 4.73 22.62 44.34
N SER F 19 4.84 21.32 44.17
CA SER F 19 4.14 20.37 45.04
C SER F 19 5.00 20.07 46.26
N GLY F 20 4.38 19.55 47.33
CA GLY F 20 5.15 19.11 48.49
C GLY F 20 6.20 18.04 48.13
N GLN F 21 5.80 17.10 47.24
CA GLN F 21 6.73 16.07 46.81
C GLN F 21 7.94 16.71 46.13
N TYR F 22 7.71 17.76 45.34
CA TYR F 22 8.83 18.43 44.66
C TYR F 22 9.85 18.95 45.67
N SER F 23 9.36 19.55 46.75
CA SER F 23 10.31 20.07 47.76
C SER F 23 11.14 18.92 48.36
N LYS F 24 10.47 17.81 48.63
CA LYS F 24 11.20 16.64 49.10
C LYS F 24 12.25 16.11 48.09
N ASP F 25 11.87 16.06 46.82
CA ASP F 25 12.74 15.54 45.77
C ASP F 25 13.98 16.46 45.64
N VAL F 26 13.76 17.77 45.74
CA VAL F 26 14.87 18.70 45.61
C VAL F 26 15.85 18.54 46.81
N LYS F 27 15.30 18.32 48.00
CA LYS F 27 16.18 18.08 49.16
C LYS F 27 17.01 16.84 48.99
N LEU F 28 16.41 15.78 48.48
CA LEU F 28 17.15 14.56 48.20
C LEU F 28 18.25 14.76 47.15
N ALA F 29 17.93 15.47 46.06
CA ALA F 29 18.96 15.75 45.06
C ALA F 29 20.15 16.48 45.71
N GLN F 30 19.84 17.42 46.57
CA GLN F 30 20.87 18.17 47.26
C GLN F 30 21.75 17.25 48.10
N LYS F 31 21.10 16.40 48.89
CA LYS F 31 21.81 15.45 49.72
C LYS F 31 22.66 14.46 48.92
N ARG F 32 22.21 14.09 47.73
CA ARG F 32 22.97 13.19 46.87
C ARG F 32 24.06 13.94 46.04
N HIS F 33 24.31 15.20 46.37
CA HIS F 33 25.30 16.07 45.68
C HIS F 33 25.12 16.25 44.16
N LYS F 34 23.86 16.27 43.72
CA LYS F 34 23.58 16.58 42.34
C LYS F 34 23.90 18.05 42.03
N ASP F 35 24.17 18.34 40.77
CA ASP F 35 24.52 19.70 40.38
C ASP F 35 23.27 20.58 40.30
N ASN F 37 22.81 23.66 39.96
CA ASN F 37 22.78 24.69 38.94
C ASN F 37 22.08 24.27 37.64
N LYS F 38 22.20 23.00 37.29
CA LYS F 38 21.56 22.51 36.06
C LYS F 38 20.02 22.56 36.19
N LEU F 39 19.55 22.12 37.33
CA LEU F 39 18.09 22.12 37.59
C LEU F 39 17.58 23.53 37.68
N LYS F 40 18.29 24.37 38.43
CA LYS F 40 17.86 25.75 38.52
C LYS F 40 17.80 26.46 37.17
N TYR F 41 18.77 26.23 36.29
CA TYR F 41 18.72 26.92 35.02
C TYR F 41 17.47 26.46 34.22
N LEU F 42 17.23 25.15 34.22
CA LEU F 42 16.00 24.65 33.53
C LEU F 42 14.70 25.24 34.10
N THR F 44 14.40 28.15 35.57
CA THR F 44 14.26 29.53 35.08
C THR F 44 13.80 29.61 33.62
N LEU F 45 14.30 28.72 32.74
CA LEU F 45 13.79 28.73 31.33
C LEU F 45 12.27 28.56 31.31
N LEU F 46 11.77 27.62 32.10
CA LEU F 46 10.33 27.38 32.15
C LEU F 46 9.59 28.61 32.72
N ILE F 47 10.09 29.18 33.81
CA ILE F 47 9.46 30.36 34.40
C ILE F 47 9.44 31.53 33.39
N ASN F 48 10.49 31.68 32.58
CA ASN F 48 10.58 32.78 31.61
C ASN F 48 9.87 32.51 30.28
N ASN F 49 9.12 31.41 30.18
CA ASN F 49 8.41 31.09 28.96
C ASN F 49 9.37 30.97 27.75
N THR F 50 10.54 30.41 27.99
CA THR F 50 11.49 30.20 26.93
C THR F 50 11.18 28.88 26.22
N LEU F 51 10.12 28.86 25.40
CA LEU F 51 9.62 27.61 24.83
C LEU F 51 9.48 27.65 23.30
N PRO F 52 9.75 26.52 22.64
CA PRO F 52 10.14 25.22 23.21
C PRO F 52 11.49 25.26 23.89
N LEU F 53 11.72 24.35 24.84
CA LEU F 53 13.00 24.27 25.51
C LEU F 53 14.07 23.89 24.49
N PRO F 54 15.32 24.29 24.77
CA PRO F 54 16.45 23.79 23.98
C PRO F 54 16.41 22.29 23.86
N ALA F 55 16.86 21.80 22.72
CA ALA F 55 16.81 20.39 22.36
C ALA F 55 17.53 19.49 23.37
N VAL F 56 18.56 20.04 24.00
CA VAL F 56 19.33 19.24 24.93
C VAL F 56 18.47 18.69 26.09
N TYR F 57 17.36 19.37 26.40
CA TYR F 57 16.50 18.89 27.50
C TYR F 57 15.60 17.71 27.12
N LYS F 58 15.53 17.38 25.84
CA LYS F 58 14.72 16.21 25.41
C LYS F 58 13.31 16.26 26.01
N ASP F 59 12.74 17.46 26.01
CA ASP F 59 11.45 17.74 26.63
C ASP F 59 10.28 17.07 25.87
N HIS F 60 9.36 16.42 26.58
CA HIS F 60 8.24 15.72 25.90
C HIS F 60 7.09 15.56 26.85
N PRO F 61 5.88 15.31 26.31
CA PRO F 61 4.75 15.03 27.21
C PRO F 61 5.03 13.80 28.06
N LEU F 62 4.58 13.85 29.29
CA LEU F 62 4.72 12.72 30.21
C LEU F 62 3.92 11.51 29.73
N GLN F 63 4.48 10.31 29.81
CA GLN F 63 3.77 9.09 29.42
C GLN F 63 2.45 8.96 30.22
N GLY F 64 1.37 8.65 29.53
CA GLY F 64 0.08 8.47 30.21
C GLY F 64 -0.92 9.57 29.84
N SER F 65 -1.98 9.70 30.63
CA SER F 65 -3.02 10.65 30.26
C SER F 65 -3.16 11.76 31.32
N TRP F 66 -2.05 12.37 31.70
CA TRP F 66 -2.06 13.42 32.71
C TRP F 66 -1.95 14.72 31.98
N LYS F 67 -3.08 15.40 31.86
CA LYS F 67 -3.20 16.56 31.01
C LYS F 67 -2.22 17.70 31.37
N GLY F 68 -1.47 18.16 30.37
CA GLY F 68 -0.54 19.27 30.58
C GLY F 68 0.81 18.87 31.19
N TYR F 69 0.97 17.61 31.58
CA TYR F 69 2.23 17.21 32.20
C TYR F 69 3.29 16.88 31.20
N ARG F 70 4.48 17.33 31.50
CA ARG F 70 5.65 17.16 30.60
C ARG F 70 6.86 16.64 31.40
N ASP F 71 7.90 16.21 30.68
CA ASP F 71 9.01 15.47 31.24
C ASP F 71 10.25 16.03 30.52
N ALA F 72 11.17 16.66 31.26
CA ALA F 72 12.41 17.16 30.68
C ALA F 72 13.60 16.51 31.39
N HIS F 73 14.71 16.36 30.67
CA HIS F 73 15.89 15.70 31.24
C HIS F 73 16.98 16.71 31.56
N VAL F 74 17.25 16.89 32.84
CA VAL F 74 18.39 17.67 33.30
C VAL F 74 19.69 16.92 32.93
N GLU F 75 19.64 15.59 33.13
CA GLU F 75 20.70 14.64 32.68
C GLU F 75 19.99 13.40 32.19
N PRO F 76 20.72 12.44 31.53
CA PRO F 76 20.02 11.25 31.05
C PRO F 76 19.28 10.49 32.15
N ASP F 77 19.77 10.54 33.39
CA ASP F 77 18.99 9.91 34.46
C ASP F 77 18.60 10.89 35.56
N TRP F 78 18.32 12.14 35.16
CA TRP F 78 17.75 13.13 36.08
C TRP F 78 16.63 13.85 35.38
N ILE F 79 15.39 13.55 35.82
CA ILE F 79 14.18 13.97 35.15
C ILE F 79 13.48 15.04 35.97
N LEU F 80 12.86 15.98 35.29
CA LEU F 80 11.95 16.95 35.90
C LEU F 80 10.56 16.70 35.30
N ILE F 81 9.58 16.46 36.16
CA ILE F 81 8.18 16.39 35.75
C ILE F 81 7.45 17.66 36.18
N TYR F 82 6.75 18.29 35.25
CA TYR F 82 6.07 19.56 35.54
C TYR F 82 4.78 19.66 34.74
N LYS F 83 3.86 20.48 35.21
CA LYS F 83 2.64 20.73 34.44
C LYS F 83 2.74 22.12 33.85
N LEU F 84 2.33 22.27 32.60
CA LEU F 84 2.41 23.54 31.90
C LEU F 84 1.11 23.81 31.17
N THR F 85 0.41 24.89 31.55
CA THR F 85 -0.77 25.30 30.79
C THR F 85 -0.57 26.79 30.48
N ASP F 86 -1.53 27.40 29.78
CA ASP F 86 -1.43 28.84 29.48
C ASP F 86 -1.35 29.72 30.74
N LYS F 87 -1.96 29.29 31.83
CA LYS F 87 -2.04 30.06 33.08
C LYS F 87 -1.10 29.57 34.18
N LEU F 88 -0.56 28.37 34.03
CA LEU F 88 0.08 27.72 35.19
C LEU F 88 1.39 26.97 34.85
N LEU F 89 2.38 27.11 35.72
CA LEU F 89 3.59 26.27 35.67
C LEU F 89 3.75 25.64 37.04
N ARG F 90 3.67 24.31 37.11
CA ARG F 90 3.85 23.63 38.40
C ARG F 90 4.97 22.61 38.39
N PHE F 91 5.93 22.75 39.29
CA PHE F 91 6.99 21.78 39.45
C PHE F 91 6.52 20.62 40.31
N GLU F 92 6.47 19.41 39.72
CA GLU F 92 5.77 18.29 40.34
C GLU F 92 6.70 17.28 41.03
N ARG F 93 7.69 16.76 40.28
CA ARG F 93 8.69 15.84 40.82
C ARG F 93 10.00 15.98 40.10
N THR F 94 11.05 15.53 40.77
CA THR F 94 12.33 15.39 40.06
C THR F 94 13.17 14.24 40.65
N GLY F 95 13.93 13.53 39.82
CA GLY F 95 14.76 12.46 40.35
C GLY F 95 15.17 11.53 39.21
N THR F 96 15.69 10.36 39.58
CA THR F 96 16.10 9.36 38.59
C THR F 96 14.89 8.66 37.99
N HIS F 97 15.13 7.93 36.91
CA HIS F 97 14.06 7.04 36.37
C HIS F 97 13.56 6.09 37.44
N ALA F 98 14.46 5.53 38.22
CA ALA F 98 14.05 4.58 39.27
C ALA F 98 13.11 5.28 40.28
N ALA F 99 13.47 6.50 40.68
CA ALA F 99 12.63 7.20 41.66
C ALA F 99 11.22 7.62 41.14
N LEU F 100 11.11 7.94 39.84
CA LEU F 100 9.86 8.48 39.30
C LEU F 100 8.96 7.47 38.55
N PHE F 101 9.62 6.48 37.96
CA PHE F 101 8.99 5.50 37.08
C PHE F 101 9.17 4.08 37.56
N GLY F 102 10.11 3.86 38.48
CA GLY F 102 10.49 2.54 38.92
C GLY F 102 9.75 2.04 40.17
N ALA G 3 -29.67 5.01 -52.64
CA ALA G 3 -28.64 4.17 -53.26
C ALA G 3 -27.21 4.53 -52.83
N ASN G 4 -26.67 5.69 -53.24
CA ASN G 4 -25.33 6.11 -52.80
C ASN G 4 -25.28 7.16 -51.67
N ALA G 5 -24.63 6.73 -50.62
CA ALA G 5 -24.33 7.42 -49.38
C ALA G 5 -22.81 7.74 -49.24
N PHE G 6 -22.45 8.52 -48.23
CA PHE G 6 -21.01 8.82 -47.99
C PHE G 6 -20.74 8.54 -46.53
N VAL G 7 -19.55 8.00 -46.28
CA VAL G 7 -18.98 7.98 -44.94
C VAL G 7 -18.11 9.23 -44.82
N ARG G 8 -18.26 9.98 -43.75
CA ARG G 8 -17.44 11.17 -43.52
C ARG G 8 -16.90 11.04 -42.11
N ALA G 9 -15.59 11.03 -41.93
CA ALA G 9 -15.06 10.86 -40.57
C ALA G 9 -13.97 11.87 -40.35
N ARG G 10 -14.06 12.58 -39.25
CA ARG G 10 -12.96 13.47 -38.85
C ARG G 10 -11.73 12.65 -38.57
N ILE G 11 -10.55 13.12 -38.98
CA ILE G 11 -9.36 12.32 -38.73
C ILE G 11 -8.10 13.20 -38.64
N ASP G 12 -7.11 12.79 -37.85
CA ASP G 12 -5.81 13.52 -37.82
C ASP G 12 -5.17 13.45 -39.23
N GLU G 13 -4.73 14.59 -39.76
CA GLU G 13 -4.25 14.65 -41.15
C GLU G 13 -2.99 13.79 -41.36
N ASP G 14 -2.11 13.77 -40.36
CA ASP G 14 -0.89 12.96 -40.44
C ASP G 14 -1.15 11.44 -40.43
N LEU G 15 -2.11 11.03 -39.59
CA LEU G 15 -2.55 9.63 -39.59
C LEU G 15 -3.13 9.27 -40.95
N LYS G 16 -3.98 10.14 -41.44
CA LYS G 16 -4.62 9.92 -42.76
C LYS G 16 -3.54 9.74 -43.84
N ASN G 17 -2.55 10.64 -43.84
CA ASN G 17 -1.50 10.50 -44.85
C ASN G 17 -0.71 9.19 -44.75
N GLN G 18 -0.35 8.82 -43.52
CA GLN G 18 0.42 7.60 -43.32
C GLN G 18 -0.37 6.36 -43.73
N ALA G 19 -1.64 6.32 -43.31
CA ALA G 19 -2.48 5.17 -43.68
C ALA G 19 -2.65 5.09 -45.20
N ALA G 20 -2.85 6.24 -45.84
CA ALA G 20 -2.94 6.25 -47.31
C ALA G 20 -1.68 5.71 -47.98
N ASP G 21 -0.51 6.06 -47.44
CA ASP G 21 0.76 5.55 -48.01
C ASP G 21 0.89 4.02 -47.88
N VAL G 22 0.56 3.54 -46.68
CA VAL G 22 0.58 2.09 -46.46
C VAL G 22 -0.37 1.38 -47.48
N LEU G 23 -1.61 1.88 -47.56
CA LEU G 23 -2.60 1.26 -48.44
C LEU G 23 -2.23 1.34 -49.94
N ALA G 24 -1.62 2.45 -50.33
CA ALA G 24 -1.24 2.71 -51.71
C ALA G 24 -0.26 1.67 -52.14
N GLY G 25 0.58 1.26 -51.20
CA GLY G 25 1.47 0.14 -51.52
C GLY G 25 0.83 -1.16 -51.97
N GLY G 27 -2.28 -1.19 -53.49
CA GLY G 27 -3.27 -0.91 -54.52
C GLY G 27 -4.62 -0.48 -53.96
N LEU G 28 -4.63 -0.11 -52.69
CA LEU G 28 -5.91 0.31 -52.09
C LEU G 28 -5.91 1.81 -51.82
N THR G 29 -7.09 2.42 -51.88
CA THR G 29 -7.28 3.77 -51.35
C THR G 29 -7.87 3.69 -49.93
N ILE G 30 -7.86 4.82 -49.22
CA ILE G 30 -8.59 4.85 -47.94
C ILE G 30 -10.07 4.48 -48.11
N SER G 31 -10.71 5.00 -49.16
CA SER G 31 -12.12 4.69 -49.37
CA SER G 31 -12.12 4.70 -49.44
C SER G 31 -12.34 3.20 -49.64
N ASP G 32 -11.37 2.54 -50.32
CA ASP G 32 -11.46 1.09 -50.48
C ASP G 32 -11.47 0.37 -49.12
N LEU G 33 -10.55 0.79 -48.27
CA LEU G 33 -10.43 0.14 -46.96
C LEU G 33 -11.71 0.34 -46.15
N VAL G 34 -12.27 1.54 -46.25
CA VAL G 34 -13.53 1.83 -45.56
C VAL G 34 -14.66 0.89 -46.06
N ARG G 35 -14.79 0.78 -47.39
CA ARG G 35 -15.85 -0.07 -47.93
C ARG G 35 -15.67 -1.56 -47.57
N ILE G 36 -14.43 -2.03 -47.68
CA ILE G 36 -14.11 -3.44 -47.38
C ILE G 36 -14.38 -3.76 -45.89
N THR G 37 -13.97 -2.84 -45.02
CA THR G 37 -14.14 -3.05 -43.57
C THR G 37 -15.64 -3.02 -43.21
N LEU G 38 -16.37 -2.04 -43.75
CA LEU G 38 -17.80 -1.96 -43.45
C LEU G 38 -18.58 -3.16 -44.01
N THR G 39 -18.14 -3.68 -45.15
CA THR G 39 -18.75 -4.86 -45.73
C THR G 39 -18.59 -6.04 -44.82
N LYS G 40 -17.38 -6.20 -44.31
CA LYS G 40 -17.14 -7.26 -43.35
C LYS G 40 -18.01 -7.13 -42.07
N VAL G 41 -18.07 -5.92 -41.51
CA VAL G 41 -18.89 -5.68 -40.34
C VAL G 41 -20.38 -6.01 -40.59
N ALA G 42 -20.89 -5.57 -41.75
CA ALA G 42 -22.29 -5.80 -42.07
C ALA G 42 -22.57 -7.26 -42.25
N ARG G 43 -21.68 -7.97 -42.91
CA ARG G 43 -21.97 -9.37 -43.16
CA ARG G 43 -21.88 -9.40 -43.17
C ARG G 43 -21.79 -10.25 -41.92
N GLU G 44 -20.76 -10.00 -41.12
CA GLU G 44 -20.53 -10.80 -39.91
C GLU G 44 -21.22 -10.33 -38.65
N LYS G 45 -21.76 -9.11 -38.67
CA LYS G 45 -22.29 -8.51 -37.45
C LYS G 45 -21.29 -8.47 -36.35
N ALA G 46 -20.04 -8.14 -36.65
CA ALA G 46 -18.99 -8.19 -35.68
C ALA G 46 -17.87 -7.33 -36.18
N LEU G 47 -16.93 -6.97 -35.31
CA LEU G 47 -15.75 -6.21 -35.73
C LEU G 47 -14.68 -7.15 -36.27
N PRO G 48 -13.79 -6.65 -37.17
CA PRO G 48 -12.56 -7.38 -37.47
C PRO G 48 -11.77 -7.66 -36.17
N PHE G 49 -10.94 -8.72 -36.15
CA PHE G 49 -10.15 -9.04 -34.96
C PHE G 49 -9.05 -8.02 -34.68
N ASP G 50 -8.70 -7.88 -33.41
CA ASP G 50 -7.41 -7.29 -33.03
C ASP G 50 -7.22 -5.81 -33.42
N LEU G 51 -8.30 -5.04 -33.50
CA LEU G 51 -8.15 -3.65 -33.92
C LEU G 51 -7.45 -2.82 -32.89
N ARG G 52 -7.59 -3.21 -31.62
CA ARG G 52 -6.98 -2.42 -30.56
C ARG G 52 -6.20 -3.31 -29.60
N GLU G 53 -5.15 -2.76 -29.00
CA GLU G 53 -4.43 -3.47 -27.94
C GLU G 53 -5.31 -3.57 -26.70
N PRO G 54 -5.08 -4.61 -25.88
CA PRO G 54 -5.74 -4.63 -24.57
C PRO G 54 -5.46 -3.33 -23.82
N ASN G 55 -6.43 -2.82 -23.10
CA ASN G 55 -6.24 -1.55 -22.39
C ASN G 55 -5.47 -1.71 -21.05
N GLN G 56 -5.26 -0.58 -20.38
CA GLN G 56 -4.45 -0.58 -19.17
C GLN G 56 -4.92 -1.54 -18.09
N LEU G 57 -6.23 -1.55 -17.84
CA LEU G 57 -6.79 -2.44 -16.80
C LEU G 57 -6.59 -3.92 -17.17
N THR G 58 -6.80 -4.24 -18.44
CA THR G 58 -6.61 -5.63 -18.87
C THR G 58 -5.14 -6.06 -18.76
N ILE G 59 -4.25 -5.17 -19.20
CA ILE G 59 -2.85 -5.45 -19.12
C ILE G 59 -2.39 -5.59 -17.66
N GLN G 60 -2.92 -4.77 -16.78
CA GLN G 60 -2.55 -4.84 -15.36
C GLN G 60 -3.02 -6.18 -14.77
N SER G 61 -4.21 -6.63 -15.19
CA SER G 61 -4.66 -7.94 -14.70
C SER G 61 -3.71 -9.03 -15.18
N ILE G 62 -3.33 -9.01 -16.45
CA ILE G 62 -2.39 -9.99 -17.00
C ILE G 62 -1.04 -9.97 -16.26
N LYS G 63 -0.49 -8.77 -16.07
CA LYS G 63 0.77 -8.66 -15.33
C LYS G 63 0.68 -9.21 -13.89
N ASN G 64 -0.39 -8.86 -13.17
CA ASN G 64 -0.61 -9.41 -11.81
C ASN G 64 -0.66 -10.94 -11.84
N SER G 65 -1.50 -11.46 -12.73
CA SER G 65 -1.67 -12.90 -12.85
C SER G 65 -0.38 -13.63 -13.20
N GLU G 66 0.38 -13.07 -14.13
CA GLU G 66 1.64 -13.68 -14.50
C GLU G 66 2.60 -13.72 -13.31
N ALA G 67 2.49 -12.74 -12.41
CA ALA G 67 3.35 -12.71 -11.19
C ALA G 67 2.80 -13.54 -10.03
N GLY G 68 1.62 -14.12 -10.20
CA GLY G 68 0.99 -14.90 -9.17
C GLY G 68 0.18 -14.08 -8.18
N ILE G 69 -0.09 -12.82 -8.51
CA ILE G 69 -0.82 -11.91 -7.62
C ILE G 69 -2.34 -11.93 -7.93
N ASP G 70 -3.14 -12.14 -6.88
CA ASP G 70 -4.62 -12.11 -6.96
C ASP G 70 -5.16 -13.18 -7.94
N VAL G 71 -4.52 -14.33 -7.91
CA VAL G 71 -4.99 -15.46 -8.73
C VAL G 71 -5.63 -16.47 -7.79
N HIS G 72 -6.71 -17.10 -8.21
CA HIS G 72 -7.46 -18.02 -7.32
C HIS G 72 -7.65 -19.37 -8.02
N LYS G 73 -7.63 -20.46 -7.27
CA LYS G 73 -7.77 -21.77 -7.87
C LYS G 73 -9.19 -22.32 -7.77
N ALA G 74 -9.54 -23.21 -8.67
CA ALA G 74 -10.80 -23.96 -8.57
C ALA G 74 -10.64 -25.42 -9.00
N LYS G 75 -11.41 -26.33 -8.41
CA LYS G 75 -11.24 -27.75 -8.72
C LYS G 75 -11.95 -28.22 -9.96
N ASP G 76 -13.06 -27.60 -10.31
CA ASP G 76 -13.82 -28.01 -11.47
C ASP G 76 -14.84 -26.93 -11.73
N ALA G 77 -15.69 -27.13 -12.72
CA ALA G 77 -16.65 -26.10 -13.08
C ALA G 77 -17.56 -25.70 -11.94
N ASP G 78 -18.13 -26.67 -11.22
CA ASP G 78 -19.04 -26.35 -10.14
C ASP G 78 -18.38 -25.51 -9.03
N ASP G 79 -17.17 -25.90 -8.65
CA ASP G 79 -16.39 -25.17 -7.64
C ASP G 79 -16.10 -23.73 -8.13
N LEU G 80 -15.74 -23.60 -9.41
CA LEU G 80 -15.44 -22.30 -10.01
C LEU G 80 -16.66 -21.39 -9.99
N PHE G 81 -17.80 -21.92 -10.45
CA PHE G 81 -19.02 -21.11 -10.51
C PHE G 81 -19.45 -20.70 -9.10
N ASP G 82 -19.30 -21.63 -8.16
CA ASP G 82 -19.61 -21.30 -6.75
C ASP G 82 -18.71 -20.17 -6.24
N LYS G 83 -17.42 -20.27 -6.50
CA LYS G 83 -16.48 -19.23 -6.03
C LYS G 83 -16.72 -17.88 -6.68
N LEU G 84 -17.18 -17.90 -7.93
CA LEU G 84 -17.47 -16.66 -8.65
C LEU G 84 -18.83 -16.09 -8.33
N GLY G 85 -19.67 -16.87 -7.64
CA GLY G 85 -21.01 -16.42 -7.33
C GLY G 85 -21.93 -16.42 -8.54
N ILE G 86 -21.70 -17.32 -9.50
CA ILE G 86 -22.60 -17.42 -10.64
C ILE G 86 -23.16 -18.83 -10.84
N GLN H 13 -7.78 -32.21 -16.36
CA GLN H 13 -6.35 -32.19 -16.62
C GLN H 13 -5.64 -30.87 -16.34
N ARG H 14 -6.02 -29.80 -17.06
CA ARG H 14 -5.38 -28.52 -16.82
C ARG H 14 -5.81 -28.01 -15.47
N ASP H 15 -4.90 -27.38 -14.73
CA ASP H 15 -5.30 -26.63 -13.53
C ASP H 15 -6.17 -25.43 -13.91
N ILE H 16 -7.18 -25.15 -13.10
CA ILE H 16 -8.12 -24.08 -13.38
C ILE H 16 -7.86 -22.90 -12.46
N GLU H 17 -7.71 -21.71 -13.04
CA GLU H 17 -7.48 -20.48 -12.27
C GLU H 17 -8.40 -19.37 -12.69
N TYR H 18 -8.63 -18.40 -11.81
CA TYR H 18 -9.23 -17.16 -12.27
C TYR H 18 -8.58 -15.98 -11.54
N SER H 19 -8.55 -14.84 -12.20
CA SER H 19 -7.93 -13.64 -11.62
C SER H 19 -8.92 -12.85 -10.76
N GLY H 20 -8.43 -11.98 -9.88
CA GLY H 20 -9.34 -11.11 -9.13
C GLY H 20 -10.19 -10.23 -10.05
N GLN H 21 -9.56 -9.73 -11.11
CA GLN H 21 -10.28 -8.90 -12.08
C GLN H 21 -11.43 -9.69 -12.74
N TYR H 22 -11.17 -10.97 -13.01
CA TYR H 22 -12.22 -11.82 -13.61
C TYR H 22 -13.46 -11.86 -12.72
N SER H 23 -13.21 -12.00 -11.42
CA SER H 23 -14.28 -12.06 -10.44
C SER H 23 -15.08 -10.75 -10.46
N LYS H 24 -14.38 -9.63 -10.55
CA LYS H 24 -15.10 -8.35 -10.69
C LYS H 24 -15.92 -8.23 -11.98
N ASP H 25 -15.35 -8.69 -13.09
CA ASP H 25 -15.97 -8.59 -14.40
C ASP H 25 -17.26 -9.43 -14.44
N VAL H 26 -17.20 -10.61 -13.83
CA VAL H 26 -18.36 -11.48 -13.83
C VAL H 26 -19.50 -10.85 -12.98
N LYS H 27 -19.12 -10.24 -11.86
CA LYS H 27 -20.14 -9.56 -11.05
C LYS H 27 -20.79 -8.42 -11.79
N LEU H 28 -19.99 -7.65 -12.52
CA LEU H 28 -20.58 -6.59 -13.34
C LEU H 28 -21.53 -7.14 -14.44
N ALA H 29 -21.11 -8.19 -15.13
CA ALA H 29 -21.99 -8.77 -16.14
C ALA H 29 -23.34 -9.21 -15.49
N GLN H 30 -23.25 -9.80 -14.30
CA GLN H 30 -24.50 -10.22 -13.61
C GLN H 30 -25.38 -9.03 -13.31
N LYS H 31 -24.76 -7.99 -12.77
CA LYS H 31 -25.49 -6.76 -12.44
C LYS H 31 -26.12 -6.10 -13.66
N ARG H 32 -25.48 -6.24 -14.80
CA ARG H 32 -25.99 -5.72 -16.04
C ARG H 32 -27.02 -6.64 -16.70
N HIS H 33 -27.42 -7.69 -16.00
CA HIS H 33 -28.37 -8.68 -16.54
C HIS H 33 -27.96 -9.37 -17.85
N LYS H 34 -26.67 -9.60 -18.04
CA LYS H 34 -26.19 -10.40 -19.15
C LYS H 34 -26.63 -11.86 -18.98
N ASP H 35 -26.74 -12.59 -20.07
CA ASP H 35 -27.15 -13.99 -19.99
C ASP H 35 -25.97 -14.84 -19.54
N ASN H 37 -25.59 -17.89 -18.72
CA ASN H 37 -25.42 -19.18 -19.36
C ASN H 37 -24.52 -19.17 -20.58
N LYS H 38 -24.48 -18.09 -21.34
CA LYS H 38 -23.61 -18.08 -22.52
C LYS H 38 -22.13 -18.16 -22.08
N LEU H 39 -21.82 -17.38 -21.07
CA LEU H 39 -20.46 -17.39 -20.54
C LEU H 39 -20.09 -18.70 -19.84
N LYS H 40 -20.98 -19.17 -18.97
CA LYS H 40 -20.76 -20.41 -18.23
C LYS H 40 -20.59 -21.57 -19.18
N TYR H 41 -21.40 -21.61 -20.23
CA TYR H 41 -21.25 -22.70 -21.18
C TYR H 41 -19.88 -22.69 -21.86
N LEU H 42 -19.44 -21.50 -22.30
CA LEU H 42 -18.11 -21.43 -22.87
C LEU H 42 -17.00 -21.86 -21.89
N THR H 44 -17.26 -24.02 -19.56
CA THR H 44 -17.23 -25.49 -19.47
C THR H 44 -16.57 -26.08 -20.69
N LEU H 45 -16.80 -25.51 -21.87
CA LEU H 45 -16.06 -26.05 -23.03
C LEU H 45 -14.55 -26.00 -22.82
N LEU H 46 -14.08 -24.87 -22.33
CA LEU H 46 -12.62 -24.73 -22.10
C LEU H 46 -12.13 -25.72 -21.00
N ILE H 47 -12.87 -25.80 -19.91
CA ILE H 47 -12.53 -26.72 -18.79
C ILE H 47 -12.52 -28.17 -19.30
N ASN H 48 -13.45 -28.48 -20.21
CA ASN H 48 -13.57 -29.85 -20.75
C ASN H 48 -12.62 -30.16 -21.90
N ASN H 49 -11.68 -29.26 -22.18
CA ASN H 49 -10.71 -29.46 -23.27
C ASN H 49 -11.33 -29.65 -24.66
N THR H 50 -12.37 -28.86 -24.93
CA THR H 50 -13.03 -28.87 -26.23
C THR H 50 -12.31 -27.96 -27.20
N LEU H 51 -11.15 -28.41 -27.69
CA LEU H 51 -10.33 -27.53 -28.47
C LEU H 51 -9.98 -28.19 -29.81
N PRO H 52 -9.96 -27.41 -30.89
CA PRO H 52 -10.29 -25.98 -30.92
C PRO H 52 -11.78 -25.76 -30.62
N LEU H 53 -12.10 -24.57 -30.13
CA LEU H 53 -13.50 -24.24 -29.85
C LEU H 53 -14.34 -24.23 -31.10
N PRO H 54 -15.65 -24.47 -30.94
CA PRO H 54 -16.56 -24.29 -32.07
C PRO H 54 -16.34 -22.93 -32.75
N ALA H 55 -16.55 -22.92 -34.07
CA ALA H 55 -16.26 -21.75 -34.89
C ALA H 55 -17.03 -20.50 -34.47
N VAL H 56 -18.22 -20.67 -33.93
CA VAL H 56 -19.06 -19.55 -33.53
C VAL H 56 -18.37 -18.65 -32.49
N TYR H 57 -17.44 -19.20 -31.72
CA TYR H 57 -16.74 -18.40 -30.72
C TYR H 57 -15.64 -17.48 -31.25
N LYS H 58 -15.28 -17.67 -32.52
CA LYS H 58 -14.30 -16.80 -33.20
C LYS H 58 -13.03 -16.67 -32.36
N ASP H 59 -12.60 -17.78 -31.78
CA ASP H 59 -11.48 -17.81 -30.85
C ASP H 59 -10.13 -17.53 -31.57
N HIS H 60 -9.29 -16.69 -30.97
CA HIS H 60 -8.04 -16.29 -31.62
C HIS H 60 -7.04 -15.81 -30.55
N PRO H 61 -5.75 -15.81 -30.89
CA PRO H 61 -4.78 -15.25 -29.93
C PRO H 61 -5.09 -13.81 -29.62
N LEU H 62 -4.88 -13.45 -28.35
CA LEU H 62 -5.07 -12.05 -27.93
C LEU H 62 -4.04 -11.14 -28.63
N GLN H 63 -4.49 -9.97 -29.10
CA GLN H 63 -3.61 -8.96 -29.77
C GLN H 63 -2.48 -8.57 -28.80
N GLY H 64 -1.25 -8.55 -29.29
CA GLY H 64 -0.11 -8.15 -28.47
C GLY H 64 0.80 -9.34 -28.25
N SER H 65 1.73 -9.24 -27.30
CA SER H 65 2.70 -10.32 -27.13
C SER H 65 2.57 -10.95 -25.74
N TRP H 66 1.35 -11.35 -25.36
CA TRP H 66 1.05 -11.95 -24.07
C TRP H 66 0.93 -13.44 -24.30
N LYS H 67 1.98 -14.14 -23.95
CA LYS H 67 2.13 -15.53 -24.30
C LYS H 67 1.00 -16.40 -23.76
N GLY H 68 0.39 -17.15 -24.68
CA GLY H 68 -0.65 -18.09 -24.30
C GLY H 68 -2.03 -17.48 -24.13
N TYR H 69 -2.15 -16.16 -24.23
CA TYR H 69 -3.45 -15.53 -24.05
C TYR H 69 -4.29 -15.57 -25.31
N ARG H 70 -5.57 -15.84 -25.12
CA ARG H 70 -6.54 -15.98 -26.23
C ARG H 70 -7.80 -15.15 -25.91
N ASP H 71 -8.65 -14.99 -26.92
CA ASP H 71 -9.78 -14.06 -26.91
C ASP H 71 -10.90 -14.83 -27.62
N ALA H 72 -11.99 -15.08 -26.92
CA ALA H 72 -13.16 -15.76 -27.54
C ALA H 72 -14.38 -14.87 -27.40
N HIS H 73 -15.32 -14.99 -28.33
CA HIS H 73 -16.49 -14.13 -28.29
C HIS H 73 -17.70 -14.90 -27.81
N VAL H 74 -18.19 -14.55 -26.63
CA VAL H 74 -19.44 -15.08 -26.12
C VAL H 74 -20.57 -14.52 -26.98
N GLU H 75 -20.44 -13.23 -27.29
CA GLU H 75 -21.31 -12.53 -28.25
C GLU H 75 -20.40 -11.58 -29.03
N PRO H 76 -20.90 -10.96 -30.12
CA PRO H 76 -20.02 -10.04 -30.87
C PRO H 76 -19.43 -8.93 -29.99
N ASP H 77 -20.12 -8.49 -28.94
CA ASP H 77 -19.51 -7.51 -28.02
C ASP H 77 -19.44 -8.02 -26.61
N TRP H 78 -19.20 -9.32 -26.46
CA TRP H 78 -18.92 -9.87 -25.13
C TRP H 78 -17.78 -10.84 -25.26
N ILE H 79 -16.61 -10.42 -24.75
CA ILE H 79 -15.35 -11.12 -24.98
C ILE H 79 -14.91 -11.84 -23.69
N LEU H 80 -14.28 -13.00 -23.83
CA LEU H 80 -13.60 -13.67 -22.74
C LEU H 80 -12.10 -13.71 -23.07
N ILE H 81 -11.27 -13.19 -22.17
CA ILE H 81 -9.82 -13.32 -22.32
C ILE H 81 -9.33 -14.36 -21.31
N TYR H 82 -8.57 -15.34 -21.78
CA TYR H 82 -8.11 -16.45 -20.95
C TYR H 82 -6.72 -16.87 -21.39
N LYS H 83 -5.97 -17.50 -20.49
CA LYS H 83 -4.68 -18.05 -20.85
C LYS H 83 -4.80 -19.54 -20.88
N LEU H 84 -4.21 -20.14 -21.88
CA LEU H 84 -4.30 -21.58 -22.09
C LEU H 84 -2.95 -22.17 -22.40
N THR H 85 -2.45 -23.05 -21.55
CA THR H 85 -1.22 -23.80 -21.85
C THR H 85 -1.50 -25.26 -21.63
N ASP H 86 -0.51 -26.11 -21.85
CA ASP H 86 -0.69 -27.55 -21.62
C ASP H 86 -1.07 -27.85 -20.18
N LYS H 87 -0.61 -27.03 -19.24
CA LYS H 87 -0.84 -27.29 -17.81
C LYS H 87 -1.91 -26.39 -17.16
N LEU H 88 -2.31 -25.31 -17.82
CA LEU H 88 -3.05 -24.27 -17.15
C LEU H 88 -4.17 -23.67 -17.98
N LEU H 89 -5.31 -23.42 -17.35
CA LEU H 89 -6.40 -22.62 -17.93
C LEU H 89 -6.74 -21.51 -16.95
N ARG H 90 -6.53 -20.25 -17.33
CA ARG H 90 -6.85 -19.16 -16.44
C ARG H 90 -7.85 -18.19 -17.06
N PHE H 91 -8.97 -17.97 -16.38
CA PHE H 91 -9.95 -16.99 -16.80
C PHE H 91 -9.47 -15.60 -16.33
N GLU H 92 -9.20 -14.71 -17.27
CA GLU H 92 -8.47 -13.45 -16.97
C GLU H 92 -9.39 -12.22 -16.89
N ARG H 93 -10.17 -11.99 -17.96
CA ARG H 93 -11.14 -10.89 -17.98
C ARG H 93 -12.33 -11.23 -18.86
N THR H 94 -13.44 -10.53 -18.64
CA THR H 94 -14.55 -10.64 -19.58
C THR H 94 -15.33 -9.34 -19.63
N GLY H 95 -15.85 -8.99 -20.80
CA GLY H 95 -16.65 -7.79 -20.90
C GLY H 95 -16.78 -7.34 -22.33
N THR H 96 -17.25 -6.11 -22.51
CA THR H 96 -17.39 -5.51 -23.84
C THR H 96 -16.03 -5.10 -24.42
N HIS H 97 -15.98 -4.81 -25.71
CA HIS H 97 -14.75 -4.23 -26.31
C HIS H 97 -14.34 -2.97 -25.56
N ALA H 98 -15.29 -2.11 -25.22
CA ALA H 98 -14.94 -0.86 -24.51
C ALA H 98 -14.26 -1.16 -23.18
N ALA H 99 -14.82 -2.13 -22.46
CA ALA H 99 -14.28 -2.46 -21.15
C ALA H 99 -12.88 -3.09 -21.19
N LEU H 100 -12.59 -3.88 -22.24
CA LEU H 100 -11.33 -4.64 -22.29
C LEU H 100 -10.23 -3.99 -23.14
N PHE H 101 -10.62 -3.25 -24.18
CA PHE H 101 -9.72 -2.66 -25.20
C PHE H 101 -9.87 -1.11 -25.30
N GLY H 102 -10.94 -0.56 -24.73
CA GLY H 102 -11.26 0.85 -24.88
C GLY H 102 -10.71 1.72 -23.76
N ALA I 3 7.44 -23.75 31.24
CA ALA I 3 8.84 -23.66 31.64
C ALA I 3 9.39 -22.22 31.76
N ASN I 4 10.68 -22.06 31.48
CA ASN I 4 11.36 -20.76 31.46
C ASN I 4 11.53 -20.16 30.08
N ALA I 5 11.04 -18.95 29.74
CA ALA I 5 11.42 -18.63 28.37
C ALA I 5 12.49 -17.56 28.38
N PHE I 6 13.17 -17.45 27.24
CA PHE I 6 14.24 -16.50 27.05
C PHE I 6 14.17 -15.80 25.73
N VAL I 7 14.57 -14.54 25.72
CA VAL I 7 14.86 -13.84 24.49
C VAL I 7 16.35 -14.01 24.21
N ARG I 8 16.69 -14.39 22.98
CA ARG I 8 18.11 -14.57 22.60
C ARG I 8 18.39 -13.81 21.34
N ALA I 9 19.33 -12.87 21.37
CA ALA I 9 19.60 -12.07 20.15
C ALA I 9 21.10 -11.93 19.89
N ARG I 10 21.53 -12.26 18.67
CA ARG I 10 22.92 -11.96 18.26
C ARG I 10 23.16 -10.46 18.24
N ILE I 11 24.33 -10.04 18.71
CA ILE I 11 24.61 -8.61 18.75
C ILE I 11 26.10 -8.37 18.69
N ASP I 12 26.49 -7.26 18.11
CA ASP I 12 27.89 -6.90 18.13
C ASP I 12 28.40 -6.72 19.54
N GLU I 13 29.56 -7.31 19.86
CA GLU I 13 30.03 -7.26 21.27
C GLU I 13 30.32 -5.83 21.78
N ASP I 14 30.85 -4.96 20.94
CA ASP I 14 31.09 -3.61 21.40
C ASP I 14 29.82 -2.82 21.68
N LEU I 15 28.82 -3.02 20.83
CA LEU I 15 27.52 -2.40 21.05
C LEU I 15 26.97 -2.91 22.39
N LYS I 16 27.05 -4.21 22.58
CA LYS I 16 26.55 -4.79 23.83
C LYS I 16 27.22 -4.14 25.05
N ASN I 17 28.54 -4.04 25.01
CA ASN I 17 29.28 -3.39 26.12
C ASN I 17 28.92 -1.94 26.33
N GLN I 18 28.79 -1.18 25.25
CA GLN I 18 28.43 0.23 25.43
C GLN I 18 27.06 0.38 26.06
N ALA I 19 26.11 -0.40 25.55
CA ALA I 19 24.77 -0.28 26.17
C ALA I 19 24.78 -0.73 27.63
N ALA I 20 25.48 -1.83 27.91
CA ALA I 20 25.58 -2.32 29.29
C ALA I 20 26.18 -1.26 30.22
N ASP I 21 27.19 -0.52 29.76
CA ASP I 21 27.76 0.56 30.59
C ASP I 21 26.74 1.66 30.90
N VAL I 22 26.02 2.08 29.84
CA VAL I 22 24.98 3.09 30.05
C VAL I 22 23.96 2.60 31.07
N LEU I 23 23.44 1.38 30.86
CA LEU I 23 22.41 0.85 31.76
C LEU I 23 22.93 0.66 33.18
N ALA I 24 24.21 0.26 33.31
CA ALA I 24 24.73 -0.01 34.65
C ALA I 24 24.74 1.29 35.44
N GLY I 25 25.02 2.41 34.77
CA GLY I 25 24.89 3.68 35.47
C GLY I 25 23.51 3.98 36.11
N GLY I 27 21.49 1.39 37.26
CA GLY I 27 21.16 0.23 38.07
C GLY I 27 20.45 -0.89 37.30
N LEU I 28 20.52 -0.85 35.98
CA LEU I 28 19.86 -1.82 35.08
C LEU I 28 20.84 -2.72 34.34
N THR I 29 20.38 -3.93 34.01
CA THR I 29 21.05 -4.76 33.02
C THR I 29 20.36 -4.65 31.65
N ILE I 30 21.04 -5.15 30.61
CA ILE I 30 20.42 -5.24 29.31
C ILE I 30 19.14 -6.07 29.40
N SER I 31 19.14 -7.17 30.15
CA SER I 31 17.91 -7.96 30.28
CA SER I 31 17.90 -7.96 30.27
C SER I 31 16.72 -7.17 30.87
N ASP I 32 17.01 -6.28 31.82
CA ASP I 32 15.95 -5.42 32.37
C ASP I 32 15.34 -4.56 31.25
N LEU I 33 16.20 -3.96 30.46
CA LEU I 33 15.74 -3.10 29.37
C LEU I 33 14.93 -3.89 28.31
N VAL I 34 15.38 -5.11 28.02
CA VAL I 34 14.65 -5.96 27.07
C VAL I 34 13.24 -6.22 27.62
N ARG I 35 13.14 -6.58 28.89
CA ARG I 35 11.79 -6.87 29.45
C ARG I 35 10.90 -5.61 29.43
N ILE I 36 11.48 -4.48 29.81
CA ILE I 36 10.70 -3.25 29.85
C ILE I 36 10.19 -2.83 28.43
N THR I 37 11.09 -2.94 27.45
CA THR I 37 10.79 -2.51 26.10
C THR I 37 9.73 -3.43 25.47
N LEU I 38 9.93 -4.73 25.66
CA LEU I 38 8.95 -5.68 25.13
C LEU I 38 7.60 -5.53 25.82
N THR I 39 7.60 -5.20 27.10
CA THR I 39 6.33 -4.97 27.79
C THR I 39 5.61 -3.78 27.16
N LYS I 40 6.35 -2.70 26.91
CA LYS I 40 5.73 -1.56 26.24
C LYS I 40 5.19 -1.91 24.83
N VAL I 41 5.99 -2.63 24.03
CA VAL I 41 5.51 -3.04 22.71
C VAL I 41 4.24 -3.92 22.78
N ALA I 42 4.23 -4.89 23.70
CA ALA I 42 3.09 -5.79 23.84
C ALA I 42 1.84 -5.04 24.28
N ARG I 43 2.00 -4.13 25.24
CA ARG I 43 0.82 -3.48 25.78
CA ARG I 43 0.84 -3.44 25.80
C ARG I 43 0.26 -2.44 24.82
N GLU I 44 1.13 -1.68 24.16
CA GLU I 44 0.66 -0.59 23.27
C GLU I 44 0.37 -1.03 21.83
N LYS I 45 0.80 -2.23 21.49
CA LYS I 45 0.75 -2.76 20.11
C LYS I 45 1.46 -1.79 19.15
N ALA I 46 2.59 -1.23 19.58
CA ALA I 46 3.28 -0.21 18.80
C ALA I 46 4.73 -0.15 19.28
N LEU I 47 5.61 0.48 18.48
CA LEU I 47 6.98 0.68 18.89
C LEU I 47 7.10 1.91 19.77
N PRO I 48 8.11 1.95 20.64
CA PRO I 48 8.52 3.18 21.31
C PRO I 48 8.85 4.22 20.24
N PHE I 49 8.75 5.51 20.59
CA PHE I 49 9.08 6.59 19.63
C PHE I 49 10.56 6.68 19.29
N ASP I 50 10.86 7.17 18.10
CA ASP I 50 12.19 7.71 17.79
C ASP I 50 13.34 6.68 17.86
N LEU I 51 13.04 5.42 17.59
CA LEU I 51 14.10 4.41 17.71
C LEU I 51 15.14 4.58 16.62
N ARG I 52 14.74 5.11 15.46
CA ARG I 52 15.67 5.25 14.33
C ARG I 52 15.60 6.64 13.75
N GLU I 53 16.72 7.13 13.22
CA GLU I 53 16.73 8.41 12.51
C GLU I 53 15.96 8.27 11.21
N PRO I 54 15.40 9.37 10.70
CA PRO I 54 14.82 9.32 9.35
C PRO I 54 15.85 8.76 8.37
N ASN I 55 15.39 7.95 7.44
CA ASN I 55 16.30 7.30 6.51
C ASN I 55 16.73 8.20 5.35
N GLN I 56 17.55 7.65 4.46
CA GLN I 56 18.09 8.46 3.40
C GLN I 56 17.02 9.13 2.52
N LEU I 57 15.97 8.40 2.16
CA LEU I 57 14.92 8.95 1.34
C LEU I 57 14.16 10.11 2.03
N THR I 58 13.88 9.92 3.31
CA THR I 58 13.18 10.96 4.07
C THR I 58 14.07 12.20 4.17
N ILE I 59 15.34 11.97 4.46
CA ILE I 59 16.27 13.09 4.54
C ILE I 59 16.40 13.81 3.17
N GLN I 60 16.41 13.05 2.08
CA GLN I 60 16.51 13.66 0.77
C GLN I 60 15.30 14.49 0.48
N SER I 61 14.12 14.00 0.88
CA SER I 61 12.91 14.77 0.66
C SER I 61 12.93 16.07 1.46
N ILE I 62 13.32 15.99 2.73
CA ILE I 62 13.39 17.20 3.53
C ILE I 62 14.39 18.23 2.95
N LYS I 63 15.59 17.78 2.61
CA LYS I 63 16.56 18.70 2.00
C LYS I 63 16.02 19.31 0.70
N ASN I 64 15.39 18.51 -0.17
CA ASN I 64 14.77 19.09 -1.37
C ASN I 64 13.72 20.14 -1.01
N SER I 65 12.77 19.79 -0.12
CA SER I 65 11.71 20.75 0.24
C SER I 65 12.25 22.04 0.84
N GLU I 66 13.22 21.90 1.72
CA GLU I 66 13.83 23.08 2.32
C GLU I 66 14.52 23.99 1.29
N ALA I 67 15.04 23.40 0.22
CA ALA I 67 15.69 24.14 -0.87
C ALA I 67 14.71 24.64 -1.93
N GLY I 68 13.44 24.33 -1.77
CA GLY I 68 12.47 24.78 -2.75
C GLY I 68 12.35 23.86 -3.94
N ILE I 69 12.92 22.65 -3.83
CA ILE I 69 12.89 21.72 -4.94
C ILE I 69 11.71 20.79 -4.83
N ASP I 70 10.91 20.70 -5.89
CA ASP I 70 9.81 19.75 -5.97
C ASP I 70 8.74 19.95 -4.85
N VAL I 71 8.47 21.19 -4.50
CA VAL I 71 7.44 21.51 -3.51
C VAL I 71 6.26 22.13 -4.24
N HIS I 72 5.05 21.79 -3.81
CA HIS I 72 3.84 22.24 -4.48
C HIS I 72 2.88 22.88 -3.48
N LYS I 73 2.13 23.88 -3.94
CA LYS I 73 1.19 24.59 -3.08
C LYS I 73 -0.25 24.10 -3.27
N ALA I 74 -1.09 24.30 -2.26
CA ALA I 74 -2.52 24.04 -2.42
C ALA I 74 -3.27 25.13 -1.70
N LYS I 75 -4.45 25.48 -2.20
CA LYS I 75 -5.21 26.60 -1.63
C LYS I 75 -6.00 26.18 -0.40
N ASP I 76 -6.42 24.92 -0.36
CA ASP I 76 -7.22 24.44 0.76
C ASP I 76 -7.30 22.92 0.66
N ALA I 77 -8.01 22.31 1.59
CA ALA I 77 -8.09 20.85 1.64
C ALA I 77 -8.62 20.19 0.37
N ASP I 78 -9.71 20.72 -0.18
CA ASP I 78 -10.29 20.11 -1.38
C ASP I 78 -9.31 20.13 -2.56
N ASP I 79 -8.65 21.27 -2.73
CA ASP I 79 -7.64 21.44 -3.75
C ASP I 79 -6.46 20.47 -3.53
N LEU I 80 -6.05 20.34 -2.27
CA LEU I 80 -4.95 19.45 -1.95
C LEU I 80 -5.32 18.00 -2.30
N PHE I 81 -6.50 17.56 -1.87
CA PHE I 81 -6.90 16.17 -2.11
C PHE I 81 -7.03 15.95 -3.62
N ASP I 82 -7.52 16.96 -4.32
CA ASP I 82 -7.61 16.88 -5.77
C ASP I 82 -6.22 16.72 -6.43
N LYS I 83 -5.26 17.53 -6.00
CA LYS I 83 -3.93 17.45 -6.58
C LYS I 83 -3.25 16.11 -6.25
N LEU I 84 -3.57 15.52 -5.09
CA LEU I 84 -2.99 14.23 -4.72
C LEU I 84 -3.74 13.03 -5.30
N GLY I 85 -4.90 13.26 -5.90
CA GLY I 85 -5.68 12.16 -6.43
C GLY I 85 -6.35 11.29 -5.38
N ILE I 86 -6.71 11.87 -4.24
CA ILE I 86 -7.42 11.11 -3.20
C ILE I 86 -8.75 11.73 -2.79
N GLN J 13 -4.21 31.73 8.96
CA GLN J 13 -4.35 30.36 8.45
C GLN J 13 -3.03 30.01 7.77
N ARG J 14 -2.54 28.80 8.01
CA ARG J 14 -1.26 28.37 7.40
C ARG J 14 -1.31 28.13 5.88
N ASP J 15 -0.24 28.51 5.18
CA ASP J 15 -0.04 28.11 3.78
C ASP J 15 0.13 26.58 3.72
N ILE J 16 -0.45 25.95 2.71
CA ILE J 16 -0.40 24.49 2.58
C ILE J 16 0.50 24.07 1.43
N GLU J 17 1.45 23.16 1.73
CA GLU J 17 2.39 22.61 0.75
C GLU J 17 2.42 21.09 0.85
N TYR J 18 2.85 20.45 -0.22
CA TYR J 18 3.20 19.05 -0.14
C TYR J 18 4.43 18.85 -1.00
N SER J 19 5.25 17.88 -0.63
CA SER J 19 6.49 17.60 -1.37
C SER J 19 6.18 16.63 -2.53
N GLY J 20 7.06 16.57 -3.53
CA GLY J 20 6.91 15.59 -4.58
C GLY J 20 6.92 14.17 -4.04
N GLN J 21 7.78 13.95 -3.05
CA GLN J 21 7.86 12.64 -2.44
C GLN J 21 6.53 12.27 -1.80
N TYR J 22 5.88 13.25 -1.17
CA TYR J 22 4.58 13.03 -0.56
C TYR J 22 3.59 12.51 -1.59
N SER J 23 3.60 13.09 -2.78
CA SER J 23 2.67 12.63 -3.83
C SER J 23 2.92 11.16 -4.18
N LYS J 24 4.20 10.83 -4.30
CA LYS J 24 4.53 9.43 -4.55
C LYS J 24 4.10 8.47 -3.41
N ASP J 25 4.32 8.88 -2.17
CA ASP J 25 3.98 8.05 -1.00
C ASP J 25 2.48 7.84 -0.95
N VAL J 26 1.74 8.88 -1.29
CA VAL J 26 0.29 8.77 -1.25
C VAL J 26 -0.19 7.78 -2.32
N LYS J 27 0.42 7.85 -3.50
CA LYS J 27 0.04 6.88 -4.56
C LYS J 27 0.39 5.44 -4.15
N LEU J 28 1.55 5.26 -3.51
CA LEU J 28 1.90 3.95 -3.02
C LEU J 28 0.89 3.43 -1.94
N ALA J 29 0.49 4.26 -0.99
CA ALA J 29 -0.52 3.84 0.00
C ALA J 29 -1.83 3.40 -0.71
N GLN J 30 -2.20 4.16 -1.71
CA GLN J 30 -3.40 3.88 -2.48
C GLN J 30 -3.31 2.49 -3.11
N LYS J 31 -2.19 2.21 -3.76
CA LYS J 31 -1.96 0.89 -4.38
C LYS J 31 -1.99 -0.22 -3.35
N ARG J 32 -1.59 0.10 -2.13
CA ARG J 32 -1.62 -0.90 -1.08
C ARG J 32 -3.03 -1.02 -0.48
N HIS J 33 -4.00 -0.34 -1.07
CA HIS J 33 -5.38 -0.36 -0.57
C HIS J 33 -5.49 0.08 0.91
N LYS J 34 -4.64 1.00 1.33
CA LYS J 34 -4.78 1.59 2.66
C LYS J 34 -6.07 2.42 2.71
N ASP J 35 -6.61 2.59 3.90
CA ASP J 35 -7.85 3.34 4.05
C ASP J 35 -7.49 4.84 3.99
N ASN J 37 -9.22 7.43 3.80
CA ASN J 37 -9.99 8.33 4.64
C ASN J 37 -9.30 8.65 5.98
N LYS J 38 -8.55 7.69 6.52
CA LYS J 38 -7.89 7.91 7.79
C LYS J 38 -6.85 9.00 7.61
N LEU J 39 -6.12 8.91 6.51
CA LEU J 39 -5.10 9.92 6.22
C LEU J 39 -5.75 11.26 5.97
N LYS J 40 -6.80 11.27 5.16
CA LYS J 40 -7.51 12.50 4.87
C LYS J 40 -8.05 13.18 6.15
N TYR J 41 -8.58 12.39 7.07
CA TYR J 41 -9.12 12.96 8.29
C TYR J 41 -8.01 13.64 9.10
N LEU J 42 -6.87 12.94 9.25
CA LEU J 42 -5.72 13.58 9.93
C LEU J 42 -5.24 14.87 9.23
N THR J 44 -6.93 16.89 7.43
CA THR J 44 -7.92 17.96 7.66
C THR J 44 -7.80 18.58 9.05
N LEU J 45 -7.55 17.75 10.07
CA LEU J 45 -7.30 18.29 11.42
C LEU J 45 -6.12 19.26 11.37
N LEU J 46 -5.02 18.88 10.69
CA LEU J 46 -3.84 19.76 10.62
C LEU J 46 -4.14 21.06 9.85
N ILE J 47 -4.80 20.92 8.71
CA ILE J 47 -5.17 22.08 7.89
C ILE J 47 -6.08 23.07 8.65
N ASN J 48 -6.99 22.55 9.45
CA ASN J 48 -7.92 23.39 10.21
C ASN J 48 -7.39 23.88 11.54
N ASN J 49 -6.12 23.61 11.81
CA ASN J 49 -5.49 24.00 13.07
C ASN J 49 -6.28 23.43 14.26
N THR J 50 -6.82 22.22 14.12
CA THR J 50 -7.53 21.59 15.24
C THR J 50 -6.45 20.90 16.09
N LEU J 51 -5.67 21.69 16.83
CA LEU J 51 -4.47 21.25 17.54
C LEU J 51 -4.51 21.64 19.01
N PRO J 52 -3.93 20.81 19.90
CA PRO J 52 -3.24 19.55 19.57
C PRO J 52 -4.14 18.43 19.07
N LEU J 53 -3.52 17.54 18.31
CA LEU J 53 -4.21 16.40 17.77
C LEU J 53 -4.69 15.46 18.88
N PRO J 54 -5.77 14.71 18.61
CA PRO J 54 -6.23 13.62 19.48
C PRO J 54 -5.07 12.67 19.81
N ALA J 55 -5.10 12.12 21.03
CA ALA J 55 -4.02 11.32 21.57
C ALA J 55 -3.70 10.09 20.73
N VAL J 56 -4.72 9.54 20.07
CA VAL J 56 -4.54 8.31 19.29
C VAL J 56 -3.49 8.50 18.18
N TYR J 57 -3.26 9.73 17.73
CA TYR J 57 -2.24 9.97 16.68
C TYR J 57 -0.80 9.97 17.17
N LYS J 58 -0.62 10.00 18.49
CA LYS J 58 0.74 9.90 19.07
C LYS J 58 1.70 10.92 18.44
N ASP J 59 1.22 12.14 18.24
CA ASP J 59 1.95 13.17 17.52
C ASP J 59 3.16 13.63 18.33
N HIS J 60 4.32 13.76 17.69
CA HIS J 60 5.55 14.14 18.40
C HIS J 60 6.55 14.76 17.40
N PRO J 61 7.53 15.52 17.90
CA PRO J 61 8.59 16.01 17.00
C PRO J 61 9.35 14.84 16.36
N LEU J 62 9.72 15.03 15.10
CA LEU J 62 10.50 14.05 14.36
C LEU J 62 11.88 13.85 15.00
N GLN J 63 12.33 12.60 15.11
CA GLN J 63 13.67 12.30 15.63
C GLN J 63 14.75 13.02 14.82
N GLY J 64 15.69 13.66 15.51
CA GLY J 64 16.76 14.34 14.82
C GLY J 64 16.65 15.83 15.01
N SER J 65 17.36 16.60 14.19
CA SER J 65 17.37 18.06 14.42
C SER J 65 16.72 18.74 13.23
N TRP J 66 15.50 18.31 12.93
CA TRP J 66 14.77 18.88 11.80
C TRP J 66 13.73 19.86 12.33
N LYS J 67 14.06 21.15 12.31
CA LYS J 67 13.23 22.16 12.97
C LYS J 67 11.84 22.22 12.42
N GLY J 68 10.86 22.11 13.32
CA GLY J 68 9.46 22.20 12.96
C GLY J 68 8.87 20.91 12.42
N TYR J 69 9.69 19.88 12.20
CA TYR J 69 9.15 18.62 11.66
C TYR J 69 8.55 17.75 12.76
N ARG J 70 7.40 17.16 12.44
CA ARG J 70 6.65 16.35 13.39
C ARG J 70 6.23 15.03 12.72
N ASP J 71 5.75 14.12 13.57
CA ASP J 71 5.52 12.72 13.20
C ASP J 71 4.24 12.30 13.91
N ALA J 72 3.22 11.94 13.13
CA ALA J 72 1.93 11.45 13.67
C ALA J 72 1.64 10.08 13.13
N HIS J 73 0.92 9.27 13.90
CA HIS J 73 0.63 7.91 13.47
C HIS J 73 -0.82 7.81 13.06
N VAL J 74 -1.05 7.63 11.77
CA VAL J 74 -2.40 7.33 11.28
C VAL J 74 -2.76 5.92 11.78
N GLU J 75 -1.80 5.00 11.76
CA GLU J 75 -1.97 3.69 12.39
C GLU J 75 -0.62 3.38 13.03
N PRO J 76 -0.53 2.31 13.87
CA PRO J 76 0.76 2.03 14.52
C PRO J 76 1.90 1.87 13.52
N ASP J 77 1.64 1.38 12.31
CA ASP J 77 2.71 1.35 11.32
C ASP J 77 2.36 2.13 10.03
N TRP J 78 1.64 3.24 10.21
CA TRP J 78 1.41 4.15 9.11
C TRP J 78 1.63 5.58 9.64
N ILE J 79 2.74 6.17 9.20
CA ILE J 79 3.24 7.44 9.73
C ILE J 79 3.07 8.56 8.73
N LEU J 80 2.78 9.75 9.25
CA LEU J 80 2.82 10.98 8.47
C LEU J 80 3.92 11.88 9.02
N ILE J 81 4.84 12.31 8.17
CA ILE J 81 5.84 13.30 8.55
C ILE J 81 5.45 14.62 7.93
N TYR J 82 5.39 15.68 8.73
CA TYR J 82 4.96 16.98 8.20
C TYR J 82 5.74 18.10 8.89
N LYS J 83 5.85 19.26 8.25
CA LYS J 83 6.48 20.39 8.92
C LYS J 83 5.40 21.40 9.31
N LEU J 84 5.53 21.96 10.52
CA LEU J 84 4.54 22.90 11.03
C LEU J 84 5.23 24.08 11.65
N THR J 85 4.99 25.26 11.08
CA THR J 85 5.48 26.51 11.68
C THR J 85 4.26 27.43 11.76
N ASP J 86 4.43 28.64 12.31
CA ASP J 86 3.28 29.55 12.40
C ASP J 86 2.67 29.88 11.03
N LYS J 87 3.47 29.90 9.98
CA LYS J 87 2.94 30.32 8.68
C LYS J 87 2.71 29.15 7.72
N LEU J 88 3.25 27.97 8.01
CA LEU J 88 3.32 26.92 6.99
C LEU J 88 2.99 25.53 7.56
N LEU J 89 2.25 24.77 6.78
CA LEU J 89 2.03 23.36 7.00
C LEU J 89 2.44 22.63 5.71
N ARG J 90 3.48 21.78 5.80
CA ARG J 90 3.92 21.03 4.62
C ARG J 90 3.87 19.52 4.84
N PHE J 91 3.14 18.83 3.97
CA PHE J 91 3.10 17.36 4.02
C PHE J 91 4.32 16.78 3.32
N GLU J 92 5.14 16.07 4.10
CA GLU J 92 6.47 15.72 3.62
C GLU J 92 6.58 14.26 3.16
N ARG J 93 6.21 13.32 4.02
CA ARG J 93 6.24 11.93 3.64
C ARG J 93 5.17 11.16 4.38
N THR J 94 4.81 9.99 3.85
CA THR J 94 3.96 9.08 4.60
C THR J 94 4.30 7.63 4.25
N GLY J 95 4.22 6.73 5.22
CA GLY J 95 4.49 5.33 4.91
C GLY J 95 4.77 4.55 6.19
N THR J 96 5.28 3.34 6.07
CA THR J 96 5.61 2.50 7.24
C THR J 96 6.85 2.98 7.95
N HIS J 97 7.11 2.48 9.17
CA HIS J 97 8.39 2.77 9.83
C HIS J 97 9.53 2.36 8.93
N ALA J 98 9.42 1.19 8.30
CA ALA J 98 10.48 0.72 7.42
C ALA J 98 10.74 1.69 6.26
N ALA J 99 9.68 2.18 5.63
CA ALA J 99 9.81 3.07 4.48
C ALA J 99 10.41 4.44 4.82
N LEU J 100 10.14 4.94 6.06
CA LEU J 100 10.55 6.30 6.45
C LEU J 100 11.81 6.34 7.30
N PHE J 101 12.05 5.28 8.09
CA PHE J 101 13.14 5.25 9.08
C PHE J 101 14.09 4.04 8.87
N GLY J 102 13.64 3.08 8.07
CA GLY J 102 14.35 1.81 7.88
C GLY J 102 15.30 1.77 6.69
N ASN K 4 -7.52 22.82 61.54
CA ASN K 4 -8.49 21.80 61.14
C ASN K 4 -9.60 22.31 60.24
N ALA K 5 -9.81 21.82 59.01
CA ALA K 5 -10.95 22.41 58.35
C ALA K 5 -12.07 21.38 58.27
N PHE K 6 -13.28 21.88 58.10
CA PHE K 6 -14.50 21.09 58.01
C PHE K 6 -15.49 21.58 56.94
N VAL K 7 -16.17 20.65 56.31
CA VAL K 7 -17.36 20.95 55.53
C VAL K 7 -18.54 20.79 56.47
N ARG K 8 -19.42 21.78 56.47
CA ARG K 8 -20.60 21.73 57.33
C ARG K 8 -21.81 22.03 56.46
N ALA K 9 -22.78 21.10 56.40
CA ALA K 9 -23.95 21.32 55.56
C ALA K 9 -25.27 20.95 56.29
N ARG K 10 -26.24 21.86 56.30
CA ARG K 10 -27.61 21.53 56.77
C ARG K 10 -28.28 20.52 55.89
N ILE K 11 -28.98 19.57 56.48
CA ILE K 11 -29.62 18.54 55.71
C ILE K 11 -30.81 17.97 56.47
N ASP K 12 -31.80 17.52 55.74
CA ASP K 12 -32.93 16.85 56.31
C ASP K 12 -32.50 15.58 57.05
N GLU K 13 -33.00 15.40 58.27
CA GLU K 13 -32.54 14.27 59.08
C GLU K 13 -32.89 12.90 58.46
N ASP K 14 -34.06 12.76 57.81
CA ASP K 14 -34.42 11.50 57.19
C ASP K 14 -33.51 11.16 55.99
N LEU K 15 -33.17 12.17 55.19
CA LEU K 15 -32.21 11.97 54.08
C LEU K 15 -30.85 11.52 54.63
N LYS K 16 -30.40 12.22 55.65
CA LYS K 16 -29.12 11.89 56.27
C LYS K 16 -29.11 10.43 56.73
N ASN K 17 -30.16 9.99 57.42
CA ASN K 17 -30.24 8.59 57.86
C ASN K 17 -30.25 7.59 56.71
N GLN K 18 -31.04 7.88 55.68
CA GLN K 18 -31.07 6.92 54.55
C GLN K 18 -29.71 6.79 53.86
N ALA K 19 -29.08 7.93 53.61
CA ALA K 19 -27.76 7.88 52.97
C ALA K 19 -26.74 7.16 53.86
N ALA K 20 -26.77 7.47 55.16
CA ALA K 20 -25.87 6.79 56.09
C ALA K 20 -26.07 5.27 56.10
N ASP K 21 -27.32 4.80 56.01
CA ASP K 21 -27.56 3.34 55.93
C ASP K 21 -26.96 2.71 54.66
N VAL K 22 -27.22 3.40 53.54
CA VAL K 22 -26.61 2.89 52.29
C VAL K 22 -25.08 2.80 52.41
N LEU K 23 -24.46 3.88 52.85
CA LEU K 23 -23.01 3.94 52.95
C LEU K 23 -22.46 2.92 53.97
N ALA K 24 -23.21 2.70 55.05
CA ALA K 24 -22.78 1.78 56.13
C ALA K 24 -22.66 0.39 55.56
N GLY K 25 -23.58 0.08 54.64
CA GLY K 25 -23.45 -1.18 53.93
C GLY K 25 -22.13 -1.42 53.16
N GLY K 27 -19.04 0.01 54.25
CA GLY K 27 -17.96 0.42 55.13
C GLY K 27 -17.62 1.90 55.15
N LEU K 28 -18.52 2.73 54.61
CA LEU K 28 -18.29 4.19 54.52
C LEU K 28 -19.19 5.03 55.46
N THR K 29 -18.69 6.18 55.89
CA THR K 29 -19.52 7.21 56.49
C THR K 29 -19.87 8.26 55.43
N ILE K 30 -20.83 9.11 55.75
CA ILE K 30 -21.13 10.25 54.92
C ILE K 30 -19.85 11.13 54.74
N SER K 31 -19.10 11.30 55.80
CA SER K 31 -17.90 12.14 55.71
CA SER K 31 -17.89 12.12 55.73
C SER K 31 -16.87 11.57 54.71
N ASP K 32 -16.77 10.25 54.65
CA ASP K 32 -15.91 9.61 53.64
C ASP K 32 -16.42 10.01 52.20
N LEU K 33 -17.71 9.90 51.99
CA LEU K 33 -18.29 10.20 50.68
C LEU K 33 -18.10 11.68 50.32
N VAL K 34 -18.24 12.56 51.32
CA VAL K 34 -18.02 14.01 51.10
C VAL K 34 -16.56 14.25 50.64
N ARG K 35 -15.61 13.63 51.33
CA ARG K 35 -14.19 13.85 50.94
C ARG K 35 -13.94 13.32 49.52
N ILE K 36 -14.50 12.14 49.24
CA ILE K 36 -14.29 11.53 47.91
C ILE K 36 -14.90 12.35 46.76
N THR K 37 -16.13 12.83 47.00
CA THR K 37 -16.86 13.59 45.97
C THR K 37 -16.19 14.93 45.73
N LEU K 38 -15.83 15.62 46.83
CA LEU K 38 -15.13 16.90 46.66
C LEU K 38 -13.73 16.74 45.99
N THR K 39 -13.05 15.65 46.27
CA THR K 39 -11.76 15.37 45.60
C THR K 39 -11.98 15.24 44.09
N LYS K 40 -13.02 14.49 43.74
CA LYS K 40 -13.32 14.36 42.32
C LYS K 40 -13.65 15.70 41.64
N VAL K 41 -14.51 16.48 42.30
CA VAL K 41 -14.85 17.79 41.78
C VAL K 41 -13.61 18.69 41.63
N ALA K 42 -12.78 18.67 42.66
CA ALA K 42 -11.58 19.53 42.65
C ALA K 42 -10.59 19.12 41.54
N ARG K 43 -10.38 17.83 41.36
CA ARG K 43 -9.44 17.37 40.35
CA ARG K 43 -9.44 17.38 40.37
C ARG K 43 -9.96 17.58 38.95
N GLU K 44 -11.23 17.25 38.73
CA GLU K 44 -11.75 17.27 37.36
C GLU K 44 -12.30 18.60 36.90
N LYS K 45 -12.47 19.50 37.84
CA LYS K 45 -13.11 20.80 37.59
C LYS K 45 -14.51 20.63 36.96
N ALA K 46 -15.26 19.65 37.43
CA ALA K 46 -16.56 19.29 36.85
C ALA K 46 -17.36 18.50 37.89
N LEU K 47 -18.68 18.33 37.70
CA LEU K 47 -19.48 17.50 38.61
C LEU K 47 -19.42 16.04 38.21
N PRO K 48 -19.61 15.14 39.17
CA PRO K 48 -19.91 13.73 38.85
C PRO K 48 -21.13 13.69 37.94
N PHE K 49 -21.23 12.64 37.15
CA PHE K 49 -22.37 12.46 36.22
C PHE K 49 -23.68 12.22 36.96
N ASP K 50 -24.76 12.63 36.32
CA ASP K 50 -26.08 12.07 36.66
C ASP K 50 -26.59 12.39 38.09
N LEU K 51 -26.18 13.52 38.65
CA LEU K 51 -26.59 13.81 40.03
C LEU K 51 -28.07 14.12 40.15
N ARG K 52 -28.62 14.66 39.06
CA ARG K 52 -30.01 15.09 39.04
C ARG K 52 -30.75 14.61 37.80
N GLU K 53 -32.04 14.38 37.93
CA GLU K 53 -32.88 14.05 36.79
C GLU K 53 -33.05 15.23 35.90
N PRO K 54 -33.31 14.99 34.61
CA PRO K 54 -33.69 16.10 33.73
C PRO K 54 -34.88 16.87 34.35
N ASN K 55 -34.85 18.19 34.23
CA ASN K 55 -35.90 19.03 34.85
C ASN K 55 -37.21 19.12 34.03
N GLN K 56 -38.18 19.88 34.54
CA GLN K 56 -39.50 19.93 33.90
C GLN K 56 -39.40 20.39 32.44
N LEU K 57 -38.63 21.42 32.13
CA LEU K 57 -38.51 21.91 30.75
C LEU K 57 -37.86 20.86 29.83
N THR K 58 -36.84 20.17 30.32
CA THR K 58 -36.18 19.15 29.51
C THR K 58 -37.13 17.99 29.22
N ILE K 59 -37.85 17.55 30.26
CA ILE K 59 -38.82 16.47 30.12
C ILE K 59 -39.92 16.90 29.18
N GLN K 60 -40.35 18.15 29.26
CA GLN K 60 -41.40 18.62 28.36
C GLN K 60 -40.92 18.60 26.91
N SER K 61 -39.67 18.99 26.67
CA SER K 61 -39.14 18.93 25.33
C SER K 61 -39.06 17.50 24.78
N ILE K 62 -38.56 16.58 25.62
CA ILE K 62 -38.47 15.16 25.23
C ILE K 62 -39.87 14.59 24.90
N LYS K 63 -40.83 14.85 25.78
CA LYS K 63 -42.22 14.41 25.56
C LYS K 63 -42.84 14.99 24.26
N ASN K 64 -42.65 16.28 24.02
CA ASN K 64 -43.09 16.88 22.78
C ASN K 64 -42.47 16.20 21.57
N SER K 65 -41.14 16.09 21.59
CA SER K 65 -40.40 15.50 20.48
C SER K 65 -40.82 14.06 20.19
N GLU K 66 -40.96 13.23 21.23
CA GLU K 66 -41.41 11.88 21.00
C GLU K 66 -42.83 11.82 20.43
N ALA K 67 -43.66 12.81 20.76
CA ALA K 67 -45.03 12.87 20.26
C ALA K 67 -45.14 13.54 18.88
N GLY K 68 -44.01 14.00 18.34
CA GLY K 68 -43.99 14.65 17.05
C GLY K 68 -44.32 16.12 17.09
N ILE K 69 -44.32 16.68 18.29
CA ILE K 69 -44.66 18.06 18.43
C ILE K 69 -43.42 18.94 18.39
N ASP K 70 -43.47 19.95 17.52
CA ASP K 70 -42.43 20.94 17.42
C ASP K 70 -41.06 20.35 17.04
N VAL K 71 -41.06 19.36 16.17
CA VAL K 71 -39.80 18.76 15.72
C VAL K 71 -39.49 19.20 14.33
N HIS K 72 -38.22 19.46 14.03
CA HIS K 72 -37.84 19.98 12.75
C HIS K 72 -36.72 19.14 12.12
N LYS K 73 -36.75 18.99 10.80
CA LYS K 73 -35.77 18.21 10.08
C LYS K 73 -34.72 19.11 9.47
N ALA K 74 -33.55 18.53 9.21
CA ALA K 74 -32.50 19.19 8.44
C ALA K 74 -31.88 18.16 7.53
N LYS K 75 -31.41 18.61 6.37
CA LYS K 75 -30.89 17.70 5.36
C LYS K 75 -29.43 17.30 5.64
N ASP K 76 -28.70 18.20 6.26
CA ASP K 76 -27.29 17.99 6.55
C ASP K 76 -26.80 19.08 7.50
N ALA K 77 -25.51 19.06 7.84
CA ALA K 77 -24.97 20.01 8.81
C ALA K 77 -25.17 21.49 8.43
N ASP K 78 -24.88 21.84 7.18
CA ASP K 78 -25.02 23.22 6.75
C ASP K 78 -26.49 23.69 6.83
N ASP K 79 -27.42 22.84 6.38
CA ASP K 79 -28.84 23.15 6.45
C ASP K 79 -29.31 23.36 7.91
N LEU K 80 -28.82 22.49 8.79
CA LEU K 80 -29.13 22.56 10.20
C LEU K 80 -28.62 23.87 10.81
N PHE K 81 -27.36 24.19 10.53
CA PHE K 81 -26.80 25.41 11.09
C PHE K 81 -27.50 26.66 10.57
N ASP K 82 -27.85 26.67 9.28
CA ASP K 82 -28.59 27.80 8.74
C ASP K 82 -29.95 27.92 9.43
N LYS K 83 -30.64 26.80 9.58
CA LYS K 83 -31.94 26.84 10.21
C LYS K 83 -31.86 27.27 11.68
N LEU K 84 -30.77 26.93 12.36
CA LEU K 84 -30.60 27.33 13.76
C LEU K 84 -30.05 28.74 13.85
N GLY K 85 -29.64 29.31 12.71
CA GLY K 85 -29.07 30.64 12.71
C GLY K 85 -27.69 30.76 13.31
N ILE K 86 -26.88 29.71 13.19
CA ILE K 86 -25.51 29.77 13.69
C ILE K 86 -24.47 29.46 12.62
N ILE L 12 -28.30 4.07 6.20
CA ILE L 12 -26.91 4.38 6.52
C ILE L 12 -26.79 5.68 7.32
N GLN L 13 -26.99 6.81 6.64
CA GLN L 13 -26.77 8.11 7.25
C GLN L 13 -27.97 8.36 8.20
N ARG L 14 -27.72 8.77 9.44
CA ARG L 14 -28.88 9.02 10.31
C ARG L 14 -29.64 10.25 9.84
N ASP L 15 -30.97 10.19 9.94
CA ASP L 15 -31.81 11.38 9.78
C ASP L 15 -31.54 12.41 10.88
N ILE L 16 -31.55 13.69 10.52
CA ILE L 16 -31.24 14.75 11.46
C ILE L 16 -32.49 15.55 11.87
N GLU L 17 -32.72 15.68 13.18
CA GLU L 17 -33.84 16.47 13.69
C GLU L 17 -33.33 17.43 14.76
N TYR L 18 -34.11 18.48 15.01
CA TYR L 18 -33.89 19.28 16.21
C TYR L 18 -35.25 19.69 16.76
N SER L 19 -35.32 19.85 18.06
CA SER L 19 -36.57 20.22 18.71
C SER L 19 -36.72 21.75 18.71
N GLY L 20 -37.95 22.23 18.90
CA GLY L 20 -38.18 23.66 19.05
C GLY L 20 -37.40 24.25 20.22
N GLN L 21 -37.38 23.46 21.31
CA GLN L 21 -36.67 23.89 22.50
C GLN L 21 -35.18 24.05 22.15
N TYR L 22 -34.66 23.14 21.34
CA TYR L 22 -33.26 23.26 20.96
C TYR L 22 -32.97 24.61 20.31
N SER L 23 -33.85 25.03 19.41
CA SER L 23 -33.66 26.31 18.73
C SER L 23 -33.64 27.45 19.69
N LYS L 24 -34.58 27.41 20.64
CA LYS L 24 -34.53 28.47 21.66
C LYS L 24 -33.23 28.47 22.51
N ASP L 25 -32.77 27.29 22.90
CA ASP L 25 -31.58 27.15 23.74
C ASP L 25 -30.35 27.66 22.97
N VAL L 26 -30.32 27.38 21.67
CA VAL L 26 -29.18 27.82 20.86
C VAL L 26 -29.19 29.35 20.76
N LYS L 27 -30.39 29.90 20.60
CA LYS L 27 -30.49 31.36 20.56
C LYS L 27 -30.06 32.01 21.88
N LEU L 28 -30.45 31.41 22.99
CA LEU L 28 -30.01 31.90 24.30
C LEU L 28 -28.46 31.79 24.43
N ALA L 29 -27.88 30.67 24.02
CA ALA L 29 -26.42 30.54 24.06
C ALA L 29 -25.75 31.67 23.23
N GLN L 30 -26.32 31.97 22.07
CA GLN L 30 -25.78 33.04 21.21
C GLN L 30 -25.82 34.38 21.93
N LYS L 31 -26.98 34.67 22.52
CA LYS L 31 -27.17 35.92 23.24
C LYS L 31 -26.17 36.02 24.41
N ARG L 32 -25.78 34.90 25.00
CA ARG L 32 -24.79 34.92 26.09
C ARG L 32 -23.35 34.97 25.53
N HIS L 33 -23.20 35.13 24.22
CA HIS L 33 -21.87 35.14 23.59
C HIS L 33 -21.03 33.88 23.88
N LYS L 34 -21.68 32.72 24.00
CA LYS L 34 -20.96 31.44 24.13
C LYS L 34 -20.24 31.18 22.81
N ASP L 35 -19.18 30.40 22.86
CA ASP L 35 -18.39 30.08 21.66
C ASP L 35 -19.11 29.05 20.82
N ASN L 37 -18.75 27.87 17.95
CA ASN L 37 -17.94 26.88 17.25
C ASN L 37 -17.71 25.58 17.99
N LYS L 38 -17.66 25.61 19.32
CA LYS L 38 -17.44 24.38 20.09
C LYS L 38 -18.66 23.46 19.91
N LEU L 39 -19.84 24.09 19.97
CA LEU L 39 -21.10 23.37 19.82
C LEU L 39 -21.19 22.82 18.40
N LYS L 40 -20.87 23.66 17.45
CA LYS L 40 -20.89 23.25 16.05
C LYS L 40 -19.98 22.06 15.78
N TYR L 41 -18.80 22.08 16.38
CA TYR L 41 -17.86 20.99 16.17
C TYR L 41 -18.41 19.66 16.73
N LEU L 42 -18.94 19.72 17.95
CA LEU L 42 -19.57 18.52 18.50
C LEU L 42 -20.75 17.99 17.63
N THR L 44 -21.12 18.38 14.53
CA THR L 44 -20.60 17.79 13.30
C THR L 44 -20.07 16.39 13.50
N LEU L 45 -19.38 16.19 14.63
CA LEU L 45 -18.93 14.84 14.96
C LEU L 45 -20.11 13.88 15.02
N LEU L 46 -21.19 14.30 15.69
CA LEU L 46 -22.36 13.43 15.79
C LEU L 46 -23.01 13.18 14.42
N ILE L 47 -23.18 14.25 13.66
CA ILE L 47 -23.79 14.10 12.35
C ILE L 47 -23.00 13.15 11.43
N ASN L 48 -21.66 13.23 11.50
CA ASN L 48 -20.80 12.39 10.66
C ASN L 48 -20.52 11.00 11.22
N ASN L 49 -21.20 10.66 12.31
CA ASN L 49 -21.02 9.35 12.96
C ASN L 49 -19.55 9.08 13.32
N THR L 50 -18.84 10.12 13.75
CA THR L 50 -17.47 10.00 14.20
C THR L 50 -17.54 9.59 15.66
N LEU L 51 -17.88 8.33 15.90
CA LEU L 51 -18.22 7.79 17.22
C LEU L 51 -17.38 6.57 17.49
N PRO L 52 -17.02 6.33 18.78
CA PRO L 52 -17.38 7.15 19.95
C PRO L 52 -16.71 8.53 19.95
N LEU L 53 -17.35 9.47 20.64
CA LEU L 53 -16.78 10.82 20.75
C LEU L 53 -15.46 10.83 21.50
N PRO L 54 -14.62 11.82 21.21
CA PRO L 54 -13.41 12.11 22.00
C PRO L 54 -13.73 12.19 23.51
N ALA L 55 -12.78 11.76 24.35
CA ALA L 55 -12.99 11.66 25.79
C ALA L 55 -13.36 12.97 26.47
N VAL L 56 -12.87 14.08 25.92
CA VAL L 56 -13.11 15.39 26.52
C VAL L 56 -14.59 15.72 26.61
N TYR L 57 -15.39 15.12 25.73
CA TYR L 57 -16.84 15.39 25.78
C TYR L 57 -17.61 14.63 26.90
N LYS L 58 -16.96 13.67 27.55
CA LYS L 58 -17.58 12.94 28.69
C LYS L 58 -18.97 12.42 28.32
N ASP L 59 -19.11 11.87 27.13
CA ASP L 59 -20.40 11.47 26.60
C ASP L 59 -20.96 10.28 27.38
N HIS L 60 -22.25 10.30 27.73
CA HIS L 60 -22.83 9.23 28.54
C HIS L 60 -24.35 9.19 28.37
N PRO L 61 -25.00 8.05 28.68
CA PRO L 61 -26.48 8.03 28.63
C PRO L 61 -27.09 9.05 29.60
N LEU L 62 -28.19 9.67 29.17
CA LEU L 62 -28.90 10.64 30.01
C LEU L 62 -29.47 9.95 31.26
N GLN L 63 -29.33 10.61 32.40
CA GLN L 63 -29.90 10.11 33.66
C GLN L 63 -31.42 9.89 33.51
N GLY L 64 -31.89 8.72 33.94
CA GLY L 64 -33.31 8.44 33.86
C GLY L 64 -33.57 7.31 32.86
N SER L 65 -34.82 7.18 32.44
CA SER L 65 -35.21 6.06 31.58
C SER L 65 -35.66 6.58 30.23
N TRP L 66 -34.80 7.39 29.60
CA TRP L 66 -35.12 7.96 28.31
C TRP L 66 -34.36 7.22 27.24
N LYS L 67 -35.01 6.28 26.58
CA LYS L 67 -34.28 5.38 25.68
C LYS L 67 -33.57 6.11 24.51
N GLY L 68 -32.29 5.84 24.35
CA GLY L 68 -31.50 6.41 23.29
C GLY L 68 -30.97 7.81 23.55
N TYR L 69 -31.39 8.42 24.66
CA TYR L 69 -30.92 9.77 24.96
C TYR L 69 -29.54 9.81 25.64
N ARG L 70 -28.71 10.76 25.22
CA ARG L 70 -27.33 10.92 25.71
C ARG L 70 -27.05 12.38 26.03
N ASP L 71 -25.92 12.61 26.71
CA ASP L 71 -25.55 13.85 27.34
C ASP L 71 -24.05 13.97 27.09
N ALA L 72 -23.63 15.02 26.38
CA ALA L 72 -22.19 15.27 26.13
C ALA L 72 -21.85 16.69 26.68
N HIS L 73 -20.61 16.93 27.11
CA HIS L 73 -20.25 18.23 27.68
C HIS L 73 -19.41 18.99 26.68
N VAL L 74 -19.98 20.07 26.15
CA VAL L 74 -19.23 21.00 25.29
C VAL L 74 -18.21 21.69 26.21
N GLU L 75 -18.64 22.03 27.44
CA GLU L 75 -17.73 22.54 28.49
C GLU L 75 -18.24 21.91 29.79
N PRO L 76 -17.47 22.04 30.91
CA PRO L 76 -17.95 21.40 32.16
C PRO L 76 -19.36 21.84 32.56
N ASP L 77 -19.75 23.07 32.24
CA ASP L 77 -21.12 23.49 32.51
C ASP L 77 -21.87 23.93 31.25
N TRP L 78 -21.57 23.27 30.13
CA TRP L 78 -22.34 23.48 28.90
C TRP L 78 -22.61 22.09 28.27
N ILE L 79 -23.87 21.68 28.38
CA ILE L 79 -24.29 20.32 28.07
C ILE L 79 -25.13 20.32 26.80
N LEU L 80 -24.98 19.25 26.03
CA LEU L 80 -25.86 18.93 24.89
C LEU L 80 -26.59 17.62 25.18
N ILE L 81 -27.91 17.65 25.10
CA ILE L 81 -28.73 16.45 25.20
C ILE L 81 -29.25 16.11 23.82
N TYR L 82 -29.06 14.85 23.41
CA TYR L 82 -29.47 14.42 22.07
C TYR L 82 -29.95 12.98 22.13
N LYS L 83 -30.78 12.60 21.15
CA LYS L 83 -31.22 11.23 21.06
C LYS L 83 -30.48 10.60 19.87
N LEU L 84 -30.00 9.37 20.05
CA LEU L 84 -29.21 8.68 19.03
C LEU L 84 -29.72 7.25 18.91
N THR L 85 -30.24 6.92 17.73
CA THR L 85 -30.62 5.54 17.42
C THR L 85 -29.97 5.18 16.10
N ASP L 86 -30.20 3.95 15.62
CA ASP L 86 -29.61 3.57 14.34
C ASP L 86 -30.09 4.46 13.19
N LYS L 87 -31.31 4.98 13.29
CA LYS L 87 -31.89 5.74 12.17
C LYS L 87 -31.92 7.25 12.37
N LEU L 88 -31.71 7.70 13.60
CA LEU L 88 -32.03 9.09 13.92
C LEU L 88 -31.01 9.74 14.84
N LEU L 89 -30.70 11.01 14.56
CA LEU L 89 -29.96 11.87 15.50
C LEU L 89 -30.81 13.11 15.72
N ARG L 90 -31.26 13.32 16.96
CA ARG L 90 -32.06 14.52 17.26
C ARG L 90 -31.42 15.38 18.32
N PHE L 91 -31.17 16.65 17.99
CA PHE L 91 -30.67 17.62 18.97
C PHE L 91 -31.82 18.14 19.81
N GLU L 92 -31.76 17.86 21.13
CA GLU L 92 -32.94 18.04 21.97
C GLU L 92 -32.88 19.32 22.81
N ARG L 93 -31.80 19.51 23.58
CA ARG L 93 -31.62 20.71 24.39
C ARG L 93 -30.14 20.99 24.55
N THR L 94 -29.82 22.24 24.89
CA THR L 94 -28.47 22.57 25.29
C THR L 94 -28.50 23.71 26.32
N GLY L 95 -27.56 23.68 27.27
CA GLY L 95 -27.48 24.72 28.29
C GLY L 95 -26.65 24.31 29.50
N THR L 96 -26.76 25.08 30.59
CA THR L 96 -26.04 24.78 31.84
C THR L 96 -26.67 23.59 32.55
N HIS L 97 -25.96 23.04 33.53
CA HIS L 97 -26.58 22.03 34.39
C HIS L 97 -27.87 22.57 35.00
N ALA L 98 -27.82 23.82 35.44
CA ALA L 98 -28.99 24.43 36.07
C ALA L 98 -30.22 24.49 35.14
N ALA L 99 -30.01 24.89 33.89
CA ALA L 99 -31.09 25.03 32.91
C ALA L 99 -31.71 23.72 32.49
N LEU L 100 -30.91 22.66 32.49
CA LEU L 100 -31.38 21.37 31.98
C LEU L 100 -31.82 20.38 33.09
N PHE L 101 -31.19 20.47 34.27
CA PHE L 101 -31.37 19.53 35.38
C PHE L 101 -31.83 20.22 36.68
N GLY L 102 -31.69 21.54 36.73
N GLY L 102 -31.72 21.54 36.73
CA GLY L 102 -31.95 22.28 37.97
CA GLY L 102 -32.00 22.28 37.96
C GLY L 102 -33.37 22.81 38.05
C GLY L 102 -33.42 22.80 38.12
N ASN M 4 -8.74 20.96 -40.09
CA ASN M 4 -9.51 19.74 -39.79
C ASN M 4 -9.54 18.80 -41.00
N ALA M 5 -9.06 17.55 -40.89
CA ALA M 5 -9.17 16.77 -42.10
C ALA M 5 -10.24 15.71 -41.93
N PHE M 6 -10.66 15.21 -43.09
CA PHE M 6 -11.72 14.20 -43.15
C PHE M 6 -11.43 13.07 -44.10
N VAL M 7 -11.90 11.89 -43.72
CA VAL M 7 -11.99 10.78 -44.67
C VAL M 7 -13.38 10.82 -45.28
N ARG M 8 -13.48 10.75 -46.60
CA ARG M 8 -14.77 10.78 -47.29
C ARG M 8 -14.81 9.62 -48.25
N ALA M 9 -15.79 8.72 -48.10
CA ALA M 9 -15.87 7.53 -48.97
C ALA M 9 -17.30 7.32 -49.45
N ARG M 10 -17.44 7.15 -50.77
CA ARG M 10 -18.71 6.79 -51.39
C ARG M 10 -19.12 5.39 -50.92
N ILE M 11 -20.38 5.14 -50.61
CA ILE M 11 -20.75 3.81 -50.14
C ILE M 11 -22.24 3.49 -50.40
N ASP M 12 -22.57 2.24 -50.61
CA ASP M 12 -23.98 1.83 -50.74
C ASP M 12 -24.77 2.14 -49.46
N GLU M 13 -25.95 2.74 -49.59
CA GLU M 13 -26.70 3.18 -48.41
C GLU M 13 -27.12 2.04 -47.51
N ASP M 14 -27.51 0.91 -48.09
CA ASP M 14 -27.88 -0.21 -47.24
C ASP M 14 -26.73 -0.79 -46.48
N LEU M 15 -25.57 -0.88 -47.12
CA LEU M 15 -24.39 -1.32 -46.41
C LEU M 15 -24.05 -0.35 -45.27
N LYS M 16 -24.09 0.95 -45.56
CA LYS M 16 -23.80 1.97 -44.55
C LYS M 16 -24.76 1.76 -43.35
N ASN M 17 -26.07 1.61 -43.62
CA ASN M 17 -27.04 1.38 -42.52
C ASN M 17 -26.82 0.08 -41.74
N GLN M 18 -26.52 -1.03 -42.42
CA GLN M 18 -26.30 -2.28 -41.70
C GLN M 18 -25.07 -2.19 -40.78
N ALA M 19 -23.99 -1.61 -41.32
CA ALA M 19 -22.77 -1.44 -40.51
C ALA M 19 -23.01 -0.50 -39.32
N ALA M 20 -23.72 0.61 -39.59
CA ALA M 20 -24.05 1.54 -38.51
C ALA M 20 -24.90 0.87 -37.40
N ASP M 21 -25.84 -0.01 -37.77
CA ASP M 21 -26.66 -0.73 -36.77
C ASP M 21 -25.80 -1.65 -35.87
N VAL M 22 -24.92 -2.40 -36.54
CA VAL M 22 -23.99 -3.28 -35.80
C VAL M 22 -23.16 -2.47 -34.82
N LEU M 23 -22.57 -1.40 -35.32
CA LEU M 23 -21.70 -0.58 -34.49
C LEU M 23 -22.46 0.11 -33.35
N ALA M 24 -23.70 0.51 -33.60
CA ALA M 24 -24.49 1.21 -32.59
C ALA M 24 -24.71 0.28 -31.42
N GLY M 25 -24.88 -0.99 -31.71
CA GLY M 25 -24.94 -1.95 -30.61
C GLY M 25 -23.74 -1.98 -29.67
N GLY M 27 -21.83 0.92 -28.95
CA GLY M 27 -21.52 2.29 -28.61
C GLY M 27 -20.62 3.04 -29.60
N LEU M 28 -20.46 2.50 -30.80
CA LEU M 28 -19.59 3.11 -31.84
C LEU M 28 -20.38 3.69 -33.03
N THR M 29 -19.82 4.73 -33.67
CA THR M 29 -20.22 5.17 -34.99
C THR M 29 -19.28 4.59 -36.04
N ILE M 30 -19.69 4.69 -37.30
CA ILE M 30 -18.83 4.34 -38.40
C ILE M 30 -17.52 5.16 -38.33
N SER M 31 -17.62 6.45 -38.00
CA SER M 31 -16.43 7.30 -37.91
CA SER M 31 -16.42 7.27 -37.96
C SER M 31 -15.42 6.78 -36.89
N ASP M 32 -15.93 6.27 -35.78
CA ASP M 32 -15.05 5.64 -34.77
C ASP M 32 -14.29 4.44 -35.39
N LEU M 33 -15.02 3.59 -36.08
CA LEU M 33 -14.41 2.41 -36.68
C LEU M 33 -13.39 2.83 -37.76
N VAL M 34 -13.69 3.88 -38.52
CA VAL M 34 -12.73 4.39 -39.52
C VAL M 34 -11.42 4.82 -38.86
N ARG M 35 -11.54 5.61 -37.78
CA ARG M 35 -10.33 6.07 -37.09
C ARG M 35 -9.54 4.90 -36.50
N ILE M 36 -10.26 3.96 -35.89
CA ILE M 36 -9.59 2.83 -35.27
C ILE M 36 -8.86 1.96 -36.30
N THR M 37 -9.55 1.71 -37.40
CA THR M 37 -9.01 0.84 -38.44
C THR M 37 -7.82 1.50 -39.12
N LEU M 38 -7.97 2.78 -39.46
CA LEU M 38 -6.83 3.47 -40.10
C LEU M 38 -5.62 3.57 -39.13
N THR M 39 -5.89 3.72 -37.83
CA THR M 39 -4.81 3.76 -36.85
C THR M 39 -4.04 2.44 -36.83
N LYS M 40 -4.78 1.33 -36.83
CA LYS M 40 -4.12 0.02 -36.91
C LYS M 40 -3.28 -0.15 -38.21
N VAL M 41 -3.85 0.23 -39.35
CA VAL M 41 -3.11 0.16 -40.61
C VAL M 41 -1.84 1.03 -40.59
N ALA M 42 -1.98 2.24 -40.08
CA ALA M 42 -0.83 3.15 -40.03
C ALA M 42 0.29 2.64 -39.10
N ARG M 43 -0.08 2.13 -37.92
CA ARG M 43 0.93 1.64 -36.97
CA ARG M 43 0.89 1.60 -36.94
C ARG M 43 1.58 0.34 -37.41
N GLU M 44 0.79 -0.59 -37.94
CA GLU M 44 1.33 -1.91 -38.27
C GLU M 44 1.89 -2.00 -39.68
N LYS M 45 1.62 -1.00 -40.50
CA LYS M 45 1.99 -1.01 -41.93
C LYS M 45 1.42 -2.28 -42.60
N ALA M 46 0.20 -2.62 -42.24
CA ALA M 46 -0.42 -3.88 -42.71
C ALA M 46 -1.92 -3.79 -42.56
N LEU M 47 -2.64 -4.68 -43.23
CA LEU M 47 -4.08 -4.73 -43.07
C LEU M 47 -4.46 -5.56 -41.86
N PRO M 48 -5.61 -5.26 -41.26
CA PRO M 48 -6.23 -6.18 -40.31
C PRO M 48 -6.43 -7.53 -40.98
N PHE M 49 -6.50 -8.60 -40.18
CA PHE M 49 -6.71 -9.97 -40.69
C PHE M 49 -8.09 -10.18 -41.28
N ASP M 50 -8.17 -11.09 -42.25
CA ASP M 50 -9.47 -11.69 -42.61
C ASP M 50 -10.52 -10.72 -43.17
N LEU M 51 -10.11 -9.63 -43.80
CA LEU M 51 -11.09 -8.66 -44.27
C LEU M 51 -11.92 -9.19 -45.44
N ARG M 52 -11.34 -10.11 -46.20
CA ARG M 52 -12.00 -10.67 -47.39
C ARG M 52 -11.93 -12.19 -47.42
N GLU M 53 -12.95 -12.84 -47.98
CA GLU M 53 -12.91 -14.30 -48.19
C GLU M 53 -11.90 -14.62 -49.26
N PRO M 54 -11.34 -15.83 -49.24
CA PRO M 54 -10.50 -16.27 -50.37
C PRO M 54 -11.29 -16.10 -51.66
N ASN M 55 -10.60 -15.68 -52.69
CA ASN M 55 -11.24 -15.41 -53.97
C ASN M 55 -11.49 -16.71 -54.78
N GLN M 56 -12.10 -16.55 -55.97
CA GLN M 56 -12.51 -17.69 -56.80
C GLN M 56 -11.31 -18.58 -57.12
N LEU M 57 -10.17 -18.00 -57.47
CA LEU M 57 -8.99 -18.80 -57.80
C LEU M 57 -8.47 -19.59 -56.59
N THR M 58 -8.46 -18.95 -55.42
CA THR M 58 -8.00 -19.65 -54.22
C THR M 58 -8.95 -20.82 -53.86
N ILE M 59 -10.25 -20.54 -53.93
CA ILE M 59 -11.27 -21.54 -53.66
C ILE M 59 -11.16 -22.68 -54.67
N GLN M 60 -10.87 -22.33 -55.92
CA GLN M 60 -10.73 -23.36 -56.96
C GLN M 60 -9.54 -24.26 -56.68
N SER M 61 -8.44 -23.66 -56.22
CA SER M 61 -7.27 -24.46 -55.89
C SER M 61 -7.56 -25.41 -54.71
N ILE M 62 -8.20 -24.88 -53.67
CA ILE M 62 -8.54 -25.70 -52.51
C ILE M 62 -9.48 -26.85 -52.89
N LYS M 63 -10.52 -26.55 -53.64
CA LYS M 63 -11.43 -27.62 -54.10
C LYS M 63 -10.72 -28.67 -54.93
N ASN M 64 -9.86 -28.26 -55.86
CA ASN M 64 -9.08 -29.25 -56.61
C ASN M 64 -8.21 -30.11 -55.70
N SER M 65 -7.42 -29.47 -54.82
CA SER M 65 -6.55 -30.21 -53.92
C SER M 65 -7.28 -31.20 -53.01
N GLU M 66 -8.38 -30.77 -52.41
CA GLU M 66 -9.17 -31.66 -51.58
C GLU M 66 -9.77 -32.82 -52.39
N ALA M 67 -10.04 -32.61 -53.68
CA ALA M 67 -10.56 -33.69 -54.54
C ALA M 67 -9.46 -34.57 -55.13
N GLY M 68 -8.21 -34.27 -54.84
CA GLY M 68 -7.10 -35.05 -55.37
C GLY M 68 -6.63 -34.66 -56.76
N ILE M 69 -7.10 -33.50 -57.24
CA ILE M 69 -6.76 -33.03 -58.57
C ILE M 69 -5.55 -32.11 -58.55
N ASP M 70 -4.56 -32.41 -59.39
CA ASP M 70 -3.37 -31.56 -59.56
C ASP M 70 -2.57 -31.38 -58.27
N VAL M 71 -2.46 -32.43 -57.47
CA VAL M 71 -1.70 -32.36 -56.23
C VAL M 71 -0.39 -33.11 -56.40
N HIS M 72 0.70 -32.58 -55.85
CA HIS M 72 1.99 -33.17 -56.07
C HIS M 72 2.70 -33.41 -54.75
N LYS M 73 3.45 -34.50 -54.68
CA LYS M 73 4.17 -34.87 -53.47
C LYS M 73 5.63 -34.48 -53.55
N ALA M 74 6.22 -34.31 -52.37
CA ALA M 74 7.65 -34.12 -52.24
C ALA M 74 8.11 -34.91 -51.03
N LYS M 75 9.35 -35.40 -51.11
CA LYS M 75 9.92 -36.27 -50.07
C LYS M 75 10.47 -35.46 -48.89
N ASP M 76 10.94 -34.25 -49.20
CA ASP M 76 11.53 -33.38 -48.20
C ASP M 76 11.75 -31.99 -48.78
N ALA M 77 12.32 -31.07 -48.01
CA ALA M 77 12.49 -29.70 -48.49
C ALA M 77 13.30 -29.57 -49.79
N ASP M 78 14.43 -30.25 -49.87
CA ASP M 78 15.29 -30.16 -51.06
C ASP M 78 14.56 -30.65 -52.33
N ASP M 79 13.87 -31.77 -52.18
CA ASP M 79 13.08 -32.33 -53.27
C ASP M 79 12.00 -31.33 -53.68
N LEU M 80 11.35 -30.71 -52.69
CA LEU M 80 10.29 -29.72 -52.95
C LEU M 80 10.77 -28.50 -53.71
N PHE M 81 11.87 -27.93 -53.25
CA PHE M 81 12.40 -26.75 -53.88
C PHE M 81 12.85 -27.06 -55.29
N ASP M 82 13.43 -28.25 -55.46
CA ASP M 82 13.82 -28.69 -56.78
C ASP M 82 12.59 -28.80 -57.70
N LYS M 83 11.52 -29.43 -57.21
CA LYS M 83 10.32 -29.59 -58.02
C LYS M 83 9.68 -28.24 -58.35
N LEU M 84 9.82 -27.26 -57.46
CA LEU M 84 9.28 -25.93 -57.71
C LEU M 84 10.19 -25.05 -58.54
N GLY M 85 11.42 -25.49 -58.76
CA GLY M 85 12.36 -24.68 -59.50
C GLY M 85 12.91 -23.48 -58.74
N ILE M 86 12.99 -23.61 -57.41
CA ILE M 86 13.58 -22.56 -56.57
C ILE M 86 14.73 -23.12 -55.72
N GLN N 13 8.18 -35.69 -40.45
CA GLN N 13 7.02 -36.39 -39.91
C GLN N 13 5.82 -36.24 -40.84
N ARG N 14 5.35 -35.01 -41.04
CA ARG N 14 4.20 -34.80 -41.94
C ARG N 14 4.58 -35.05 -43.39
N ASP N 15 3.64 -35.62 -44.14
CA ASP N 15 3.72 -35.71 -45.59
C ASP N 15 3.66 -34.31 -46.22
N ILE N 16 4.45 -34.11 -47.26
CA ILE N 16 4.54 -32.81 -47.90
C ILE N 16 3.87 -32.83 -49.27
N GLU N 17 2.96 -31.88 -49.51
CA GLU N 17 2.29 -31.78 -50.80
C GLU N 17 2.35 -30.35 -51.29
N TYR N 18 2.21 -30.14 -52.59
CA TYR N 18 1.96 -28.78 -53.08
C TYR N 18 0.95 -28.90 -54.21
N SER N 19 0.14 -27.86 -54.39
CA SER N 19 -0.90 -27.87 -55.43
C SER N 19 -0.30 -27.38 -56.75
N GLY N 20 -0.96 -27.69 -57.86
CA GLY N 20 -0.54 -27.16 -59.14
C GLY N 20 -0.52 -25.65 -59.16
N GLN N 21 -1.54 -25.08 -58.52
CA GLN N 21 -1.64 -23.63 -58.45
C GLN N 21 -0.43 -23.05 -57.70
N TYR N 22 0.02 -23.72 -56.65
CA TYR N 22 1.17 -23.25 -55.90
C TYR N 22 2.41 -23.11 -56.78
N SER N 23 2.65 -24.11 -57.63
CA SER N 23 3.81 -24.04 -58.50
C SER N 23 3.69 -22.84 -59.43
N LYS N 24 2.48 -22.63 -59.97
CA LYS N 24 2.32 -21.41 -60.79
C LYS N 24 2.54 -20.10 -60.01
N ASP N 25 2.03 -20.02 -58.78
CA ASP N 25 2.16 -18.79 -57.97
C ASP N 25 3.63 -18.55 -57.69
N VAL N 26 4.36 -19.63 -57.42
CA VAL N 26 5.80 -19.49 -57.13
C VAL N 26 6.57 -19.01 -58.35
N LYS N 27 6.20 -19.54 -59.51
CA LYS N 27 6.85 -19.07 -60.74
C LYS N 27 6.57 -17.60 -60.98
N LEU N 28 5.34 -17.18 -60.71
CA LEU N 28 4.98 -15.78 -60.82
C LEU N 28 5.80 -14.90 -59.85
N ALA N 29 5.93 -15.32 -58.59
CA ALA N 29 6.76 -14.55 -57.65
C ALA N 29 8.17 -14.40 -58.20
N GLN N 30 8.68 -15.49 -58.76
CA GLN N 30 10.03 -15.50 -59.33
C GLN N 30 10.16 -14.45 -60.45
N LYS N 31 9.20 -14.41 -61.36
CA LYS N 31 9.23 -13.42 -62.45
C LYS N 31 9.22 -11.97 -61.95
N ARG N 32 8.56 -11.73 -60.82
CA ARG N 32 8.49 -10.41 -60.19
C ARG N 32 9.74 -10.11 -59.35
N HIS N 33 10.73 -10.98 -59.41
CA HIS N 33 11.96 -10.82 -58.62
C HIS N 33 11.71 -10.70 -57.11
N LYS N 34 10.69 -11.39 -56.59
CA LYS N 34 10.49 -11.43 -55.14
C LYS N 34 11.66 -12.18 -54.52
N ASP N 35 11.95 -11.90 -53.25
CA ASP N 35 13.06 -12.54 -52.57
C ASP N 35 12.64 -13.94 -52.18
N ASN N 37 14.20 -16.41 -51.03
CA ASN N 37 14.72 -16.96 -49.78
C ASN N 37 13.79 -16.79 -48.58
N LYS N 38 13.02 -15.70 -48.57
CA LYS N 38 12.10 -15.46 -47.48
C LYS N 38 11.02 -16.55 -47.48
N LEU N 39 10.52 -16.87 -48.67
CA LEU N 39 9.50 -17.89 -48.78
C LEU N 39 10.08 -19.27 -48.44
N LYS N 40 11.25 -19.58 -48.98
CA LYS N 40 11.85 -20.88 -48.65
C LYS N 40 12.08 -21.02 -47.15
N TYR N 41 12.50 -19.94 -46.50
CA TYR N 41 12.75 -20.04 -45.08
C TYR N 41 11.45 -20.37 -44.32
N LEU N 42 10.36 -19.69 -44.66
CA LEU N 42 9.08 -20.02 -44.04
C LEU N 42 8.68 -21.47 -44.30
N THR N 44 10.46 -23.95 -44.86
CA THR N 44 11.31 -24.83 -44.10
C THR N 44 10.90 -24.90 -42.64
N LEU N 45 10.51 -23.76 -42.05
CA LEU N 45 9.98 -23.82 -40.67
C LEU N 45 8.77 -24.76 -40.59
N LEU N 46 7.86 -24.62 -41.56
CA LEU N 46 6.68 -25.45 -41.55
C LEU N 46 7.01 -26.95 -41.74
N ILE N 47 7.89 -27.22 -42.70
CA ILE N 47 8.27 -28.61 -42.94
C ILE N 47 8.91 -29.28 -41.71
N ASN N 48 9.72 -28.51 -40.98
CA ASN N 48 10.42 -29.02 -39.80
C ASN N 48 9.62 -28.98 -38.53
N ASN N 49 8.35 -28.63 -38.65
CA ASN N 49 7.42 -28.54 -37.52
C ASN N 49 8.01 -27.62 -36.45
N THR N 50 8.69 -26.56 -36.90
CA THR N 50 9.25 -25.56 -35.98
C THR N 50 8.13 -24.59 -35.68
N LEU N 51 7.19 -25.05 -34.85
CA LEU N 51 5.90 -24.41 -34.58
C LEU N 51 5.70 -24.27 -33.07
N PRO N 52 5.01 -23.19 -32.64
CA PRO N 52 4.44 -22.10 -33.48
C PRO N 52 5.45 -21.22 -34.19
N LEU N 53 5.02 -20.62 -35.30
CA LEU N 53 5.88 -19.71 -36.05
C LEU N 53 6.29 -18.42 -35.32
N PRO N 54 7.44 -17.85 -35.68
CA PRO N 54 7.78 -16.51 -35.20
C PRO N 54 6.63 -15.52 -35.45
N ALA N 55 6.47 -14.57 -34.52
CA ALA N 55 5.36 -13.63 -34.52
C ALA N 55 5.30 -12.80 -35.81
N VAL N 56 6.45 -12.54 -36.41
CA VAL N 56 6.52 -11.71 -37.60
C VAL N 56 5.68 -12.29 -38.75
N TYR N 57 5.45 -13.60 -38.73
CA TYR N 57 4.63 -14.21 -39.80
C TYR N 57 3.11 -14.02 -39.66
N LYS N 58 2.66 -13.54 -38.50
CA LYS N 58 1.25 -13.23 -38.28
C LYS N 58 0.38 -14.41 -38.68
N ASP N 59 0.82 -15.61 -38.31
CA ASP N 59 0.15 -16.83 -38.77
C ASP N 59 -1.27 -17.00 -38.13
N HIS N 60 -2.27 -17.37 -38.95
CA HIS N 60 -3.65 -17.48 -38.44
C HIS N 60 -4.48 -18.38 -39.32
N PRO N 61 -5.62 -18.91 -38.80
CA PRO N 61 -6.49 -19.69 -39.69
C PRO N 61 -6.98 -18.84 -40.86
N LEU N 62 -7.10 -19.49 -42.01
CA LEU N 62 -7.62 -18.83 -43.21
C LEU N 62 -9.07 -18.42 -42.98
N GLN N 63 -9.44 -17.22 -43.41
CA GLN N 63 -10.83 -16.73 -43.31
C GLN N 63 -11.81 -17.67 -43.98
N GLY N 64 -12.91 -18.00 -43.30
CA GLY N 64 -13.87 -18.87 -43.96
C GLY N 64 -13.90 -20.19 -43.24
N SER N 65 -14.46 -21.19 -43.89
CA SER N 65 -14.65 -22.47 -43.21
C SER N 65 -13.82 -23.55 -43.89
N TRP N 66 -12.53 -23.30 -44.05
CA TRP N 66 -11.65 -24.26 -44.71
C TRP N 66 -10.81 -25.00 -43.68
N LYS N 67 -11.24 -26.22 -43.32
CA LYS N 67 -10.63 -26.93 -42.18
C LYS N 67 -9.15 -27.20 -42.37
N GLY N 68 -8.36 -26.79 -41.37
CA GLY N 68 -6.92 -27.01 -41.37
C GLY N 68 -6.14 -25.98 -42.20
N TYR N 69 -6.84 -25.10 -42.92
CA TYR N 69 -6.12 -24.11 -43.73
C TYR N 69 -5.67 -22.90 -42.94
N ARG N 70 -4.45 -22.44 -43.20
CA ARG N 70 -3.86 -21.32 -42.48
C ARG N 70 -3.20 -20.32 -43.48
N ASP N 71 -2.85 -19.17 -42.96
CA ASP N 71 -2.45 -18.00 -43.72
C ASP N 71 -1.30 -17.39 -42.91
N ALA N 72 -0.13 -17.35 -43.52
CA ALA N 72 1.04 -16.73 -42.91
C ALA N 72 1.56 -15.63 -43.85
N HIS N 73 2.16 -14.61 -43.27
CA HIS N 73 2.63 -13.49 -44.09
C HIS N 73 4.16 -13.49 -44.24
N VAL N 74 4.64 -13.74 -45.46
CA VAL N 74 6.08 -13.58 -45.74
C VAL N 74 6.42 -12.11 -45.69
N GLU N 75 5.55 -11.26 -46.22
CA GLU N 75 5.69 -9.81 -46.06
C GLU N 75 4.25 -9.31 -45.84
N PRO N 76 4.07 -8.03 -45.47
CA PRO N 76 2.72 -7.52 -45.24
C PRO N 76 1.82 -7.71 -46.47
N ASP N 77 2.36 -7.71 -47.68
CA ASP N 77 1.51 -8.03 -48.84
C ASP N 77 2.06 -9.22 -49.62
N TRP N 78 2.65 -10.18 -48.92
CA TRP N 78 3.02 -11.45 -49.57
C TRP N 78 2.63 -12.61 -48.64
N ILE N 79 1.59 -13.33 -49.04
CA ILE N 79 0.93 -14.33 -48.20
C ILE N 79 1.19 -15.75 -48.68
N LEU N 80 1.28 -16.66 -47.72
CA LEU N 80 1.28 -18.10 -47.99
C LEU N 80 0.05 -18.74 -47.36
N ILE N 81 -0.73 -19.45 -48.20
CA ILE N 81 -1.86 -20.24 -47.71
C ILE N 81 -1.47 -21.73 -47.76
N TYR N 82 -1.65 -22.42 -46.65
CA TYR N 82 -1.24 -23.83 -46.57
C TYR N 82 -2.22 -24.58 -45.69
N LYS N 83 -2.31 -25.89 -45.87
CA LYS N 83 -3.15 -26.73 -45.02
C LYS N 83 -2.22 -27.51 -44.10
N LEU N 84 -2.60 -27.60 -42.85
CA LEU N 84 -1.79 -28.27 -41.82
C LEU N 84 -2.69 -29.16 -40.98
N THR N 85 -2.42 -30.46 -41.02
CA THR N 85 -3.08 -31.42 -40.15
C THR N 85 -2.01 -32.27 -39.46
N ASP N 86 -2.42 -33.20 -38.61
CA ASP N 86 -1.42 -34.06 -37.95
C ASP N 86 -0.56 -34.87 -38.92
N LYS N 87 -1.15 -35.22 -40.06
CA LYS N 87 -0.51 -36.11 -41.05
C LYS N 87 0.03 -35.37 -42.29
N LEU N 88 -0.39 -34.12 -42.49
CA LEU N 88 -0.20 -33.48 -43.78
C LEU N 88 0.16 -32.00 -43.68
N LEU N 89 1.09 -31.58 -44.53
CA LEU N 89 1.39 -30.19 -44.78
C LEU N 89 1.30 -29.96 -46.29
N ARG N 90 0.34 -29.14 -46.73
CA ARG N 90 0.21 -28.86 -48.17
C ARG N 90 0.32 -27.37 -48.47
N PHE N 91 1.26 -27.03 -49.34
CA PHE N 91 1.42 -25.65 -49.84
C PHE N 91 0.42 -25.40 -50.95
N GLU N 92 -0.50 -24.46 -50.69
CA GLU N 92 -1.68 -24.32 -51.52
C GLU N 92 -1.58 -23.13 -52.51
N ARG N 93 -1.32 -21.93 -52.01
CA ARG N 93 -1.18 -20.73 -52.86
C ARG N 93 -0.23 -19.73 -52.23
N THR N 94 0.32 -18.81 -53.03
CA THR N 94 1.08 -17.68 -52.48
C THR N 94 0.91 -16.46 -53.39
N GLY N 95 0.89 -15.26 -52.81
CA GLY N 95 0.77 -14.04 -53.63
C GLY N 95 0.33 -12.86 -52.78
N THR N 96 -0.07 -11.78 -53.44
CA THR N 96 -0.56 -10.58 -52.77
C THR N 96 -1.96 -10.80 -52.19
N HIS N 97 -2.41 -9.89 -51.32
CA HIS N 97 -3.81 -9.95 -50.90
C HIS N 97 -4.73 -9.91 -52.10
N ALA N 98 -4.43 -9.05 -53.05
CA ALA N 98 -5.29 -8.92 -54.23
C ALA N 98 -5.38 -10.25 -55.01
N ALA N 99 -4.26 -10.93 -55.19
CA ALA N 99 -4.20 -12.17 -55.96
C ALA N 99 -4.94 -13.33 -55.25
N LEU N 100 -4.95 -13.33 -53.92
CA LEU N 100 -5.53 -14.45 -53.17
C LEU N 100 -6.94 -14.19 -52.64
N PHE N 101 -7.24 -12.93 -52.34
CA PHE N 101 -8.49 -12.53 -51.69
C PHE N 101 -9.26 -11.53 -52.52
N GLY N 102 -8.62 -10.91 -53.51
CA GLY N 102 -9.26 -9.83 -54.25
C GLY N 102 -9.98 -10.26 -55.54
N ASN O 4 -0.05 -10.89 6.06
CA ASN O 4 0.98 -9.97 5.60
C ASN O 4 2.38 -10.63 5.58
N ALA O 5 3.02 -10.70 4.40
CA ALA O 5 4.32 -11.33 4.42
C ALA O 5 5.45 -10.34 4.21
N PHE O 6 6.63 -10.83 4.53
CA PHE O 6 7.88 -10.07 4.43
C PHE O 6 9.00 -10.86 3.81
N VAL O 7 9.85 -10.18 3.06
CA VAL O 7 11.15 -10.69 2.67
C VAL O 7 12.16 -10.22 3.70
N ARG O 8 12.99 -11.13 4.21
CA ARG O 8 14.00 -10.76 5.20
C ARG O 8 15.35 -11.31 4.72
N ALA O 9 16.36 -10.47 4.52
CA ALA O 9 17.65 -10.96 4.02
C ALA O 9 18.81 -10.31 4.83
N ARG O 10 19.72 -11.15 5.34
CA ARG O 10 20.95 -10.66 5.97
C ARG O 10 21.82 -9.97 4.93
N ILE O 11 22.45 -8.87 5.29
CA ILE O 11 23.26 -8.15 4.33
C ILE O 11 24.34 -7.33 5.02
N ASP O 12 25.45 -7.13 4.36
CA ASP O 12 26.47 -6.23 4.87
C ASP O 12 25.96 -4.82 5.05
N GLU O 13 26.24 -4.18 6.20
CA GLU O 13 25.70 -2.85 6.47
C GLU O 13 26.12 -1.76 5.49
N ASP O 14 27.38 -1.81 5.08
CA ASP O 14 27.85 -0.82 4.12
C ASP O 14 27.23 -1.00 2.76
N LEU O 15 27.07 -2.26 2.35
CA LEU O 15 26.39 -2.49 1.08
C LEU O 15 24.97 -1.94 1.16
N LYS O 16 24.26 -2.25 2.24
CA LYS O 16 22.90 -1.75 2.41
C LYS O 16 22.82 -0.22 2.33
N ASN O 17 23.72 0.45 3.05
CA ASN O 17 23.75 1.92 3.02
C ASN O 17 24.05 2.49 1.62
N GLN O 18 25.00 1.90 0.91
CA GLN O 18 25.33 2.42 -0.43
C GLN O 18 24.14 2.27 -1.39
N ALA O 19 23.50 1.11 -1.37
CA ALA O 19 22.33 0.89 -2.23
C ALA O 19 21.19 1.84 -1.87
N ALA O 20 20.98 2.00 -0.57
CA ALA O 20 19.95 2.92 -0.10
C ALA O 20 20.22 4.33 -0.60
N ASP O 21 21.47 4.75 -0.60
CA ASP O 21 21.78 6.10 -1.12
C ASP O 21 21.47 6.27 -2.62
N VAL O 22 21.90 5.26 -3.38
CA VAL O 22 21.60 5.28 -4.82
C VAL O 22 20.10 5.38 -5.05
N LEU O 23 19.35 4.51 -4.38
CA LEU O 23 17.89 4.46 -4.55
C LEU O 23 17.20 5.74 -4.06
N ALA O 24 17.71 6.32 -2.98
CA ALA O 24 17.05 7.52 -2.46
C ALA O 24 17.12 8.64 -3.50
N GLY O 25 18.24 8.72 -4.23
CA GLY O 25 18.31 9.67 -5.34
C GLY O 25 17.22 9.50 -6.41
N GLY O 27 14.03 8.39 -5.59
CA GLY O 27 12.76 8.38 -4.90
C GLY O 27 12.30 7.01 -4.44
N LEU O 28 13.22 6.04 -4.41
CA LEU O 28 12.95 4.63 -4.03
C LEU O 28 13.60 4.20 -2.69
N THR O 29 12.97 3.24 -2.00
CA THR O 29 13.61 2.51 -0.93
C THR O 29 14.15 1.16 -1.41
N ILE O 30 14.99 0.52 -0.59
CA ILE O 30 15.39 -0.86 -0.89
C ILE O 30 14.15 -1.75 -1.01
N SER O 31 13.16 -1.56 -0.12
CA SER O 31 12.01 -2.46 -0.21
C SER O 31 11.23 -2.28 -1.56
N ASP O 32 11.19 -1.06 -2.11
CA ASP O 32 10.60 -0.85 -3.45
C ASP O 32 11.37 -1.67 -4.49
N LEU O 33 12.70 -1.59 -4.45
CA LEU O 33 13.51 -2.32 -5.43
C LEU O 33 13.32 -3.84 -5.26
N VAL O 34 13.21 -4.31 -4.03
CA VAL O 34 12.95 -5.74 -3.79
C VAL O 34 11.62 -6.17 -4.43
N ARG O 35 10.56 -5.40 -4.20
CA ARG O 35 9.27 -5.76 -4.78
C ARG O 35 9.35 -5.73 -6.33
N ILE O 36 9.98 -4.69 -6.88
CA ILE O 36 10.04 -4.57 -8.34
C ILE O 36 10.83 -5.73 -8.94
N THR O 37 11.95 -6.06 -8.30
CA THR O 37 12.82 -7.12 -8.83
C THR O 37 12.13 -8.53 -8.74
N LEU O 38 11.50 -8.81 -7.58
CA LEU O 38 10.79 -10.08 -7.41
C LEU O 38 9.59 -10.19 -8.37
N THR O 39 8.93 -9.07 -8.64
CA THR O 39 7.83 -9.06 -9.62
C THR O 39 8.35 -9.44 -11.01
N LYS O 40 9.48 -8.84 -11.41
CA LYS O 40 10.05 -9.22 -12.69
C LYS O 40 10.43 -10.71 -12.77
N VAL O 41 11.09 -11.19 -11.72
CA VAL O 41 11.46 -12.60 -11.67
C VAL O 41 10.23 -13.53 -11.74
N ALA O 42 9.20 -13.19 -10.98
CA ALA O 42 8.00 -14.00 -10.94
C ALA O 42 7.27 -14.02 -12.29
N ARG O 43 7.18 -12.86 -12.92
CA ARG O 43 6.41 -12.67 -14.16
C ARG O 43 7.16 -13.36 -15.32
N GLU O 44 8.47 -13.16 -15.40
CA GLU O 44 9.26 -13.67 -16.52
C GLU O 44 9.78 -15.09 -16.35
N LYS O 45 9.70 -15.60 -15.14
CA LYS O 45 10.30 -16.90 -14.76
C LYS O 45 11.78 -16.92 -15.12
N ALA O 46 12.46 -15.81 -14.86
CA ALA O 46 13.86 -15.68 -15.29
C ALA O 46 14.50 -14.58 -14.48
N LEU O 47 15.83 -14.52 -14.47
CA LEU O 47 16.50 -13.41 -13.79
C LEU O 47 16.57 -12.19 -14.69
N PRO O 48 16.62 -10.98 -14.10
CA PRO O 48 17.03 -9.77 -14.83
C PRO O 48 18.42 -10.00 -15.46
N PHE O 49 18.74 -9.27 -16.53
CA PHE O 49 20.06 -9.38 -17.19
C PHE O 49 21.17 -8.84 -16.35
N ASP O 50 22.34 -9.43 -16.57
CA ASP O 50 23.61 -8.78 -16.19
C ASP O 50 23.77 -8.58 -14.69
N LEU O 51 23.18 -9.42 -13.86
CA LEU O 51 23.30 -9.17 -12.42
C LEU O 51 24.70 -9.40 -11.94
N ARG O 52 25.44 -10.29 -12.63
CA ARG O 52 26.79 -10.62 -12.18
C ARG O 52 27.75 -10.54 -13.33
N GLU O 53 28.99 -10.18 -13.03
CA GLU O 53 30.06 -10.18 -14.04
C GLU O 53 30.39 -11.64 -14.40
N PRO O 54 30.91 -11.87 -15.61
CA PRO O 54 31.40 -13.23 -15.91
C PRO O 54 32.39 -13.67 -14.83
N ASN O 55 32.31 -14.94 -14.44
CA ASN O 55 33.16 -15.45 -13.38
C ASN O 55 34.58 -15.76 -13.88
N GLN O 56 35.43 -16.23 -12.96
CA GLN O 56 36.83 -16.46 -13.27
C GLN O 56 37.03 -17.42 -14.44
N LEU O 57 36.28 -18.52 -14.47
CA LEU O 57 36.40 -19.48 -15.56
C LEU O 57 36.01 -18.90 -16.93
N THR O 58 34.94 -18.13 -16.94
CA THR O 58 34.49 -17.51 -18.18
C THR O 58 35.55 -16.50 -18.66
N ILE O 59 36.07 -15.69 -17.74
CA ILE O 59 37.12 -14.69 -18.04
C ILE O 59 38.38 -15.37 -18.54
N GLN O 60 38.73 -16.49 -17.93
CA GLN O 60 39.92 -17.22 -18.36
C GLN O 60 39.76 -17.76 -19.77
N SER O 61 38.57 -18.26 -20.09
CA SER O 61 38.34 -18.75 -21.42
C SER O 61 38.44 -17.63 -22.46
N ILE O 62 37.80 -16.50 -22.17
CA ILE O 62 37.86 -15.36 -23.07
C ILE O 62 39.33 -14.89 -23.25
N LYS O 63 40.05 -14.76 -22.15
CA LYS O 63 41.47 -14.36 -22.25
C LYS O 63 42.30 -15.35 -23.08
N ASN O 64 42.13 -16.64 -22.87
CA ASN O 64 42.80 -17.62 -23.70
C ASN O 64 42.45 -17.47 -25.19
N SER O 65 41.15 -17.40 -25.48
CA SER O 65 40.69 -17.29 -26.85
C SER O 65 41.22 -16.04 -27.55
N GLU O 66 41.20 -14.91 -26.87
CA GLU O 66 41.72 -13.68 -27.44
C GLU O 66 43.20 -13.79 -27.75
N ALA O 67 43.92 -14.58 -26.96
CA ALA O 67 45.35 -14.80 -27.15
C ALA O 67 45.69 -15.89 -28.13
N GLY O 68 44.69 -16.55 -28.69
CA GLY O 68 44.93 -17.62 -29.62
C GLY O 68 45.19 -18.95 -28.95
N ILE O 69 44.90 -19.04 -27.65
CA ILE O 69 45.15 -20.28 -26.90
C ILE O 69 43.91 -21.18 -26.84
N ASP O 70 44.09 -22.43 -27.24
CA ASP O 70 43.04 -23.45 -27.16
C ASP O 70 41.81 -23.08 -27.98
N VAL O 71 42.04 -22.48 -29.14
CA VAL O 71 40.94 -22.13 -30.05
C VAL O 71 40.94 -23.09 -31.23
N HIS O 72 39.76 -23.49 -31.69
CA HIS O 72 39.62 -24.47 -32.74
C HIS O 72 38.72 -23.96 -33.85
N LYS O 73 39.01 -24.34 -35.09
CA LYS O 73 38.22 -23.90 -36.24
C LYS O 73 37.23 -24.98 -36.66
N ALA O 74 36.17 -24.57 -37.33
CA ALA O 74 35.26 -25.51 -37.96
C ALA O 74 34.88 -24.90 -39.29
N LYS O 75 34.63 -25.77 -40.27
CA LYS O 75 34.35 -25.30 -41.64
C LYS O 75 32.91 -24.88 -41.84
N ASP O 76 32.01 -25.52 -41.11
CA ASP O 76 30.60 -25.23 -41.23
C ASP O 76 29.89 -25.93 -40.08
N ALA O 77 28.56 -25.82 -40.02
CA ALA O 77 27.83 -26.40 -38.90
C ALA O 77 28.02 -27.92 -38.72
N ASP O 78 27.94 -28.70 -39.80
CA ASP O 78 28.10 -30.15 -39.67
C ASP O 78 29.47 -30.53 -39.13
N ASP O 79 30.50 -29.87 -39.64
CA ASP O 79 31.87 -30.07 -39.19
C ASP O 79 32.00 -29.72 -37.71
N LEU O 80 31.37 -28.62 -37.31
CA LEU O 80 31.39 -28.18 -35.93
C LEU O 80 30.71 -29.18 -34.98
N PHE O 81 29.52 -29.62 -35.34
CA PHE O 81 28.80 -30.53 -34.50
C PHE O 81 29.57 -31.83 -34.40
N ASP O 82 30.20 -32.20 -35.52
CA ASP O 82 31.03 -33.38 -35.54
C ASP O 82 32.18 -33.24 -34.56
N LYS O 83 32.86 -32.10 -34.58
CA LYS O 83 33.99 -31.89 -33.70
C LYS O 83 33.60 -31.84 -32.21
N LEU O 84 32.39 -31.35 -31.93
CA LEU O 84 31.92 -31.26 -30.54
C LEU O 84 31.31 -32.55 -30.05
N GLY O 85 31.12 -33.50 -30.96
CA GLY O 85 30.49 -34.76 -30.59
C GLY O 85 29.01 -34.64 -30.35
N ILE O 86 28.35 -33.71 -31.03
CA ILE O 86 26.90 -33.58 -30.89
C ILE O 86 26.23 -33.68 -32.26
N GLN P 13 28.92 -15.01 -43.94
CA GLN P 13 30.08 -15.81 -44.27
C GLN P 13 31.17 -15.66 -43.19
N ARG P 14 30.72 -15.61 -41.94
CA ARG P 14 31.66 -15.49 -40.84
C ARG P 14 32.48 -16.78 -40.65
N ASP P 15 33.75 -16.64 -40.30
CA ASP P 15 34.57 -17.75 -39.82
C ASP P 15 34.04 -18.29 -38.50
N ILE P 16 34.05 -19.61 -38.35
CA ILE P 16 33.52 -20.28 -37.17
C ILE P 16 34.64 -20.84 -36.29
N GLU P 17 34.60 -20.50 -35.00
CA GLU P 17 35.57 -21.00 -34.01
C GLU P 17 34.81 -21.52 -32.80
N TYR P 18 35.46 -22.37 -32.02
CA TYR P 18 34.96 -22.69 -30.68
C TYR P 18 36.14 -22.80 -29.74
N SER P 19 35.94 -22.48 -28.47
CA SER P 19 37.05 -22.54 -27.51
C SER P 19 37.16 -23.95 -26.93
N GLY P 20 38.31 -24.29 -26.35
CA GLY P 20 38.44 -25.58 -25.66
C GLY P 20 37.42 -25.71 -24.54
N GLN P 21 37.23 -24.59 -23.84
CA GLN P 21 36.26 -24.59 -22.75
C GLN P 21 34.88 -24.89 -23.30
N TYR P 22 34.56 -24.35 -24.47
CA TYR P 22 33.24 -24.65 -25.05
C TYR P 22 33.01 -26.16 -25.25
N SER P 23 34.02 -26.86 -25.78
CA SER P 23 33.85 -28.31 -25.98
C SER P 23 33.64 -28.99 -24.62
N LYS P 24 34.39 -28.58 -23.61
CA LYS P 24 34.12 -29.16 -22.27
C LYS P 24 32.70 -28.86 -21.75
N ASP P 25 32.23 -27.64 -21.95
CA ASP P 25 30.91 -27.24 -21.48
C ASP P 25 29.86 -28.07 -22.21
N VAL P 26 30.07 -28.31 -23.50
CA VAL P 26 29.11 -29.08 -24.26
C VAL P 26 29.07 -30.54 -23.78
N LYS P 27 30.25 -31.08 -23.48
CA LYS P 27 30.25 -32.45 -22.95
C LYS P 27 29.52 -32.53 -21.60
N LEU P 28 29.74 -31.53 -20.74
CA LEU P 28 29.02 -31.51 -19.48
C LEU P 28 27.52 -31.40 -19.65
N ALA P 29 27.06 -30.50 -20.53
CA ALA P 29 25.61 -30.42 -20.79
C ALA P 29 25.07 -31.77 -21.25
N GLN P 30 25.84 -32.44 -22.10
CA GLN P 30 25.43 -33.75 -22.63
C GLN P 30 25.25 -34.74 -21.47
N LYS P 31 26.22 -34.81 -20.55
CA LYS P 31 26.08 -35.71 -19.40
C LYS P 31 24.89 -35.39 -18.51
N ARG P 32 24.51 -34.12 -18.40
CA ARG P 32 23.31 -33.75 -17.65
CA ARG P 32 23.31 -33.74 -17.66
C ARG P 32 22.04 -34.06 -18.44
N HIS P 33 22.17 -34.71 -19.59
CA HIS P 33 21.03 -35.02 -20.43
C HIS P 33 20.21 -33.79 -20.84
N LYS P 34 20.89 -32.66 -21.03
CA LYS P 34 20.23 -31.48 -21.57
C LYS P 34 19.83 -31.79 -23.00
N ASP P 35 18.81 -31.08 -23.47
CA ASP P 35 18.29 -31.28 -24.81
C ASP P 35 19.20 -30.62 -25.81
N ASN P 37 19.41 -30.58 -29.01
CA ASN P 37 18.83 -29.96 -30.19
C ASN P 37 18.53 -28.47 -30.03
N LYS P 38 18.20 -28.04 -28.82
CA LYS P 38 17.89 -26.64 -28.58
C LYS P 38 19.16 -25.82 -28.80
N LEU P 39 20.28 -26.33 -28.29
CA LEU P 39 21.56 -25.65 -28.42
C LEU P 39 21.99 -25.64 -29.90
N LYS P 40 21.85 -26.80 -30.53
CA LYS P 40 22.19 -26.90 -31.95
C LYS P 40 21.37 -25.93 -32.83
N TYR P 41 20.10 -25.81 -32.52
CA TYR P 41 19.23 -24.93 -33.29
C TYR P 41 19.69 -23.48 -33.16
N LEU P 42 20.01 -23.07 -31.91
CA LEU P 42 20.55 -21.70 -31.73
C LEU P 42 21.88 -21.45 -32.47
N THR P 44 22.90 -22.87 -35.03
CA THR P 44 22.65 -22.81 -36.47
C THR P 44 22.09 -21.46 -36.89
N LEU P 45 21.20 -20.89 -36.08
CA LEU P 45 20.73 -19.54 -36.38
C LEU P 45 21.93 -18.62 -36.46
N LEU P 46 22.85 -18.73 -35.49
CA LEU P 46 24.03 -17.84 -35.52
C LEU P 46 24.99 -18.07 -36.72
N ILE P 47 25.28 -19.32 -37.00
CA ILE P 47 26.16 -19.63 -38.13
C ILE P 47 25.58 -19.11 -39.46
N ASN P 48 24.26 -19.21 -39.63
CA ASN P 48 23.60 -18.76 -40.87
C ASN P 48 23.27 -17.28 -40.94
N ASN P 49 23.73 -16.54 -39.95
CA ASN P 49 23.49 -15.11 -39.88
C ASN P 49 21.98 -14.82 -39.93
N THR P 50 21.18 -15.68 -39.29
CA THR P 50 19.73 -15.49 -39.21
C THR P 50 19.49 -14.55 -38.03
N LEU P 51 19.80 -13.28 -38.26
CA LEU P 51 19.85 -12.28 -37.20
C LEU P 51 19.01 -11.07 -37.56
N PRO P 52 18.38 -10.43 -36.55
CA PRO P 52 18.39 -10.77 -35.12
C PRO P 52 17.66 -12.08 -34.75
N LEU P 53 18.11 -12.61 -33.64
CA LEU P 53 17.54 -13.82 -33.08
C LEU P 53 16.10 -13.60 -32.65
N PRO P 54 15.29 -14.66 -32.65
CA PRO P 54 13.96 -14.64 -32.04
C PRO P 54 14.02 -14.10 -30.63
N ALA P 55 12.96 -13.40 -30.22
CA ALA P 55 12.94 -12.72 -28.93
C ALA P 55 13.14 -13.66 -27.76
N VAL P 56 12.72 -14.91 -27.90
CA VAL P 56 12.79 -15.89 -26.82
C VAL P 56 14.22 -16.15 -26.33
N TYR P 57 15.21 -15.90 -27.20
CA TYR P 57 16.61 -16.11 -26.77
C TYR P 57 17.13 -14.99 -25.89
N LYS P 58 16.39 -13.88 -25.79
CA LYS P 58 16.79 -12.78 -24.89
C LYS P 58 18.25 -12.39 -25.12
N ASP P 59 18.65 -12.32 -26.39
CA ASP P 59 20.04 -12.10 -26.75
C ASP P 59 20.51 -10.65 -26.39
N HIS P 60 21.70 -10.53 -25.80
CA HIS P 60 22.19 -9.22 -25.35
C HIS P 60 23.72 -9.22 -25.24
N PRO P 61 24.36 -8.03 -25.25
CA PRO P 61 25.81 -7.98 -25.01
C PRO P 61 26.14 -8.56 -23.62
N LEU P 62 27.27 -9.27 -23.56
CA LEU P 62 27.76 -9.85 -22.31
C LEU P 62 28.12 -8.72 -21.30
N GLN P 63 27.75 -8.89 -20.03
CA GLN P 63 28.10 -7.92 -18.98
C GLN P 63 29.64 -7.69 -18.90
N GLY P 64 30.07 -6.44 -18.85
CA GLY P 64 31.49 -6.15 -18.72
C GLY P 64 31.98 -5.50 -19.99
N SER P 65 33.29 -5.45 -20.20
CA SER P 65 33.77 -4.70 -21.36
C SER P 65 34.46 -5.67 -22.31
N TRP P 66 33.75 -6.72 -22.68
CA TRP P 66 34.30 -7.72 -23.56
C TRP P 66 33.72 -7.50 -24.94
N LYS P 67 34.49 -6.83 -25.77
CA LYS P 67 34.00 -6.34 -27.06
C LYS P 67 33.52 -7.44 -27.99
N GLY P 68 32.31 -7.31 -28.49
CA GLY P 68 31.76 -8.28 -29.42
C GLY P 68 31.18 -9.51 -28.74
N TYR P 69 31.36 -9.64 -27.42
CA TYR P 69 30.82 -10.82 -26.77
C TYR P 69 29.34 -10.64 -26.45
N ARG P 70 28.57 -11.69 -26.66
CA ARG P 70 27.13 -11.65 -26.47
C ARG P 70 26.66 -12.86 -25.65
N ASP P 71 25.41 -12.82 -25.20
CA ASP P 71 24.89 -13.77 -24.20
C ASP P 71 23.46 -14.08 -24.67
N ALA P 72 23.17 -15.33 -24.99
CA ALA P 72 21.83 -15.74 -25.40
C ALA P 72 21.30 -16.83 -24.48
N HIS P 73 19.99 -16.91 -24.29
CA HIS P 73 19.47 -17.92 -23.37
C HIS P 73 18.79 -19.08 -24.16
N VAL P 74 19.40 -20.27 -24.13
CA VAL P 74 18.76 -21.48 -24.71
C VAL P 74 17.56 -21.80 -23.86
N GLU P 75 17.73 -21.66 -22.54
CA GLU P 75 16.60 -21.77 -21.61
C GLU P 75 16.88 -20.67 -20.56
N PRO P 76 15.92 -20.37 -19.66
CA PRO P 76 16.14 -19.31 -18.67
C PRO P 76 17.39 -19.52 -17.84
N ASP P 77 17.79 -20.76 -17.58
CA ASP P 77 19.07 -21.04 -16.90
C ASP P 77 20.01 -21.89 -17.75
N TRP P 78 19.97 -21.72 -19.06
CA TRP P 78 20.98 -22.34 -19.94
C TRP P 78 21.44 -21.29 -20.95
N ILE P 79 22.67 -20.81 -20.76
CA ILE P 79 23.17 -19.66 -21.47
C ILE P 79 24.22 -20.06 -22.46
N LEU P 80 24.25 -19.36 -23.58
CA LEU P 80 25.35 -19.46 -24.53
C LEU P 80 26.10 -18.11 -24.61
N ILE P 81 27.42 -18.13 -24.38
CA ILE P 81 28.27 -16.95 -24.57
C ILE P 81 29.06 -17.12 -25.84
N TYR P 82 29.01 -16.10 -26.72
CA TYR P 82 29.68 -16.22 -28.00
C TYR P 82 30.22 -14.86 -28.41
N LYS P 83 31.23 -14.83 -29.26
CA LYS P 83 31.73 -13.56 -29.77
C LYS P 83 31.27 -13.45 -31.20
N LEU P 84 30.84 -12.24 -31.55
CA LEU P 84 30.29 -11.98 -32.88
C LEU P 84 30.88 -10.69 -33.41
N THR P 85 31.63 -10.80 -34.51
CA THR P 85 32.14 -9.63 -35.23
C THR P 85 31.78 -9.76 -36.70
N ASP P 86 32.14 -8.76 -37.50
CA ASP P 86 31.84 -8.86 -38.93
C ASP P 86 32.51 -10.08 -39.57
N LYS P 87 33.67 -10.46 -39.05
CA LYS P 87 34.43 -11.55 -39.65
C LYS P 87 34.37 -12.89 -38.90
N LEU P 88 33.89 -12.88 -37.66
CA LEU P 88 34.09 -14.05 -36.80
C LEU P 88 32.86 -14.37 -35.93
N LEU P 89 32.57 -15.66 -35.79
CA LEU P 89 31.62 -16.18 -34.81
C LEU P 89 32.38 -17.23 -33.99
N ARG P 90 32.55 -16.98 -32.68
CA ARG P 90 33.23 -17.96 -31.81
C ARG P 90 32.35 -18.41 -30.66
N PHE P 91 32.13 -19.72 -30.54
CA PHE P 91 31.38 -20.28 -29.40
C PHE P 91 32.34 -20.40 -28.22
N GLU P 92 32.03 -19.68 -27.15
CA GLU P 92 32.99 -19.48 -26.06
C GLU P 92 32.70 -20.34 -24.85
N ARG P 93 31.47 -20.25 -24.32
CA ARG P 93 31.06 -21.06 -23.19
C ARG P 93 29.56 -21.34 -23.21
N THR P 94 29.14 -22.37 -22.49
CA THR P 94 27.71 -22.59 -22.29
C THR P 94 27.48 -23.25 -20.93
N GLY P 95 26.37 -22.92 -20.26
CA GLY P 95 26.07 -23.54 -18.97
C GLY P 95 25.04 -22.72 -18.19
N THR P 96 24.90 -23.04 -16.91
CA THR P 96 23.96 -22.30 -16.05
C THR P 96 24.49 -20.91 -15.70
N HIS P 97 23.62 -20.06 -15.17
CA HIS P 97 24.10 -18.78 -14.60
C HIS P 97 25.19 -19.03 -13.58
N ALA P 98 24.98 -20.03 -12.73
CA ALA P 98 25.96 -20.33 -11.69
C ALA P 98 27.35 -20.72 -12.28
N ALA P 99 27.33 -21.55 -13.31
CA ALA P 99 28.56 -22.02 -13.93
C ALA P 99 29.33 -20.89 -14.69
N LEU P 100 28.61 -19.92 -15.26
CA LEU P 100 29.23 -18.89 -16.09
C LEU P 100 29.47 -17.56 -15.34
N PHE P 101 28.61 -17.26 -14.36
CA PHE P 101 28.63 -15.96 -13.67
C PHE P 101 28.79 -16.09 -12.15
N GLY P 102 28.57 -17.30 -11.65
CA GLY P 102 28.56 -17.54 -10.20
C GLY P 102 29.91 -17.98 -9.69
#